data_5AZW
# 
_entry.id   5AZW 
# 
_audit_conform.dict_name       mmcif_pdbx.dic 
_audit_conform.dict_version    5.397 
_audit_conform.dict_location   http://mmcif.pdb.org/dictionaries/ascii/mmcif_pdbx.dic 
# 
loop_
_database_2.database_id 
_database_2.database_code 
_database_2.pdbx_database_accession 
_database_2.pdbx_DOI 
PDB   5AZW         pdb_00005azw 10.2210/pdb5azw/pdb 
WWPDB D_1300000291 ?            ?                   
# 
loop_
_pdbx_audit_revision_history.ordinal 
_pdbx_audit_revision_history.data_content_type 
_pdbx_audit_revision_history.major_revision 
_pdbx_audit_revision_history.minor_revision 
_pdbx_audit_revision_history.revision_date 
1 'Structure model' 1 0 2016-09-14 
2 'Structure model' 1 1 2016-10-19 
3 'Structure model' 1 2 2020-02-26 
4 'Structure model' 1 3 2024-10-16 
# 
_pdbx_audit_revision_details.ordinal             1 
_pdbx_audit_revision_details.revision_ordinal    1 
_pdbx_audit_revision_details.data_content_type   'Structure model' 
_pdbx_audit_revision_details.provider            repository 
_pdbx_audit_revision_details.type                'Initial release' 
_pdbx_audit_revision_details.description         ? 
_pdbx_audit_revision_details.details             ? 
# 
loop_
_pdbx_audit_revision_group.ordinal 
_pdbx_audit_revision_group.revision_ordinal 
_pdbx_audit_revision_group.data_content_type 
_pdbx_audit_revision_group.group 
1 2 'Structure model' 'Database references'  
2 3 'Structure model' 'Data collection'      
3 3 'Structure model' 'Database references'  
4 3 'Structure model' 'Derived calculations' 
5 4 'Structure model' 'Data collection'      
6 4 'Structure model' 'Database references'  
7 4 'Structure model' 'Structure summary'    
# 
loop_
_pdbx_audit_revision_category.ordinal 
_pdbx_audit_revision_category.revision_ordinal 
_pdbx_audit_revision_category.data_content_type 
_pdbx_audit_revision_category.category 
1 3 'Structure model' citation                  
2 3 'Structure model' diffrn_source             
3 3 'Structure model' pdbx_struct_oper_list     
4 4 'Structure model' chem_comp_atom            
5 4 'Structure model' chem_comp_bond            
6 4 'Structure model' database_2                
7 4 'Structure model' pdbx_entry_details        
8 4 'Structure model' pdbx_modification_feature 
# 
loop_
_pdbx_audit_revision_item.ordinal 
_pdbx_audit_revision_item.revision_ordinal 
_pdbx_audit_revision_item.data_content_type 
_pdbx_audit_revision_item.item 
1 3 'Structure model' '_citation.journal_id_CSD'                  
2 3 'Structure model' '_diffrn_source.pdbx_synchrotron_site'      
3 3 'Structure model' '_pdbx_struct_oper_list.symmetry_operation' 
4 4 'Structure model' '_database_2.pdbx_DOI'                      
5 4 'Structure model' '_database_2.pdbx_database_accession'       
# 
_pdbx_database_status.status_code                     REL 
_pdbx_database_status.status_code_sf                  REL 
_pdbx_database_status.status_code_mr                  ? 
_pdbx_database_status.entry_id                        5AZW 
_pdbx_database_status.recvd_initial_deposition_date   2015-10-23 
_pdbx_database_status.SG_entry                        N 
_pdbx_database_status.deposit_site                    PDBJ 
_pdbx_database_status.process_site                    PDBJ 
_pdbx_database_status.status_code_cs                  ? 
_pdbx_database_status.methods_development_category    ? 
_pdbx_database_status.pdb_format_compatible           Y 
_pdbx_database_status.status_code_nmr_data            ? 
# 
loop_
_pdbx_database_related.content_type 
_pdbx_database_related.db_id 
_pdbx_database_related.db_name 
_pdbx_database_related.details 
unspecified 5AZX PDB . 
unspecified 5AZY PDB . 
# 
loop_
_audit_author.name 
_audit_author.pdbx_ordinal 
'Nagae, M.'     1 
'Yamaguchi, Y.' 2 
# 
_citation.abstract                  ? 
_citation.abstract_id_CAS           ? 
_citation.book_id_ISBN              ? 
_citation.book_publisher            ? 
_citation.book_publisher_city       ? 
_citation.book_title                ? 
_citation.coordinate_linkage        ? 
_citation.country                   UK 
_citation.database_id_Medline       ? 
_citation.details                   ? 
_citation.id                        primary 
_citation.journal_abbrev            J.Mol.Biol. 
_citation.journal_id_ASTM           JMOBAK 
_citation.journal_id_CSD            0070 
_citation.journal_id_ISSN           1089-8638 
_citation.journal_full              ? 
_citation.journal_issue             ? 
_citation.journal_volume            428 
_citation.language                  ? 
_citation.page_first                4087 
_citation.page_last                 4099 
_citation.title                     
;3D Structure and Interaction of p24 beta and p24 delta Golgi Dynamics Domains: Implication for p24 Complex Formation and Cargo Transport
;
_citation.year                      2016 
_citation.database_id_CSD           ? 
_citation.pdbx_database_id_DOI      10.1016/j.jmb.2016.08.023 
_citation.pdbx_database_id_PubMed   27569046 
_citation.unpublished_flag          ? 
# 
loop_
_citation_author.citation_id 
_citation_author.name 
_citation_author.ordinal 
_citation_author.identifier_ORCID 
primary 'Nagae, M.'            1 ? 
primary 'Hirata, T.'           2 ? 
primary 'Morita-Matsumoto, K.' 3 ? 
primary 'Theiler, R.'          4 ? 
primary 'Fujita, M.'           5 ? 
primary 'Kinoshita, T.'        6 ? 
primary 'Yamaguchi, Y.'        7 ? 
# 
loop_
_entity.id 
_entity.type 
_entity.src_method 
_entity.pdbx_description 
_entity.formula_weight 
_entity.pdbx_number_of_molecules 
_entity.pdbx_ec 
_entity.pdbx_mutation 
_entity.pdbx_fragment 
_entity.details 
1 polymer     man 'Transmembrane emp24 domain-containing protein 2' 10670.019 2  ? ? ? ? 
2 non-polymer syn 1,2-ETHANEDIOL                                    62.068    2  ? ? ? ? 
3 water       nat water                                             18.015    55 ? ? ? ? 
# 
_entity_name_com.entity_id   1 
_entity_name_com.name        'Membrane protein p24A,p24,p24 family protein beta-1,p24beta1' 
# 
_entity_poly.entity_id                      1 
_entity_poly.type                           'polypeptide(L)' 
_entity_poly.nstd_linkage                   no 
_entity_poly.nstd_monomer                   no 
_entity_poly.pdbx_seq_one_letter_code       
;SGYFVSIDAHAEECFFERVTSGTKMGLIFEVAEGGFLDIDVEITGPDNKGIYKGDRESSGKYTFAAHMDGTYKFCFSNRM
STMTPKIVMFTIDIGE
;
_entity_poly.pdbx_seq_one_letter_code_can   
;SGYFVSIDAHAEECFFERVTSGTKMGLIFEVAEGGFLDIDVEITGPDNKGIYKGDRESSGKYTFAAHMDGTYKFCFSNRM
STMTPKIVMFTIDIGE
;
_entity_poly.pdbx_strand_id                 A,B 
_entity_poly.pdbx_target_identifier         ? 
# 
loop_
_pdbx_entity_nonpoly.entity_id 
_pdbx_entity_nonpoly.name 
_pdbx_entity_nonpoly.comp_id 
2 1,2-ETHANEDIOL EDO 
3 water          HOH 
# 
loop_
_entity_poly_seq.entity_id 
_entity_poly_seq.num 
_entity_poly_seq.mon_id 
_entity_poly_seq.hetero 
1 1  SER n 
1 2  GLY n 
1 3  TYR n 
1 4  PHE n 
1 5  VAL n 
1 6  SER n 
1 7  ILE n 
1 8  ASP n 
1 9  ALA n 
1 10 HIS n 
1 11 ALA n 
1 12 GLU n 
1 13 GLU n 
1 14 CYS n 
1 15 PHE n 
1 16 PHE n 
1 17 GLU n 
1 18 ARG n 
1 19 VAL n 
1 20 THR n 
1 21 SER n 
1 22 GLY n 
1 23 THR n 
1 24 LYS n 
1 25 MET n 
1 26 GLY n 
1 27 LEU n 
1 28 ILE n 
1 29 PHE n 
1 30 GLU n 
1 31 VAL n 
1 32 ALA n 
1 33 GLU n 
1 34 GLY n 
1 35 GLY n 
1 36 PHE n 
1 37 LEU n 
1 38 ASP n 
1 39 ILE n 
1 40 ASP n 
1 41 VAL n 
1 42 GLU n 
1 43 ILE n 
1 44 THR n 
1 45 GLY n 
1 46 PRO n 
1 47 ASP n 
1 48 ASN n 
1 49 LYS n 
1 50 GLY n 
1 51 ILE n 
1 52 TYR n 
1 53 LYS n 
1 54 GLY n 
1 55 ASP n 
1 56 ARG n 
1 57 GLU n 
1 58 SER n 
1 59 SER n 
1 60 GLY n 
1 61 LYS n 
1 62 TYR n 
1 63 THR n 
1 64 PHE n 
1 65 ALA n 
1 66 ALA n 
1 67 HIS n 
1 68 MET n 
1 69 ASP n 
1 70 GLY n 
1 71 THR n 
1 72 TYR n 
1 73 LYS n 
1 74 PHE n 
1 75 CYS n 
1 76 PHE n 
1 77 SER n 
1 78 ASN n 
1 79 ARG n 
1 80 MET n 
1 81 SER n 
1 82 THR n 
1 83 MET n 
1 84 THR n 
1 85 PRO n 
1 86 LYS n 
1 87 ILE n 
1 88 VAL n 
1 89 MET n 
1 90 PHE n 
1 91 THR n 
1 92 ILE n 
1 93 ASP n 
1 94 ILE n 
1 95 GLY n 
1 96 GLU n 
# 
_entity_src_gen.entity_id                          1 
_entity_src_gen.pdbx_src_id                        1 
_entity_src_gen.pdbx_alt_source_flag               sample 
_entity_src_gen.pdbx_seq_type                      'Biological sequence' 
_entity_src_gen.pdbx_beg_seq_num                   1 
_entity_src_gen.pdbx_end_seq_num                   96 
_entity_src_gen.gene_src_common_name               Human 
_entity_src_gen.gene_src_genus                     ? 
_entity_src_gen.pdbx_gene_src_gene                 'TMED2, RNP24' 
_entity_src_gen.gene_src_species                   ? 
_entity_src_gen.gene_src_strain                    ? 
_entity_src_gen.gene_src_tissue                    ? 
_entity_src_gen.gene_src_tissue_fraction           ? 
_entity_src_gen.gene_src_details                   ? 
_entity_src_gen.pdbx_gene_src_fragment             ? 
_entity_src_gen.pdbx_gene_src_scientific_name      'Homo sapiens' 
_entity_src_gen.pdbx_gene_src_ncbi_taxonomy_id     9606 
_entity_src_gen.pdbx_gene_src_variant              ? 
_entity_src_gen.pdbx_gene_src_cell_line            ? 
_entity_src_gen.pdbx_gene_src_atcc                 ? 
_entity_src_gen.pdbx_gene_src_organ                ? 
_entity_src_gen.pdbx_gene_src_organelle            ? 
_entity_src_gen.pdbx_gene_src_cell                 ? 
_entity_src_gen.pdbx_gene_src_cellular_location    ? 
_entity_src_gen.host_org_common_name               ? 
_entity_src_gen.pdbx_host_org_scientific_name      'Escherichia coli' 
_entity_src_gen.pdbx_host_org_ncbi_taxonomy_id     562 
_entity_src_gen.host_org_genus                     ? 
_entity_src_gen.pdbx_host_org_gene                 ? 
_entity_src_gen.pdbx_host_org_organ                ? 
_entity_src_gen.host_org_species                   ? 
_entity_src_gen.pdbx_host_org_tissue               ? 
_entity_src_gen.pdbx_host_org_tissue_fraction      ? 
_entity_src_gen.pdbx_host_org_strain               ? 
_entity_src_gen.pdbx_host_org_variant              ? 
_entity_src_gen.pdbx_host_org_cell_line            ? 
_entity_src_gen.pdbx_host_org_atcc                 ? 
_entity_src_gen.pdbx_host_org_culture_collection   ? 
_entity_src_gen.pdbx_host_org_cell                 ? 
_entity_src_gen.pdbx_host_org_organelle            ? 
_entity_src_gen.pdbx_host_org_cellular_location    ? 
_entity_src_gen.pdbx_host_org_vector_type          ? 
_entity_src_gen.pdbx_host_org_vector               ? 
_entity_src_gen.host_org_details                   ? 
_entity_src_gen.expression_system_id               ? 
_entity_src_gen.plasmid_name                       ? 
_entity_src_gen.plasmid_details                    ? 
_entity_src_gen.pdbx_description                   ? 
# 
loop_
_chem_comp.id 
_chem_comp.type 
_chem_comp.mon_nstd_flag 
_chem_comp.name 
_chem_comp.pdbx_synonyms 
_chem_comp.formula 
_chem_comp.formula_weight 
ALA 'L-peptide linking' y ALANINE         ?                 'C3 H7 N O2'     89.093  
ARG 'L-peptide linking' y ARGININE        ?                 'C6 H15 N4 O2 1' 175.209 
ASN 'L-peptide linking' y ASPARAGINE      ?                 'C4 H8 N2 O3'    132.118 
ASP 'L-peptide linking' y 'ASPARTIC ACID' ?                 'C4 H7 N O4'     133.103 
CYS 'L-peptide linking' y CYSTEINE        ?                 'C3 H7 N O2 S'   121.158 
EDO non-polymer         . 1,2-ETHANEDIOL  'ETHYLENE GLYCOL' 'C2 H6 O2'       62.068  
GLU 'L-peptide linking' y 'GLUTAMIC ACID' ?                 'C5 H9 N O4'     147.129 
GLY 'peptide linking'   y GLYCINE         ?                 'C2 H5 N O2'     75.067  
HIS 'L-peptide linking' y HISTIDINE       ?                 'C6 H10 N3 O2 1' 156.162 
HOH non-polymer         . WATER           ?                 'H2 O'           18.015  
ILE 'L-peptide linking' y ISOLEUCINE      ?                 'C6 H13 N O2'    131.173 
LEU 'L-peptide linking' y LEUCINE         ?                 'C6 H13 N O2'    131.173 
LYS 'L-peptide linking' y LYSINE          ?                 'C6 H15 N2 O2 1' 147.195 
MET 'L-peptide linking' y METHIONINE      ?                 'C5 H11 N O2 S'  149.211 
PHE 'L-peptide linking' y PHENYLALANINE   ?                 'C9 H11 N O2'    165.189 
PRO 'L-peptide linking' y PROLINE         ?                 'C5 H9 N O2'     115.130 
SER 'L-peptide linking' y SERINE          ?                 'C3 H7 N O3'     105.093 
THR 'L-peptide linking' y THREONINE       ?                 'C4 H9 N O3'     119.119 
TYR 'L-peptide linking' y TYROSINE        ?                 'C9 H11 N O3'    181.189 
VAL 'L-peptide linking' y VALINE          ?                 'C5 H11 N O2'    117.146 
# 
loop_
_pdbx_poly_seq_scheme.asym_id 
_pdbx_poly_seq_scheme.entity_id 
_pdbx_poly_seq_scheme.seq_id 
_pdbx_poly_seq_scheme.mon_id 
_pdbx_poly_seq_scheme.ndb_seq_num 
_pdbx_poly_seq_scheme.pdb_seq_num 
_pdbx_poly_seq_scheme.auth_seq_num 
_pdbx_poly_seq_scheme.pdb_mon_id 
_pdbx_poly_seq_scheme.auth_mon_id 
_pdbx_poly_seq_scheme.pdb_strand_id 
_pdbx_poly_seq_scheme.pdb_ins_code 
_pdbx_poly_seq_scheme.hetero 
A 1 1  SER 1  19  ?   ?   ?   A . n 
A 1 2  GLY 2  20  20  GLY GLY A . n 
A 1 3  TYR 3  21  21  TYR TYR A . n 
A 1 4  PHE 4  22  22  PHE PHE A . n 
A 1 5  VAL 5  23  23  VAL VAL A . n 
A 1 6  SER 6  24  24  SER SER A . n 
A 1 7  ILE 7  25  25  ILE ILE A . n 
A 1 8  ASP 8  26  26  ASP ASP A . n 
A 1 9  ALA 9  27  27  ALA ALA A . n 
A 1 10 HIS 10 28  28  HIS HIS A . n 
A 1 11 ALA 11 29  29  ALA ALA A . n 
A 1 12 GLU 12 30  30  GLU GLU A . n 
A 1 13 GLU 13 31  31  GLU GLU A . n 
A 1 14 CYS 14 32  32  CYS CYS A . n 
A 1 15 PHE 15 33  33  PHE PHE A . n 
A 1 16 PHE 16 34  34  PHE PHE A . n 
A 1 17 GLU 17 35  35  GLU GLU A . n 
A 1 18 ARG 18 36  36  ARG ARG A . n 
A 1 19 VAL 19 37  37  VAL VAL A . n 
A 1 20 THR 20 38  38  THR THR A . n 
A 1 21 SER 21 39  39  SER SER A . n 
A 1 22 GLY 22 40  40  GLY GLY A . n 
A 1 23 THR 23 41  41  THR THR A . n 
A 1 24 LYS 24 42  42  LYS LYS A . n 
A 1 25 MET 25 43  43  MET MET A . n 
A 1 26 GLY 26 44  44  GLY GLY A . n 
A 1 27 LEU 27 45  45  LEU LEU A . n 
A 1 28 ILE 28 46  46  ILE ILE A . n 
A 1 29 PHE 29 47  47  PHE PHE A . n 
A 1 30 GLU 30 48  48  GLU GLU A . n 
A 1 31 VAL 31 49  49  VAL VAL A . n 
A 1 32 ALA 32 50  50  ALA ALA A . n 
A 1 33 GLU 33 51  51  GLU GLU A . n 
A 1 34 GLY 34 52  52  GLY GLY A . n 
A 1 35 GLY 35 53  53  GLY GLY A . n 
A 1 36 PHE 36 54  54  PHE PHE A . n 
A 1 37 LEU 37 55  55  LEU LEU A . n 
A 1 38 ASP 38 56  56  ASP ASP A . n 
A 1 39 ILE 39 57  57  ILE ILE A . n 
A 1 40 ASP 40 58  58  ASP ASP A . n 
A 1 41 VAL 41 59  59  VAL VAL A . n 
A 1 42 GLU 42 60  60  GLU GLU A . n 
A 1 43 ILE 43 61  61  ILE ILE A . n 
A 1 44 THR 44 62  62  THR THR A . n 
A 1 45 GLY 45 63  63  GLY GLY A . n 
A 1 46 PRO 46 64  64  PRO PRO A . n 
A 1 47 ASP 47 65  65  ASP ASP A . n 
A 1 48 ASN 48 66  66  ASN ASN A . n 
A 1 49 LYS 49 67  67  LYS LYS A . n 
A 1 50 GLY 50 68  68  GLY GLY A . n 
A 1 51 ILE 51 69  69  ILE ILE A . n 
A 1 52 TYR 52 70  70  TYR TYR A . n 
A 1 53 LYS 53 71  71  LYS LYS A . n 
A 1 54 GLY 54 72  72  GLY GLY A . n 
A 1 55 ASP 55 73  73  ASP ASP A . n 
A 1 56 ARG 56 74  74  ARG ARG A . n 
A 1 57 GLU 57 75  75  GLU GLU A . n 
A 1 58 SER 58 76  76  SER SER A . n 
A 1 59 SER 59 77  77  SER SER A . n 
A 1 60 GLY 60 78  78  GLY GLY A . n 
A 1 61 LYS 61 79  79  LYS LYS A . n 
A 1 62 TYR 62 80  80  TYR TYR A . n 
A 1 63 THR 63 81  81  THR THR A . n 
A 1 64 PHE 64 82  82  PHE PHE A . n 
A 1 65 ALA 65 83  83  ALA ALA A . n 
A 1 66 ALA 66 84  84  ALA ALA A . n 
A 1 67 HIS 67 85  85  HIS HIS A . n 
A 1 68 MET 68 86  86  MET MET A . n 
A 1 69 ASP 69 87  87  ASP ASP A . n 
A 1 70 GLY 70 88  88  GLY GLY A . n 
A 1 71 THR 71 89  89  THR THR A . n 
A 1 72 TYR 72 90  90  TYR TYR A . n 
A 1 73 LYS 73 91  91  LYS LYS A . n 
A 1 74 PHE 74 92  92  PHE PHE A . n 
A 1 75 CYS 75 93  93  CYS CYS A . n 
A 1 76 PHE 76 94  94  PHE PHE A . n 
A 1 77 SER 77 95  95  SER SER A . n 
A 1 78 ASN 78 96  96  ASN ASN A . n 
A 1 79 ARG 79 97  97  ARG ARG A . n 
A 1 80 MET 80 98  98  MET MET A . n 
A 1 81 SER 81 99  99  SER SER A . n 
A 1 82 THR 82 100 100 THR THR A . n 
A 1 83 MET 83 101 101 MET MET A . n 
A 1 84 THR 84 102 102 THR THR A . n 
A 1 85 PRO 85 103 103 PRO PRO A . n 
A 1 86 LYS 86 104 104 LYS LYS A . n 
A 1 87 ILE 87 105 105 ILE ILE A . n 
A 1 88 VAL 88 106 106 VAL VAL A . n 
A 1 89 MET 89 107 107 MET MET A . n 
A 1 90 PHE 90 108 108 PHE PHE A . n 
A 1 91 THR 91 109 109 THR THR A . n 
A 1 92 ILE 92 110 110 ILE ILE A . n 
A 1 93 ASP 93 111 111 ASP ASP A . n 
A 1 94 ILE 94 112 112 ILE ILE A . n 
A 1 95 GLY 95 113 113 GLY GLY A . n 
A 1 96 GLU 96 114 ?   ?   ?   A . n 
B 1 1  SER 1  19  ?   ?   ?   B . n 
B 1 2  GLY 2  20  ?   ?   ?   B . n 
B 1 3  TYR 3  21  21  TYR TYR B . n 
B 1 4  PHE 4  22  22  PHE PHE B . n 
B 1 5  VAL 5  23  23  VAL VAL B . n 
B 1 6  SER 6  24  24  SER SER B . n 
B 1 7  ILE 7  25  25  ILE ILE B . n 
B 1 8  ASP 8  26  26  ASP ASP B . n 
B 1 9  ALA 9  27  27  ALA ALA B . n 
B 1 10 HIS 10 28  28  HIS HIS B . n 
B 1 11 ALA 11 29  29  ALA ALA B . n 
B 1 12 GLU 12 30  30  GLU GLU B . n 
B 1 13 GLU 13 31  31  GLU GLU B . n 
B 1 14 CYS 14 32  32  CYS CYS B . n 
B 1 15 PHE 15 33  33  PHE PHE B . n 
B 1 16 PHE 16 34  34  PHE PHE B . n 
B 1 17 GLU 17 35  35  GLU GLU B . n 
B 1 18 ARG 18 36  36  ARG ARG B . n 
B 1 19 VAL 19 37  37  VAL VAL B . n 
B 1 20 THR 20 38  38  THR THR B . n 
B 1 21 SER 21 39  39  SER SER B . n 
B 1 22 GLY 22 40  40  GLY GLY B . n 
B 1 23 THR 23 41  41  THR THR B . n 
B 1 24 LYS 24 42  42  LYS LYS B . n 
B 1 25 MET 25 43  43  MET MET B . n 
B 1 26 GLY 26 44  44  GLY GLY B . n 
B 1 27 LEU 27 45  45  LEU LEU B . n 
B 1 28 ILE 28 46  46  ILE ILE B . n 
B 1 29 PHE 29 47  47  PHE PHE B . n 
B 1 30 GLU 30 48  48  GLU GLU B . n 
B 1 31 VAL 31 49  49  VAL VAL B . n 
B 1 32 ALA 32 50  50  ALA ALA B . n 
B 1 33 GLU 33 51  51  GLU GLU B . n 
B 1 34 GLY 34 52  52  GLY GLY B . n 
B 1 35 GLY 35 53  53  GLY GLY B . n 
B 1 36 PHE 36 54  54  PHE PHE B . n 
B 1 37 LEU 37 55  55  LEU LEU B . n 
B 1 38 ASP 38 56  56  ASP ASP B . n 
B 1 39 ILE 39 57  57  ILE ILE B . n 
B 1 40 ASP 40 58  58  ASP ASP B . n 
B 1 41 VAL 41 59  59  VAL VAL B . n 
B 1 42 GLU 42 60  60  GLU GLU B . n 
B 1 43 ILE 43 61  61  ILE ILE B . n 
B 1 44 THR 44 62  62  THR THR B . n 
B 1 45 GLY 45 63  63  GLY GLY B . n 
B 1 46 PRO 46 64  64  PRO PRO B . n 
B 1 47 ASP 47 65  65  ASP ASP B . n 
B 1 48 ASN 48 66  66  ASN ASN B . n 
B 1 49 LYS 49 67  67  LYS LYS B . n 
B 1 50 GLY 50 68  68  GLY GLY B . n 
B 1 51 ILE 51 69  69  ILE ILE B . n 
B 1 52 TYR 52 70  70  TYR TYR B . n 
B 1 53 LYS 53 71  71  LYS LYS B . n 
B 1 54 GLY 54 72  72  GLY GLY B . n 
B 1 55 ASP 55 73  73  ASP ASP B . n 
B 1 56 ARG 56 74  74  ARG ARG B . n 
B 1 57 GLU 57 75  75  GLU GLU B . n 
B 1 58 SER 58 76  76  SER SER B . n 
B 1 59 SER 59 77  77  SER SER B . n 
B 1 60 GLY 60 78  78  GLY GLY B . n 
B 1 61 LYS 61 79  79  LYS LYS B . n 
B 1 62 TYR 62 80  80  TYR TYR B . n 
B 1 63 THR 63 81  81  THR THR B . n 
B 1 64 PHE 64 82  82  PHE PHE B . n 
B 1 65 ALA 65 83  83  ALA ALA B . n 
B 1 66 ALA 66 84  84  ALA ALA B . n 
B 1 67 HIS 67 85  85  HIS HIS B . n 
B 1 68 MET 68 86  86  MET MET B . n 
B 1 69 ASP 69 87  87  ASP ASP B . n 
B 1 70 GLY 70 88  88  GLY GLY B . n 
B 1 71 THR 71 89  89  THR THR B . n 
B 1 72 TYR 72 90  90  TYR TYR B . n 
B 1 73 LYS 73 91  91  LYS LYS B . n 
B 1 74 PHE 74 92  92  PHE PHE B . n 
B 1 75 CYS 75 93  93  CYS CYS B . n 
B 1 76 PHE 76 94  94  PHE PHE B . n 
B 1 77 SER 77 95  95  SER SER B . n 
B 1 78 ASN 78 96  96  ASN ASN B . n 
B 1 79 ARG 79 97  97  ARG ARG B . n 
B 1 80 MET 80 98  98  MET MET B . n 
B 1 81 SER 81 99  99  SER SER B . n 
B 1 82 THR 82 100 100 THR THR B . n 
B 1 83 MET 83 101 101 MET MET B . n 
B 1 84 THR 84 102 102 THR THR B . n 
B 1 85 PRO 85 103 103 PRO PRO B . n 
B 1 86 LYS 86 104 104 LYS LYS B . n 
B 1 87 ILE 87 105 105 ILE ILE B . n 
B 1 88 VAL 88 106 106 VAL VAL B . n 
B 1 89 MET 89 107 107 MET MET B . n 
B 1 90 PHE 90 108 108 PHE PHE B . n 
B 1 91 THR 91 109 109 THR THR B . n 
B 1 92 ILE 92 110 110 ILE ILE B . n 
B 1 93 ASP 93 111 111 ASP ASP B . n 
B 1 94 ILE 94 112 112 ILE ILE B . n 
B 1 95 GLY 95 113 113 GLY GLY B . n 
B 1 96 GLU 96 114 ?   ?   ?   B . n 
# 
loop_
_pdbx_nonpoly_scheme.asym_id 
_pdbx_nonpoly_scheme.entity_id 
_pdbx_nonpoly_scheme.mon_id 
_pdbx_nonpoly_scheme.ndb_seq_num 
_pdbx_nonpoly_scheme.pdb_seq_num 
_pdbx_nonpoly_scheme.auth_seq_num 
_pdbx_nonpoly_scheme.pdb_mon_id 
_pdbx_nonpoly_scheme.auth_mon_id 
_pdbx_nonpoly_scheme.pdb_strand_id 
_pdbx_nonpoly_scheme.pdb_ins_code 
C 2 EDO 1  201 1  EDO EDO A . 
D 2 EDO 1  201 2  EDO EDO B . 
E 3 HOH 1  301 34 HOH HOH A . 
E 3 HOH 2  302 14 HOH HOH A . 
E 3 HOH 3  303 39 HOH HOH A . 
E 3 HOH 4  304 19 HOH HOH A . 
E 3 HOH 5  305 13 HOH HOH A . 
E 3 HOH 6  306 45 HOH HOH A . 
E 3 HOH 7  307 2  HOH HOH A . 
E 3 HOH 8  308 37 HOH HOH A . 
E 3 HOH 9  309 44 HOH HOH A . 
E 3 HOH 10 310 18 HOH HOH A . 
E 3 HOH 11 311 21 HOH HOH A . 
E 3 HOH 12 312 4  HOH HOH A . 
E 3 HOH 13 313 9  HOH HOH A . 
E 3 HOH 14 314 46 HOH HOH A . 
E 3 HOH 15 315 17 HOH HOH A . 
E 3 HOH 16 316 12 HOH HOH A . 
E 3 HOH 17 317 35 HOH HOH A . 
E 3 HOH 18 318 38 HOH HOH A . 
E 3 HOH 19 319 53 HOH HOH A . 
E 3 HOH 20 320 20 HOH HOH A . 
E 3 HOH 21 321 16 HOH HOH A . 
E 3 HOH 22 322 43 HOH HOH A . 
E 3 HOH 23 323 15 HOH HOH A . 
F 3 HOH 1  301 56 HOH HOH B . 
F 3 HOH 2  302 6  HOH HOH B . 
F 3 HOH 3  303 24 HOH HOH B . 
F 3 HOH 4  304 25 HOH HOH B . 
F 3 HOH 5  305 47 HOH HOH B . 
F 3 HOH 6  306 3  HOH HOH B . 
F 3 HOH 7  307 33 HOH HOH B . 
F 3 HOH 8  308 7  HOH HOH B . 
F 3 HOH 9  309 40 HOH HOH B . 
F 3 HOH 10 310 31 HOH HOH B . 
F 3 HOH 11 311 23 HOH HOH B . 
F 3 HOH 12 312 51 HOH HOH B . 
F 3 HOH 13 313 55 HOH HOH B . 
F 3 HOH 14 314 1  HOH HOH B . 
F 3 HOH 15 315 22 HOH HOH B . 
F 3 HOH 16 316 49 HOH HOH B . 
F 3 HOH 17 317 28 HOH HOH B . 
F 3 HOH 18 318 8  HOH HOH B . 
F 3 HOH 19 319 11 HOH HOH B . 
F 3 HOH 20 320 30 HOH HOH B . 
F 3 HOH 21 321 42 HOH HOH B . 
F 3 HOH 22 322 29 HOH HOH B . 
F 3 HOH 23 323 27 HOH HOH B . 
F 3 HOH 24 324 32 HOH HOH B . 
F 3 HOH 25 325 54 HOH HOH B . 
F 3 HOH 26 326 26 HOH HOH B . 
F 3 HOH 27 327 41 HOH HOH B . 
F 3 HOH 28 328 48 HOH HOH B . 
F 3 HOH 29 329 36 HOH HOH B . 
F 3 HOH 30 330 5  HOH HOH B . 
F 3 HOH 31 331 52 HOH HOH B . 
F 3 HOH 32 332 50 HOH HOH B . 
# 
loop_
_software.citation_id 
_software.classification 
_software.compiler_name 
_software.compiler_version 
_software.contact_author 
_software.contact_author_email 
_software.date 
_software.description 
_software.dependencies 
_software.hardware 
_software.language 
_software.location 
_software.mods 
_software.name 
_software.os 
_software.os_version 
_software.type 
_software.version 
_software.pdbx_ordinal 
? refinement       ? ? ? ? ? ? ? ? ? ? ? PHENIX   ? ? ? '(1.10_2155: ???)' 1 
? 'data reduction' ? ? ? ? ? ? ? ? ? ? ? HKL-2000 ? ? ? .                  2 
? 'data scaling'   ? ? ? ? ? ? ? ? ? ? ? HKL-2000 ? ? ? .                  3 
? phasing          ? ? ? ? ? ? ? ? ? ? ? PHENIX   ? ? ? .                  4 
# 
_cell.angle_alpha                  90.00 
_cell.angle_alpha_esd              ? 
_cell.angle_beta                   129.22 
_cell.angle_beta_esd               ? 
_cell.angle_gamma                  90.00 
_cell.angle_gamma_esd              ? 
_cell.entry_id                     5AZW 
_cell.details                      ? 
_cell.formula_units_Z              ? 
_cell.length_a                     97.772 
_cell.length_a_esd                 ? 
_cell.length_b                     35.664 
_cell.length_b_esd                 ? 
_cell.length_c                     62.312 
_cell.length_c_esd                 ? 
_cell.volume                       ? 
_cell.volume_esd                   ? 
_cell.Z_PDB                        8 
_cell.reciprocal_angle_alpha       ? 
_cell.reciprocal_angle_beta        ? 
_cell.reciprocal_angle_gamma       ? 
_cell.reciprocal_angle_alpha_esd   ? 
_cell.reciprocal_angle_beta_esd    ? 
_cell.reciprocal_angle_gamma_esd   ? 
_cell.reciprocal_length_a          ? 
_cell.reciprocal_length_b          ? 
_cell.reciprocal_length_c          ? 
_cell.reciprocal_length_a_esd      ? 
_cell.reciprocal_length_b_esd      ? 
_cell.reciprocal_length_c_esd      ? 
_cell.pdbx_unique_axis             ? 
# 
_symmetry.entry_id                         5AZW 
_symmetry.cell_setting                     ? 
_symmetry.Int_Tables_number                5 
_symmetry.space_group_name_Hall            ? 
_symmetry.space_group_name_H-M             'C 1 2 1' 
_symmetry.pdbx_full_space_group_name_H-M   ? 
# 
_exptl.absorpt_coefficient_mu     ? 
_exptl.absorpt_correction_T_max   ? 
_exptl.absorpt_correction_T_min   ? 
_exptl.absorpt_correction_type    ? 
_exptl.absorpt_process_details    ? 
_exptl.entry_id                   5AZW 
_exptl.crystals_number            ? 
_exptl.details                    ? 
_exptl.method                     'X-RAY DIFFRACTION' 
_exptl.method_details             ? 
# 
_exptl_crystal.colour                      ? 
_exptl_crystal.density_diffrn              ? 
_exptl_crystal.density_Matthews            1.97 
_exptl_crystal.density_method              ? 
_exptl_crystal.density_percent_sol         37.63 
_exptl_crystal.description                 ? 
_exptl_crystal.F_000                       ? 
_exptl_crystal.id                          1 
_exptl_crystal.preparation                 ? 
_exptl_crystal.size_max                    ? 
_exptl_crystal.size_mid                    ? 
_exptl_crystal.size_min                    ? 
_exptl_crystal.size_rad                    ? 
_exptl_crystal.colour_lustre               ? 
_exptl_crystal.colour_modifier             ? 
_exptl_crystal.colour_primary              ? 
_exptl_crystal.density_meas                ? 
_exptl_crystal.density_meas_esd            ? 
_exptl_crystal.density_meas_gt             ? 
_exptl_crystal.density_meas_lt             ? 
_exptl_crystal.density_meas_temp           ? 
_exptl_crystal.density_meas_temp_esd       ? 
_exptl_crystal.density_meas_temp_gt        ? 
_exptl_crystal.density_meas_temp_lt        ? 
_exptl_crystal.pdbx_crystal_image_url      ? 
_exptl_crystal.pdbx_crystal_image_format   ? 
_exptl_crystal.pdbx_mosaicity              ? 
_exptl_crystal.pdbx_mosaicity_esd          ? 
# 
_exptl_crystal_grow.apparatus       ? 
_exptl_crystal_grow.atmosphere      ? 
_exptl_crystal_grow.crystal_id      1 
_exptl_crystal_grow.details         ? 
_exptl_crystal_grow.method          'VAPOR DIFFUSION, HANGING DROP' 
_exptl_crystal_grow.method_ref      ? 
_exptl_crystal_grow.pH              8.5 
_exptl_crystal_grow.pressure        ? 
_exptl_crystal_grow.pressure_esd    ? 
_exptl_crystal_grow.seeding         ? 
_exptl_crystal_grow.seeding_ref     ? 
_exptl_crystal_grow.temp            293 
_exptl_crystal_grow.temp_details    ? 
_exptl_crystal_grow.temp_esd        ? 
_exptl_crystal_grow.time            ? 
_exptl_crystal_grow.pdbx_details    '0.1 M Tris-HCl (pH 8.5), 0.2 M sodium chloride and 25 % (w/v) PEG 3,350' 
_exptl_crystal_grow.pdbx_pH_range   ? 
# 
_diffrn.ambient_environment    ? 
_diffrn.ambient_temp           95 
_diffrn.ambient_temp_details   ? 
_diffrn.ambient_temp_esd       ? 
_diffrn.crystal_id             1 
_diffrn.crystal_support        ? 
_diffrn.crystal_treatment      ? 
_diffrn.details                ? 
_diffrn.id                     1 
_diffrn.ambient_pressure       ? 
_diffrn.ambient_pressure_esd   ? 
_diffrn.ambient_pressure_gt    ? 
_diffrn.ambient_pressure_lt    ? 
_diffrn.ambient_temp_gt        ? 
_diffrn.ambient_temp_lt        ? 
# 
_diffrn_detector.details                      ? 
_diffrn_detector.detector                     CCD 
_diffrn_detector.diffrn_id                    1 
_diffrn_detector.type                         'ADSC QUANTUM 210' 
_diffrn_detector.area_resol_mean              ? 
_diffrn_detector.dtime                        ? 
_diffrn_detector.pdbx_frames_total            ? 
_diffrn_detector.pdbx_collection_time_total   ? 
_diffrn_detector.pdbx_collection_date         2012-05-31 
# 
_diffrn_radiation.collimation                      ? 
_diffrn_radiation.diffrn_id                        1 
_diffrn_radiation.filter_edge                      ? 
_diffrn_radiation.inhomogeneity                    ? 
_diffrn_radiation.monochromator                    'Si(111) double crystal monochromator' 
_diffrn_radiation.polarisn_norm                    ? 
_diffrn_radiation.polarisn_ratio                   ? 
_diffrn_radiation.probe                            ? 
_diffrn_radiation.type                             ? 
_diffrn_radiation.xray_symbol                      ? 
_diffrn_radiation.wavelength_id                    1 
_diffrn_radiation.pdbx_monochromatic_or_laue_m_l   M 
_diffrn_radiation.pdbx_wavelength_list             ? 
_diffrn_radiation.pdbx_wavelength                  ? 
_diffrn_radiation.pdbx_diffrn_protocol             'SINGLE WAVELENGTH' 
_diffrn_radiation.pdbx_analyzer                    ? 
_diffrn_radiation.pdbx_scattering_type             x-ray 
# 
_diffrn_radiation_wavelength.id           1 
_diffrn_radiation_wavelength.wavelength   1.0 
_diffrn_radiation_wavelength.wt           1.0 
# 
_diffrn_source.current                     ? 
_diffrn_source.details                     ? 
_diffrn_source.diffrn_id                   1 
_diffrn_source.power                       ? 
_diffrn_source.size                        ? 
_diffrn_source.source                      SYNCHROTRON 
_diffrn_source.target                      ? 
_diffrn_source.type                        'PHOTON FACTORY BEAMLINE AR-NW12A' 
_diffrn_source.voltage                     ? 
_diffrn_source.take-off_angle              ? 
_diffrn_source.pdbx_wavelength_list        1.0 
_diffrn_source.pdbx_wavelength             ? 
_diffrn_source.pdbx_synchrotron_beamline   AR-NW12A 
_diffrn_source.pdbx_synchrotron_site       'Photon Factory' 
# 
_reflns.B_iso_Wilson_estimate            ? 
_reflns.entry_id                         5AZW 
_reflns.data_reduction_details           ? 
_reflns.data_reduction_method            ? 
_reflns.d_resolution_high                1.5 
_reflns.d_resolution_low                 100 
_reflns.details                          ? 
_reflns.limit_h_max                      ? 
_reflns.limit_h_min                      ? 
_reflns.limit_k_max                      ? 
_reflns.limit_k_min                      ? 
_reflns.limit_l_max                      ? 
_reflns.limit_l_min                      ? 
_reflns.number_all                       ? 
_reflns.number_obs                       26802 
_reflns.observed_criterion               ? 
_reflns.observed_criterion_F_max         ? 
_reflns.observed_criterion_F_min         ? 
_reflns.observed_criterion_I_max         ? 
_reflns.observed_criterion_I_min         ? 
_reflns.observed_criterion_sigma_F       ? 
_reflns.observed_criterion_sigma_I       ? 
_reflns.percent_possible_obs             99.3 
_reflns.R_free_details                   ? 
_reflns.Rmerge_F_all                     ? 
_reflns.Rmerge_F_obs                     ? 
_reflns.Friedel_coverage                 ? 
_reflns.number_gt                        ? 
_reflns.threshold_expression             ? 
_reflns.pdbx_redundancy                  7.3 
_reflns.pdbx_Rmerge_I_obs                ? 
_reflns.pdbx_Rmerge_I_all                ? 
_reflns.pdbx_Rsym_value                  0.046 
_reflns.pdbx_netI_over_av_sigmaI         ? 
_reflns.pdbx_netI_over_sigmaI            79 
_reflns.pdbx_res_netI_over_av_sigmaI_2   ? 
_reflns.pdbx_res_netI_over_sigmaI_2      ? 
_reflns.pdbx_chi_squared                 ? 
_reflns.pdbx_scaling_rejects             ? 
_reflns.pdbx_d_res_high_opt              ? 
_reflns.pdbx_d_res_low_opt               ? 
_reflns.pdbx_d_res_opt_method            ? 
_reflns.phase_calculation_details        ? 
_reflns.pdbx_Rrim_I_all                  ? 
_reflns.pdbx_Rpim_I_all                  ? 
_reflns.pdbx_d_opt                       ? 
_reflns.pdbx_number_measured_all         ? 
_reflns.pdbx_diffrn_id                   1 
_reflns.pdbx_ordinal                     1 
_reflns.pdbx_CC_half                     ? 
_reflns.pdbx_R_split                     ? 
# 
_reflns_shell.d_res_high                  1.5 
_reflns_shell.d_res_low                   1.53 
_reflns_shell.meanI_over_sigI_all         ? 
_reflns_shell.meanI_over_sigI_obs         6.8 
_reflns_shell.number_measured_all         ? 
_reflns_shell.number_measured_obs         ? 
_reflns_shell.number_possible             ? 
_reflns_shell.number_unique_all           ? 
_reflns_shell.number_unique_obs           ? 
_reflns_shell.percent_possible_all        99.3 
_reflns_shell.percent_possible_obs        ? 
_reflns_shell.Rmerge_F_all                ? 
_reflns_shell.Rmerge_F_obs                ? 
_reflns_shell.Rmerge_I_all                ? 
_reflns_shell.Rmerge_I_obs                0.346 
_reflns_shell.meanI_over_sigI_gt          ? 
_reflns_shell.meanI_over_uI_all           ? 
_reflns_shell.meanI_over_uI_gt            ? 
_reflns_shell.number_measured_gt          ? 
_reflns_shell.number_unique_gt            ? 
_reflns_shell.percent_possible_gt         ? 
_reflns_shell.Rmerge_F_gt                 ? 
_reflns_shell.Rmerge_I_gt                 ? 
_reflns_shell.pdbx_redundancy             7.3 
_reflns_shell.pdbx_Rsym_value             ? 
_reflns_shell.pdbx_chi_squared            ? 
_reflns_shell.pdbx_netI_over_sigmaI_all   ? 
_reflns_shell.pdbx_netI_over_sigmaI_obs   ? 
_reflns_shell.pdbx_Rrim_I_all             ? 
_reflns_shell.pdbx_Rpim_I_all             ? 
_reflns_shell.pdbx_rejects                ? 
_reflns_shell.pdbx_ordinal                1 
_reflns_shell.pdbx_diffrn_id              1 
_reflns_shell.pdbx_CC_half                ? 
_reflns_shell.pdbx_R_split                ? 
# 
_refine.aniso_B[1][1]                            ? 
_refine.aniso_B[1][2]                            ? 
_refine.aniso_B[1][3]                            ? 
_refine.aniso_B[2][2]                            ? 
_refine.aniso_B[2][3]                            ? 
_refine.aniso_B[3][3]                            ? 
_refine.B_iso_max                                ? 
_refine.B_iso_mean                               ? 
_refine.B_iso_min                                ? 
_refine.correlation_coeff_Fo_to_Fc               ? 
_refine.correlation_coeff_Fo_to_Fc_free          ? 
_refine.details                                  ? 
_refine.diff_density_max                         ? 
_refine.diff_density_max_esd                     ? 
_refine.diff_density_min                         ? 
_refine.diff_density_min_esd                     ? 
_refine.diff_density_rms                         ? 
_refine.diff_density_rms_esd                     ? 
_refine.entry_id                                 5AZW 
_refine.pdbx_refine_id                           'X-RAY DIFFRACTION' 
_refine.ls_abs_structure_details                 ? 
_refine.ls_abs_structure_Flack                   ? 
_refine.ls_abs_structure_Flack_esd               ? 
_refine.ls_abs_structure_Rogers                  ? 
_refine.ls_abs_structure_Rogers_esd              ? 
_refine.ls_d_res_high                            1.500 
_refine.ls_d_res_low                             24.137 
_refine.ls_extinction_coef                       ? 
_refine.ls_extinction_coef_esd                   ? 
_refine.ls_extinction_expression                 ? 
_refine.ls_extinction_method                     ? 
_refine.ls_goodness_of_fit_all                   ? 
_refine.ls_goodness_of_fit_all_esd               ? 
_refine.ls_goodness_of_fit_obs                   ? 
_refine.ls_goodness_of_fit_obs_esd               ? 
_refine.ls_hydrogen_treatment                    ? 
_refine.ls_matrix_type                           ? 
_refine.ls_number_constraints                    ? 
_refine.ls_number_parameters                     ? 
_refine.ls_number_reflns_all                     ? 
_refine.ls_number_reflns_obs                     26761 
_refine.ls_number_reflns_R_free                  1344 
_refine.ls_number_reflns_R_work                  ? 
_refine.ls_number_restraints                     ? 
_refine.ls_percent_reflns_obs                    99.27 
_refine.ls_percent_reflns_R_free                 5.02 
_refine.ls_R_factor_all                          ? 
_refine.ls_R_factor_obs                          0.2214 
_refine.ls_R_factor_R_free                       0.2331 
_refine.ls_R_factor_R_free_error                 ? 
_refine.ls_R_factor_R_free_error_details         ? 
_refine.ls_R_factor_R_work                       0.2208 
_refine.ls_R_Fsqd_factor_obs                     ? 
_refine.ls_R_I_factor_obs                        ? 
_refine.ls_redundancy_reflns_all                 ? 
_refine.ls_redundancy_reflns_obs                 ? 
_refine.ls_restrained_S_all                      ? 
_refine.ls_restrained_S_obs                      ? 
_refine.ls_shift_over_esd_max                    ? 
_refine.ls_shift_over_esd_mean                   ? 
_refine.ls_structure_factor_coef                 ? 
_refine.ls_weighting_details                     ? 
_refine.ls_weighting_scheme                      ? 
_refine.ls_wR_factor_all                         ? 
_refine.ls_wR_factor_obs                         ? 
_refine.ls_wR_factor_R_free                      ? 
_refine.ls_wR_factor_R_work                      ? 
_refine.occupancy_max                            ? 
_refine.occupancy_min                            ? 
_refine.solvent_model_details                    'FLAT BULK SOLVENT MODEL' 
_refine.solvent_model_param_bsol                 ? 
_refine.solvent_model_param_ksol                 ? 
_refine.ls_R_factor_gt                           ? 
_refine.ls_goodness_of_fit_gt                    ? 
_refine.ls_goodness_of_fit_ref                   ? 
_refine.ls_shift_over_su_max                     ? 
_refine.ls_shift_over_su_max_lt                  ? 
_refine.ls_shift_over_su_mean                    ? 
_refine.ls_shift_over_su_mean_lt                 ? 
_refine.pdbx_ls_sigma_I                          ? 
_refine.pdbx_ls_sigma_F                          1.37 
_refine.pdbx_ls_sigma_Fsqd                       ? 
_refine.pdbx_data_cutoff_high_absF               ? 
_refine.pdbx_data_cutoff_high_rms_absF           ? 
_refine.pdbx_data_cutoff_low_absF                ? 
_refine.pdbx_isotropic_thermal_model             ? 
_refine.pdbx_ls_cross_valid_method               'FREE R-VALUE' 
_refine.pdbx_method_to_determine_struct          SAD 
_refine.pdbx_starting_model                      ? 
_refine.pdbx_stereochemistry_target_values       ML 
_refine.pdbx_R_Free_selection_details            'Random selection' 
_refine.pdbx_stereochem_target_val_spec_case     ? 
_refine.pdbx_overall_ESU_R                       ? 
_refine.pdbx_overall_ESU_R_Free                  ? 
_refine.pdbx_solvent_vdw_probe_radii             1.11 
_refine.pdbx_solvent_ion_probe_radii             ? 
_refine.pdbx_solvent_shrinkage_radii             0.90 
_refine.pdbx_real_space_R                        ? 
_refine.pdbx_density_correlation                 ? 
_refine.pdbx_pd_number_of_powder_patterns        ? 
_refine.pdbx_pd_number_of_points                 ? 
_refine.pdbx_pd_meas_number_of_points            ? 
_refine.pdbx_pd_proc_ls_prof_R_factor            ? 
_refine.pdbx_pd_proc_ls_prof_wR_factor           ? 
_refine.pdbx_pd_Marquardt_correlation_coeff      ? 
_refine.pdbx_pd_Fsqrd_R_factor                   ? 
_refine.pdbx_pd_ls_matrix_band_width             ? 
_refine.pdbx_overall_phase_error                 24.67 
_refine.pdbx_overall_SU_R_free_Cruickshank_DPI   ? 
_refine.pdbx_overall_SU_R_free_Blow_DPI          ? 
_refine.pdbx_overall_SU_R_Blow_DPI               ? 
_refine.pdbx_TLS_residual_ADP_flag               ? 
_refine.pdbx_diffrn_id                           1 
_refine.overall_SU_B                             ? 
_refine.overall_SU_ML                            0.17 
_refine.overall_SU_R_Cruickshank_DPI             ? 
_refine.overall_SU_R_free                        ? 
_refine.overall_FOM_free_R_set                   ? 
_refine.overall_FOM_work_R_set                   ? 
_refine.pdbx_average_fsc_overall                 ? 
_refine.pdbx_average_fsc_work                    ? 
_refine.pdbx_average_fsc_free                    ? 
# 
_refine_hist.pdbx_refine_id                   'X-RAY DIFFRACTION' 
_refine_hist.cycle_id                         LAST 
_refine_hist.pdbx_number_atoms_protein        1458 
_refine_hist.pdbx_number_atoms_nucleic_acid   0 
_refine_hist.pdbx_number_atoms_ligand         8 
_refine_hist.number_atoms_solvent             55 
_refine_hist.number_atoms_total               1521 
_refine_hist.d_res_high                       1.500 
_refine_hist.d_res_low                        24.137 
# 
loop_
_refine_ls_restr.pdbx_refine_id 
_refine_ls_restr.criterion 
_refine_ls_restr.dev_ideal 
_refine_ls_restr.dev_ideal_target 
_refine_ls_restr.number 
_refine_ls_restr.rejects 
_refine_ls_restr.type 
_refine_ls_restr.weight 
_refine_ls_restr.pdbx_restraint_function 
'X-RAY DIFFRACTION' ? 0.007 ? 1498 ? f_bond_d           ? ? 
'X-RAY DIFFRACTION' ? 0.969 ? 2007 ? f_angle_d          ? ? 
'X-RAY DIFFRACTION' ? 9.464 ? 873  ? f_dihedral_angle_d ? ? 
'X-RAY DIFFRACTION' ? 0.061 ? 212  ? f_chiral_restr     ? ? 
'X-RAY DIFFRACTION' ? 0.006 ? 257  ? f_plane_restr      ? ? 
# 
loop_
_refine_ls_shell.pdbx_refine_id 
_refine_ls_shell.d_res_high 
_refine_ls_shell.d_res_low 
_refine_ls_shell.number_reflns_all 
_refine_ls_shell.number_reflns_obs 
_refine_ls_shell.number_reflns_R_free 
_refine_ls_shell.number_reflns_R_work 
_refine_ls_shell.percent_reflns_obs 
_refine_ls_shell.percent_reflns_R_free 
_refine_ls_shell.R_factor_all 
_refine_ls_shell.R_factor_obs 
_refine_ls_shell.R_factor_R_free 
_refine_ls_shell.R_factor_R_free_error 
_refine_ls_shell.R_factor_R_work 
_refine_ls_shell.redundancy_reflns_all 
_refine_ls_shell.redundancy_reflns_obs 
_refine_ls_shell.wR_factor_all 
_refine_ls_shell.wR_factor_obs 
_refine_ls_shell.wR_factor_R_free 
_refine_ls_shell.wR_factor_R_work 
_refine_ls_shell.pdbx_total_number_of_bins_used 
_refine_ls_shell.pdbx_phase_error 
_refine_ls_shell.pdbx_fsc_work 
_refine_ls_shell.pdbx_fsc_free 
'X-RAY DIFFRACTION' 1.5000 1.5536  . . 129 2552 99.00  . . . 0.2963 . 0.2483 . . . . . . . . . . 
'X-RAY DIFFRACTION' 1.5536 1.6158  . . 126 2530 100.00 . . . 0.2923 . 0.2372 . . . . . . . . . . 
'X-RAY DIFFRACTION' 1.6158 1.6893  . . 122 2540 100.00 . . . 0.2321 . 0.2261 . . . . . . . . . . 
'X-RAY DIFFRACTION' 1.6893 1.7784  . . 131 2521 100.00 . . . 0.2331 . 0.2336 . . . . . . . . . . 
'X-RAY DIFFRACTION' 1.7784 1.8897  . . 136 2558 100.00 . . . 0.2040 . 0.2213 . . . . . . . . . . 
'X-RAY DIFFRACTION' 1.8897 2.0356  . . 127 2534 100.00 . . . 0.2269 . 0.2193 . . . . . . . . . . 
'X-RAY DIFFRACTION' 2.0356 2.2403  . . 131 2574 100.00 . . . 0.2684 . 0.2208 . . . . . . . . . . 
'X-RAY DIFFRACTION' 2.2403 2.5642  . . 141 2543 100.00 . . . 0.2466 . 0.2471 . . . . . . . . . . 
'X-RAY DIFFRACTION' 2.5642 3.2294  . . 155 2570 100.00 . . . 0.2416 . 0.2278 . . . . . . . . . . 
'X-RAY DIFFRACTION' 3.2294 24.1397 . . 146 2495 95.00  . . . 0.2076 . 0.1994 . . . . . . . . . . 
# 
_struct.entry_id                     5AZW 
_struct.title                        'Crystal structure of p24beta1 GOLD domain' 
_struct.pdbx_model_details           ? 
_struct.pdbx_formula_weight          ? 
_struct.pdbx_formula_weight_method   ? 
_struct.pdbx_model_type_details      ? 
_struct.pdbx_CASP_flag               ? 
# 
_struct_keywords.entry_id        5AZW 
_struct_keywords.text            'Protein transport, GPI-anchored protein, p24 complex' 
_struct_keywords.pdbx_keywords   'PROTEIN TRANSPORT' 
# 
loop_
_struct_asym.id 
_struct_asym.pdbx_blank_PDB_chainid_flag 
_struct_asym.pdbx_modified 
_struct_asym.entity_id 
_struct_asym.details 
A N N 1 ? 
B N N 1 ? 
C N N 2 ? 
D N N 2 ? 
E N N 3 ? 
F N N 3 ? 
# 
_struct_ref.id                         1 
_struct_ref.db_name                    UNP 
_struct_ref.db_code                    TMED2_HUMAN 
_struct_ref.pdbx_db_accession          Q15363 
_struct_ref.pdbx_db_isoform            ? 
_struct_ref.entity_id                  1 
_struct_ref.pdbx_seq_one_letter_code   
;SGYFVSIDAHAEECFFERVTSGTKMGLIFEVAEGGFLDIDVEITGPDNKGIYKGDRESSGKYTFAAHMDGTYKFCFSNRM
STMTPKIVMFTIDIGE
;
_struct_ref.pdbx_align_begin           19 
# 
loop_
_struct_ref_seq.align_id 
_struct_ref_seq.ref_id 
_struct_ref_seq.pdbx_PDB_id_code 
_struct_ref_seq.pdbx_strand_id 
_struct_ref_seq.seq_align_beg 
_struct_ref_seq.pdbx_seq_align_beg_ins_code 
_struct_ref_seq.seq_align_end 
_struct_ref_seq.pdbx_seq_align_end_ins_code 
_struct_ref_seq.pdbx_db_accession 
_struct_ref_seq.db_align_beg 
_struct_ref_seq.pdbx_db_align_beg_ins_code 
_struct_ref_seq.db_align_end 
_struct_ref_seq.pdbx_db_align_end_ins_code 
_struct_ref_seq.pdbx_auth_seq_align_beg 
_struct_ref_seq.pdbx_auth_seq_align_end 
1 1 5AZW A 1 ? 96 ? Q15363 19 ? 114 ? 19 114 
2 1 5AZW B 1 ? 96 ? Q15363 19 ? 114 ? 19 114 
# 
_pdbx_struct_assembly.id                   1 
_pdbx_struct_assembly.details              author_defined_assembly 
_pdbx_struct_assembly.method_details       ? 
_pdbx_struct_assembly.oligomeric_details   dimeric 
_pdbx_struct_assembly.oligomeric_count     2 
# 
loop_
_pdbx_struct_assembly_prop.biol_id 
_pdbx_struct_assembly_prop.type 
_pdbx_struct_assembly_prop.value 
_pdbx_struct_assembly_prop.details 
1 'ABSA (A^2)' 1030  ? 
1 MORE         2     ? 
1 'SSA (A^2)'  10090 ? 
# 
_pdbx_struct_assembly_gen.assembly_id       1 
_pdbx_struct_assembly_gen.oper_expression   1 
_pdbx_struct_assembly_gen.asym_id_list      A,B,C,D,E,F 
# 
_pdbx_struct_oper_list.id                   1 
_pdbx_struct_oper_list.type                 'identity operation' 
_pdbx_struct_oper_list.name                 1_555 
_pdbx_struct_oper_list.symmetry_operation   x,y,z 
_pdbx_struct_oper_list.matrix[1][1]         1.0000000000 
_pdbx_struct_oper_list.matrix[1][2]         0.0000000000 
_pdbx_struct_oper_list.matrix[1][3]         0.0000000000 
_pdbx_struct_oper_list.vector[1]            0.0000000000 
_pdbx_struct_oper_list.matrix[2][1]         0.0000000000 
_pdbx_struct_oper_list.matrix[2][2]         1.0000000000 
_pdbx_struct_oper_list.matrix[2][3]         0.0000000000 
_pdbx_struct_oper_list.vector[2]            0.0000000000 
_pdbx_struct_oper_list.matrix[3][1]         0.0000000000 
_pdbx_struct_oper_list.matrix[3][2]         0.0000000000 
_pdbx_struct_oper_list.matrix[3][3]         1.0000000000 
_pdbx_struct_oper_list.vector[3]            0.0000000000 
# 
loop_
_struct_conn.id 
_struct_conn.conn_type_id 
_struct_conn.pdbx_leaving_atom_flag 
_struct_conn.pdbx_PDB_id 
_struct_conn.ptnr1_label_asym_id 
_struct_conn.ptnr1_label_comp_id 
_struct_conn.ptnr1_label_seq_id 
_struct_conn.ptnr1_label_atom_id 
_struct_conn.pdbx_ptnr1_label_alt_id 
_struct_conn.pdbx_ptnr1_PDB_ins_code 
_struct_conn.pdbx_ptnr1_standard_comp_id 
_struct_conn.ptnr1_symmetry 
_struct_conn.ptnr2_label_asym_id 
_struct_conn.ptnr2_label_comp_id 
_struct_conn.ptnr2_label_seq_id 
_struct_conn.ptnr2_label_atom_id 
_struct_conn.pdbx_ptnr2_label_alt_id 
_struct_conn.pdbx_ptnr2_PDB_ins_code 
_struct_conn.ptnr1_auth_asym_id 
_struct_conn.ptnr1_auth_comp_id 
_struct_conn.ptnr1_auth_seq_id 
_struct_conn.ptnr2_auth_asym_id 
_struct_conn.ptnr2_auth_comp_id 
_struct_conn.ptnr2_auth_seq_id 
_struct_conn.ptnr2_symmetry 
_struct_conn.pdbx_ptnr3_label_atom_id 
_struct_conn.pdbx_ptnr3_label_seq_id 
_struct_conn.pdbx_ptnr3_label_comp_id 
_struct_conn.pdbx_ptnr3_label_asym_id 
_struct_conn.pdbx_ptnr3_label_alt_id 
_struct_conn.pdbx_ptnr3_PDB_ins_code 
_struct_conn.details 
_struct_conn.pdbx_dist_value 
_struct_conn.pdbx_value_order 
_struct_conn.pdbx_role 
disulf1 disulf ? ? A CYS 14 SG ? ? ? 1_555 A CYS 75 SG ? ? A CYS 32 A CYS 93 1_555 ? ? ? ? ? ? ? 2.068 ? ? 
disulf2 disulf ? ? B CYS 14 SG ? ? ? 1_555 B CYS 75 SG ? ? B CYS 32 B CYS 93 1_555 ? ? ? ? ? ? ? 2.083 ? ? 
# 
_struct_conn_type.id          disulf 
_struct_conn_type.criteria    ? 
_struct_conn_type.reference   ? 
# 
loop_
_pdbx_modification_feature.ordinal 
_pdbx_modification_feature.label_comp_id 
_pdbx_modification_feature.label_asym_id 
_pdbx_modification_feature.label_seq_id 
_pdbx_modification_feature.label_alt_id 
_pdbx_modification_feature.modified_residue_label_comp_id 
_pdbx_modification_feature.modified_residue_label_asym_id 
_pdbx_modification_feature.modified_residue_label_seq_id 
_pdbx_modification_feature.modified_residue_label_alt_id 
_pdbx_modification_feature.auth_comp_id 
_pdbx_modification_feature.auth_asym_id 
_pdbx_modification_feature.auth_seq_id 
_pdbx_modification_feature.PDB_ins_code 
_pdbx_modification_feature.symmetry 
_pdbx_modification_feature.modified_residue_auth_comp_id 
_pdbx_modification_feature.modified_residue_auth_asym_id 
_pdbx_modification_feature.modified_residue_auth_seq_id 
_pdbx_modification_feature.modified_residue_PDB_ins_code 
_pdbx_modification_feature.modified_residue_symmetry 
_pdbx_modification_feature.comp_id_linking_atom 
_pdbx_modification_feature.modified_residue_id_linking_atom 
_pdbx_modification_feature.modified_residue_id 
_pdbx_modification_feature.ref_pcm_id 
_pdbx_modification_feature.ref_comp_id 
_pdbx_modification_feature.type 
_pdbx_modification_feature.category 
1 CYS A 14 ? CYS A 75 ? CYS A 32 ? 1_555 CYS A 93 ? 1_555 SG SG . . . None 'Disulfide bridge' 
2 CYS B 14 ? CYS B 75 ? CYS B 32 ? 1_555 CYS B 93 ? 1_555 SG SG . . . None 'Disulfide bridge' 
# 
loop_
_struct_sheet.id 
_struct_sheet.type 
_struct_sheet.number_strands 
_struct_sheet.details 
AA1 ? 4 ? 
AA2 ? 4 ? 
AA3 ? 4 ? 
AA4 ? 4 ? 
# 
loop_
_struct_sheet_order.sheet_id 
_struct_sheet_order.range_id_1 
_struct_sheet_order.range_id_2 
_struct_sheet_order.offset 
_struct_sheet_order.sense 
AA1 1 2 ? anti-parallel 
AA1 2 3 ? anti-parallel 
AA1 3 4 ? anti-parallel 
AA2 1 2 ? anti-parallel 
AA2 2 3 ? anti-parallel 
AA2 3 4 ? anti-parallel 
AA3 1 2 ? anti-parallel 
AA3 2 3 ? anti-parallel 
AA3 3 4 ? anti-parallel 
AA4 1 2 ? anti-parallel 
AA4 2 3 ? anti-parallel 
AA4 3 4 ? anti-parallel 
# 
loop_
_struct_sheet_range.sheet_id 
_struct_sheet_range.id 
_struct_sheet_range.beg_label_comp_id 
_struct_sheet_range.beg_label_asym_id 
_struct_sheet_range.beg_label_seq_id 
_struct_sheet_range.pdbx_beg_PDB_ins_code 
_struct_sheet_range.end_label_comp_id 
_struct_sheet_range.end_label_asym_id 
_struct_sheet_range.end_label_seq_id 
_struct_sheet_range.pdbx_end_PDB_ins_code 
_struct_sheet_range.beg_auth_comp_id 
_struct_sheet_range.beg_auth_asym_id 
_struct_sheet_range.beg_auth_seq_id 
_struct_sheet_range.end_auth_comp_id 
_struct_sheet_range.end_auth_asym_id 
_struct_sheet_range.end_auth_seq_id 
AA1 1 PHE A 4  ? ILE A 7  ? PHE A 22  ILE A 25  
AA1 2 LYS A 86 ? ILE A 94 ? LYS A 104 ILE A 112 
AA1 3 LYS A 24 ? VAL A 31 ? LYS A 42  VAL A 49  
AA1 4 SER A 59 ? ALA A 65 ? SER A 77  ALA A 83  
AA2 1 ALA A 11 ? VAL A 19 ? ALA A 29  VAL A 37  
AA2 2 GLY A 70 ? ASN A 78 ? GLY A 88  ASN A 96  
AA2 3 ILE A 39 ? THR A 44 ? ILE A 57  THR A 62  
AA2 4 GLY A 50 ? GLU A 57 ? GLY A 68  GLU A 75  
AA3 1 PHE B 4  ? ILE B 7  ? PHE B 22  ILE B 25  
AA3 2 LYS B 86 ? ILE B 94 ? LYS B 104 ILE B 112 
AA3 3 LYS B 24 ? GLU B 33 ? LYS B 42  GLU B 51  
AA3 4 SER B 59 ? ALA B 65 ? SER B 77  ALA B 83  
AA4 1 ALA B 11 ? VAL B 19 ? ALA B 29  VAL B 37  
AA4 2 GLY B 70 ? ASN B 78 ? GLY B 88  ASN B 96  
AA4 3 ILE B 39 ? THR B 44 ? ILE B 57  THR B 62  
AA4 4 GLY B 50 ? GLU B 57 ? GLY B 68  GLU B 75  
# 
loop_
_pdbx_struct_sheet_hbond.sheet_id 
_pdbx_struct_sheet_hbond.range_id_1 
_pdbx_struct_sheet_hbond.range_id_2 
_pdbx_struct_sheet_hbond.range_1_label_atom_id 
_pdbx_struct_sheet_hbond.range_1_label_comp_id 
_pdbx_struct_sheet_hbond.range_1_label_asym_id 
_pdbx_struct_sheet_hbond.range_1_label_seq_id 
_pdbx_struct_sheet_hbond.range_1_PDB_ins_code 
_pdbx_struct_sheet_hbond.range_1_auth_atom_id 
_pdbx_struct_sheet_hbond.range_1_auth_comp_id 
_pdbx_struct_sheet_hbond.range_1_auth_asym_id 
_pdbx_struct_sheet_hbond.range_1_auth_seq_id 
_pdbx_struct_sheet_hbond.range_2_label_atom_id 
_pdbx_struct_sheet_hbond.range_2_label_comp_id 
_pdbx_struct_sheet_hbond.range_2_label_asym_id 
_pdbx_struct_sheet_hbond.range_2_label_seq_id 
_pdbx_struct_sheet_hbond.range_2_PDB_ins_code 
_pdbx_struct_sheet_hbond.range_2_auth_atom_id 
_pdbx_struct_sheet_hbond.range_2_auth_comp_id 
_pdbx_struct_sheet_hbond.range_2_auth_asym_id 
_pdbx_struct_sheet_hbond.range_2_auth_seq_id 
AA1 1 2 N ILE A 7  ? N ILE A 25  O LYS A 86 ? O LYS A 104 
AA1 2 3 O ASP A 93 ? O ASP A 111 N GLY A 26 ? N GLY A 44  
AA1 3 4 N MET A 25 ? N MET A 43  O PHE A 64 ? O PHE A 82  
AA2 1 2 N GLU A 17 ? N GLU A 35  O TYR A 72 ? O TYR A 90  
AA2 2 3 O CYS A 75 ? O CYS A 93  N GLU A 42 ? N GLU A 60  
AA2 3 4 N VAL A 41 ? N VAL A 59  O GLY A 54 ? O GLY A 72  
AA3 1 2 N ILE B 7  ? N ILE B 25  O LYS B 86 ? O LYS B 104 
AA3 2 3 O ASP B 93 ? O ASP B 111 N GLY B 26 ? N GLY B 44  
AA3 3 4 N MET B 25 ? N MET B 43  O PHE B 64 ? O PHE B 82  
AA4 1 2 N PHE B 15 ? N PHE B 33  O PHE B 74 ? O PHE B 92  
AA4 2 3 O CYS B 75 ? O CYS B 93  N GLU B 42 ? N GLU B 60  
AA4 3 4 N ILE B 43 ? N ILE B 61  O ILE B 51 ? O ILE B 69  
# 
loop_
_struct_site.id 
_struct_site.pdbx_evidence_code 
_struct_site.pdbx_auth_asym_id 
_struct_site.pdbx_auth_comp_id 
_struct_site.pdbx_auth_seq_id 
_struct_site.pdbx_auth_ins_code 
_struct_site.pdbx_num_residues 
_struct_site.details 
AC1 Software A EDO 201 ? 3 'binding site for residue EDO A 201' 
AC2 Software B EDO 201 ? 7 'binding site for residue EDO B 201' 
# 
loop_
_struct_site_gen.id 
_struct_site_gen.site_id 
_struct_site_gen.pdbx_num_res 
_struct_site_gen.label_comp_id 
_struct_site_gen.label_asym_id 
_struct_site_gen.label_seq_id 
_struct_site_gen.pdbx_auth_ins_code 
_struct_site_gen.auth_comp_id 
_struct_site_gen.auth_asym_id 
_struct_site_gen.auth_seq_id 
_struct_site_gen.label_atom_id 
_struct_site_gen.label_alt_id 
_struct_site_gen.symmetry 
_struct_site_gen.details 
1  AC1 3 GLY A 2  ? GLY A 20  . ? 1_555 ? 
2  AC1 3 TYR A 3  ? TYR A 21  . ? 1_555 ? 
3  AC1 3 MET A 89 ? MET A 107 . ? 1_555 ? 
4  AC2 7 HOH E .  ? HOH A 312 . ? 1_555 ? 
5  AC2 7 ARG B 18 ? ARG B 36  . ? 1_555 ? 
6  AC2 7 PRO B 46 ? PRO B 64  . ? 1_555 ? 
7  AC2 7 MET B 68 ? MET B 86  . ? 2_556 ? 
8  AC2 7 GLY B 70 ? GLY B 88  . ? 1_555 ? 
9  AC2 7 THR B 71 ? THR B 89  . ? 1_555 ? 
10 AC2 7 HOH F .  ? HOH B 309 . ? 1_555 ? 
# 
_pdbx_entry_details.entry_id                   5AZW 
_pdbx_entry_details.compound_details           ? 
_pdbx_entry_details.source_details             ? 
_pdbx_entry_details.nonpolymer_details         ? 
_pdbx_entry_details.sequence_details           ? 
_pdbx_entry_details.has_ligand_of_interest     ? 
_pdbx_entry_details.has_protein_modification   Y 
# 
_pdbx_validate_close_contact.id               1 
_pdbx_validate_close_contact.PDB_model_num    1 
_pdbx_validate_close_contact.auth_atom_id_1   OD2 
_pdbx_validate_close_contact.auth_asym_id_1   A 
_pdbx_validate_close_contact.auth_comp_id_1   ASP 
_pdbx_validate_close_contact.auth_seq_id_1    65 
_pdbx_validate_close_contact.PDB_ins_code_1   ? 
_pdbx_validate_close_contact.label_alt_id_1   ? 
_pdbx_validate_close_contact.auth_atom_id_2   NZ 
_pdbx_validate_close_contact.auth_asym_id_2   A 
_pdbx_validate_close_contact.auth_comp_id_2   LYS 
_pdbx_validate_close_contact.auth_seq_id_2    67 
_pdbx_validate_close_contact.PDB_ins_code_2   ? 
_pdbx_validate_close_contact.label_alt_id_2   ? 
_pdbx_validate_close_contact.dist             1.99 
# 
_pdbx_struct_special_symmetry.id              1 
_pdbx_struct_special_symmetry.PDB_model_num   1 
_pdbx_struct_special_symmetry.auth_asym_id    B 
_pdbx_struct_special_symmetry.auth_comp_id    HOH 
_pdbx_struct_special_symmetry.auth_seq_id     312 
_pdbx_struct_special_symmetry.PDB_ins_code    ? 
_pdbx_struct_special_symmetry.label_asym_id   F 
_pdbx_struct_special_symmetry.label_comp_id   HOH 
_pdbx_struct_special_symmetry.label_seq_id    . 
# 
loop_
_pdbx_unobs_or_zero_occ_residues.id 
_pdbx_unobs_or_zero_occ_residues.PDB_model_num 
_pdbx_unobs_or_zero_occ_residues.polymer_flag 
_pdbx_unobs_or_zero_occ_residues.occupancy_flag 
_pdbx_unobs_or_zero_occ_residues.auth_asym_id 
_pdbx_unobs_or_zero_occ_residues.auth_comp_id 
_pdbx_unobs_or_zero_occ_residues.auth_seq_id 
_pdbx_unobs_or_zero_occ_residues.PDB_ins_code 
_pdbx_unobs_or_zero_occ_residues.label_asym_id 
_pdbx_unobs_or_zero_occ_residues.label_comp_id 
_pdbx_unobs_or_zero_occ_residues.label_seq_id 
1 1 Y 1 A SER 19  ? A SER 1  
2 1 Y 1 A GLU 114 ? A GLU 96 
3 1 Y 1 B SER 19  ? B SER 1  
4 1 Y 1 B GLY 20  ? B GLY 2  
5 1 Y 1 B GLU 114 ? B GLU 96 
# 
loop_
_chem_comp_atom.comp_id 
_chem_comp_atom.atom_id 
_chem_comp_atom.type_symbol 
_chem_comp_atom.pdbx_aromatic_flag 
_chem_comp_atom.pdbx_stereo_config 
_chem_comp_atom.pdbx_ordinal 
ALA N    N N N 1   
ALA CA   C N S 2   
ALA C    C N N 3   
ALA O    O N N 4   
ALA CB   C N N 5   
ALA OXT  O N N 6   
ALA H    H N N 7   
ALA H2   H N N 8   
ALA HA   H N N 9   
ALA HB1  H N N 10  
ALA HB2  H N N 11  
ALA HB3  H N N 12  
ALA HXT  H N N 13  
ARG N    N N N 14  
ARG CA   C N S 15  
ARG C    C N N 16  
ARG O    O N N 17  
ARG CB   C N N 18  
ARG CG   C N N 19  
ARG CD   C N N 20  
ARG NE   N N N 21  
ARG CZ   C N N 22  
ARG NH1  N N N 23  
ARG NH2  N N N 24  
ARG OXT  O N N 25  
ARG H    H N N 26  
ARG H2   H N N 27  
ARG HA   H N N 28  
ARG HB2  H N N 29  
ARG HB3  H N N 30  
ARG HG2  H N N 31  
ARG HG3  H N N 32  
ARG HD2  H N N 33  
ARG HD3  H N N 34  
ARG HE   H N N 35  
ARG HH11 H N N 36  
ARG HH12 H N N 37  
ARG HH21 H N N 38  
ARG HH22 H N N 39  
ARG HXT  H N N 40  
ASN N    N N N 41  
ASN CA   C N S 42  
ASN C    C N N 43  
ASN O    O N N 44  
ASN CB   C N N 45  
ASN CG   C N N 46  
ASN OD1  O N N 47  
ASN ND2  N N N 48  
ASN OXT  O N N 49  
ASN H    H N N 50  
ASN H2   H N N 51  
ASN HA   H N N 52  
ASN HB2  H N N 53  
ASN HB3  H N N 54  
ASN HD21 H N N 55  
ASN HD22 H N N 56  
ASN HXT  H N N 57  
ASP N    N N N 58  
ASP CA   C N S 59  
ASP C    C N N 60  
ASP O    O N N 61  
ASP CB   C N N 62  
ASP CG   C N N 63  
ASP OD1  O N N 64  
ASP OD2  O N N 65  
ASP OXT  O N N 66  
ASP H    H N N 67  
ASP H2   H N N 68  
ASP HA   H N N 69  
ASP HB2  H N N 70  
ASP HB3  H N N 71  
ASP HD2  H N N 72  
ASP HXT  H N N 73  
CYS N    N N N 74  
CYS CA   C N R 75  
CYS C    C N N 76  
CYS O    O N N 77  
CYS CB   C N N 78  
CYS SG   S N N 79  
CYS OXT  O N N 80  
CYS H    H N N 81  
CYS H2   H N N 82  
CYS HA   H N N 83  
CYS HB2  H N N 84  
CYS HB3  H N N 85  
CYS HG   H N N 86  
CYS HXT  H N N 87  
EDO C1   C N N 88  
EDO O1   O N N 89  
EDO C2   C N N 90  
EDO O2   O N N 91  
EDO H11  H N N 92  
EDO H12  H N N 93  
EDO HO1  H N N 94  
EDO H21  H N N 95  
EDO H22  H N N 96  
EDO HO2  H N N 97  
GLU N    N N N 98  
GLU CA   C N S 99  
GLU C    C N N 100 
GLU O    O N N 101 
GLU CB   C N N 102 
GLU CG   C N N 103 
GLU CD   C N N 104 
GLU OE1  O N N 105 
GLU OE2  O N N 106 
GLU OXT  O N N 107 
GLU H    H N N 108 
GLU H2   H N N 109 
GLU HA   H N N 110 
GLU HB2  H N N 111 
GLU HB3  H N N 112 
GLU HG2  H N N 113 
GLU HG3  H N N 114 
GLU HE2  H N N 115 
GLU HXT  H N N 116 
GLY N    N N N 117 
GLY CA   C N N 118 
GLY C    C N N 119 
GLY O    O N N 120 
GLY OXT  O N N 121 
GLY H    H N N 122 
GLY H2   H N N 123 
GLY HA2  H N N 124 
GLY HA3  H N N 125 
GLY HXT  H N N 126 
HIS N    N N N 127 
HIS CA   C N S 128 
HIS C    C N N 129 
HIS O    O N N 130 
HIS CB   C N N 131 
HIS CG   C Y N 132 
HIS ND1  N Y N 133 
HIS CD2  C Y N 134 
HIS CE1  C Y N 135 
HIS NE2  N Y N 136 
HIS OXT  O N N 137 
HIS H    H N N 138 
HIS H2   H N N 139 
HIS HA   H N N 140 
HIS HB2  H N N 141 
HIS HB3  H N N 142 
HIS HD1  H N N 143 
HIS HD2  H N N 144 
HIS HE1  H N N 145 
HIS HE2  H N N 146 
HIS HXT  H N N 147 
HOH O    O N N 148 
HOH H1   H N N 149 
HOH H2   H N N 150 
ILE N    N N N 151 
ILE CA   C N S 152 
ILE C    C N N 153 
ILE O    O N N 154 
ILE CB   C N S 155 
ILE CG1  C N N 156 
ILE CG2  C N N 157 
ILE CD1  C N N 158 
ILE OXT  O N N 159 
ILE H    H N N 160 
ILE H2   H N N 161 
ILE HA   H N N 162 
ILE HB   H N N 163 
ILE HG12 H N N 164 
ILE HG13 H N N 165 
ILE HG21 H N N 166 
ILE HG22 H N N 167 
ILE HG23 H N N 168 
ILE HD11 H N N 169 
ILE HD12 H N N 170 
ILE HD13 H N N 171 
ILE HXT  H N N 172 
LEU N    N N N 173 
LEU CA   C N S 174 
LEU C    C N N 175 
LEU O    O N N 176 
LEU CB   C N N 177 
LEU CG   C N N 178 
LEU CD1  C N N 179 
LEU CD2  C N N 180 
LEU OXT  O N N 181 
LEU H    H N N 182 
LEU H2   H N N 183 
LEU HA   H N N 184 
LEU HB2  H N N 185 
LEU HB3  H N N 186 
LEU HG   H N N 187 
LEU HD11 H N N 188 
LEU HD12 H N N 189 
LEU HD13 H N N 190 
LEU HD21 H N N 191 
LEU HD22 H N N 192 
LEU HD23 H N N 193 
LEU HXT  H N N 194 
LYS N    N N N 195 
LYS CA   C N S 196 
LYS C    C N N 197 
LYS O    O N N 198 
LYS CB   C N N 199 
LYS CG   C N N 200 
LYS CD   C N N 201 
LYS CE   C N N 202 
LYS NZ   N N N 203 
LYS OXT  O N N 204 
LYS H    H N N 205 
LYS H2   H N N 206 
LYS HA   H N N 207 
LYS HB2  H N N 208 
LYS HB3  H N N 209 
LYS HG2  H N N 210 
LYS HG3  H N N 211 
LYS HD2  H N N 212 
LYS HD3  H N N 213 
LYS HE2  H N N 214 
LYS HE3  H N N 215 
LYS HZ1  H N N 216 
LYS HZ2  H N N 217 
LYS HZ3  H N N 218 
LYS HXT  H N N 219 
MET N    N N N 220 
MET CA   C N S 221 
MET C    C N N 222 
MET O    O N N 223 
MET CB   C N N 224 
MET CG   C N N 225 
MET SD   S N N 226 
MET CE   C N N 227 
MET OXT  O N N 228 
MET H    H N N 229 
MET H2   H N N 230 
MET HA   H N N 231 
MET HB2  H N N 232 
MET HB3  H N N 233 
MET HG2  H N N 234 
MET HG3  H N N 235 
MET HE1  H N N 236 
MET HE2  H N N 237 
MET HE3  H N N 238 
MET HXT  H N N 239 
PHE N    N N N 240 
PHE CA   C N S 241 
PHE C    C N N 242 
PHE O    O N N 243 
PHE CB   C N N 244 
PHE CG   C Y N 245 
PHE CD1  C Y N 246 
PHE CD2  C Y N 247 
PHE CE1  C Y N 248 
PHE CE2  C Y N 249 
PHE CZ   C Y N 250 
PHE OXT  O N N 251 
PHE H    H N N 252 
PHE H2   H N N 253 
PHE HA   H N N 254 
PHE HB2  H N N 255 
PHE HB3  H N N 256 
PHE HD1  H N N 257 
PHE HD2  H N N 258 
PHE HE1  H N N 259 
PHE HE2  H N N 260 
PHE HZ   H N N 261 
PHE HXT  H N N 262 
PRO N    N N N 263 
PRO CA   C N S 264 
PRO C    C N N 265 
PRO O    O N N 266 
PRO CB   C N N 267 
PRO CG   C N N 268 
PRO CD   C N N 269 
PRO OXT  O N N 270 
PRO H    H N N 271 
PRO HA   H N N 272 
PRO HB2  H N N 273 
PRO HB3  H N N 274 
PRO HG2  H N N 275 
PRO HG3  H N N 276 
PRO HD2  H N N 277 
PRO HD3  H N N 278 
PRO HXT  H N N 279 
SER N    N N N 280 
SER CA   C N S 281 
SER C    C N N 282 
SER O    O N N 283 
SER CB   C N N 284 
SER OG   O N N 285 
SER OXT  O N N 286 
SER H    H N N 287 
SER H2   H N N 288 
SER HA   H N N 289 
SER HB2  H N N 290 
SER HB3  H N N 291 
SER HG   H N N 292 
SER HXT  H N N 293 
THR N    N N N 294 
THR CA   C N S 295 
THR C    C N N 296 
THR O    O N N 297 
THR CB   C N R 298 
THR OG1  O N N 299 
THR CG2  C N N 300 
THR OXT  O N N 301 
THR H    H N N 302 
THR H2   H N N 303 
THR HA   H N N 304 
THR HB   H N N 305 
THR HG1  H N N 306 
THR HG21 H N N 307 
THR HG22 H N N 308 
THR HG23 H N N 309 
THR HXT  H N N 310 
TYR N    N N N 311 
TYR CA   C N S 312 
TYR C    C N N 313 
TYR O    O N N 314 
TYR CB   C N N 315 
TYR CG   C Y N 316 
TYR CD1  C Y N 317 
TYR CD2  C Y N 318 
TYR CE1  C Y N 319 
TYR CE2  C Y N 320 
TYR CZ   C Y N 321 
TYR OH   O N N 322 
TYR OXT  O N N 323 
TYR H    H N N 324 
TYR H2   H N N 325 
TYR HA   H N N 326 
TYR HB2  H N N 327 
TYR HB3  H N N 328 
TYR HD1  H N N 329 
TYR HD2  H N N 330 
TYR HE1  H N N 331 
TYR HE2  H N N 332 
TYR HH   H N N 333 
TYR HXT  H N N 334 
VAL N    N N N 335 
VAL CA   C N S 336 
VAL C    C N N 337 
VAL O    O N N 338 
VAL CB   C N N 339 
VAL CG1  C N N 340 
VAL CG2  C N N 341 
VAL OXT  O N N 342 
VAL H    H N N 343 
VAL H2   H N N 344 
VAL HA   H N N 345 
VAL HB   H N N 346 
VAL HG11 H N N 347 
VAL HG12 H N N 348 
VAL HG13 H N N 349 
VAL HG21 H N N 350 
VAL HG22 H N N 351 
VAL HG23 H N N 352 
VAL HXT  H N N 353 
# 
loop_
_chem_comp_bond.comp_id 
_chem_comp_bond.atom_id_1 
_chem_comp_bond.atom_id_2 
_chem_comp_bond.value_order 
_chem_comp_bond.pdbx_aromatic_flag 
_chem_comp_bond.pdbx_stereo_config 
_chem_comp_bond.pdbx_ordinal 
ALA N   CA   sing N N 1   
ALA N   H    sing N N 2   
ALA N   H2   sing N N 3   
ALA CA  C    sing N N 4   
ALA CA  CB   sing N N 5   
ALA CA  HA   sing N N 6   
ALA C   O    doub N N 7   
ALA C   OXT  sing N N 8   
ALA CB  HB1  sing N N 9   
ALA CB  HB2  sing N N 10  
ALA CB  HB3  sing N N 11  
ALA OXT HXT  sing N N 12  
ARG N   CA   sing N N 13  
ARG N   H    sing N N 14  
ARG N   H2   sing N N 15  
ARG CA  C    sing N N 16  
ARG CA  CB   sing N N 17  
ARG CA  HA   sing N N 18  
ARG C   O    doub N N 19  
ARG C   OXT  sing N N 20  
ARG CB  CG   sing N N 21  
ARG CB  HB2  sing N N 22  
ARG CB  HB3  sing N N 23  
ARG CG  CD   sing N N 24  
ARG CG  HG2  sing N N 25  
ARG CG  HG3  sing N N 26  
ARG CD  NE   sing N N 27  
ARG CD  HD2  sing N N 28  
ARG CD  HD3  sing N N 29  
ARG NE  CZ   sing N N 30  
ARG NE  HE   sing N N 31  
ARG CZ  NH1  sing N N 32  
ARG CZ  NH2  doub N N 33  
ARG NH1 HH11 sing N N 34  
ARG NH1 HH12 sing N N 35  
ARG NH2 HH21 sing N N 36  
ARG NH2 HH22 sing N N 37  
ARG OXT HXT  sing N N 38  
ASN N   CA   sing N N 39  
ASN N   H    sing N N 40  
ASN N   H2   sing N N 41  
ASN CA  C    sing N N 42  
ASN CA  CB   sing N N 43  
ASN CA  HA   sing N N 44  
ASN C   O    doub N N 45  
ASN C   OXT  sing N N 46  
ASN CB  CG   sing N N 47  
ASN CB  HB2  sing N N 48  
ASN CB  HB3  sing N N 49  
ASN CG  OD1  doub N N 50  
ASN CG  ND2  sing N N 51  
ASN ND2 HD21 sing N N 52  
ASN ND2 HD22 sing N N 53  
ASN OXT HXT  sing N N 54  
ASP N   CA   sing N N 55  
ASP N   H    sing N N 56  
ASP N   H2   sing N N 57  
ASP CA  C    sing N N 58  
ASP CA  CB   sing N N 59  
ASP CA  HA   sing N N 60  
ASP C   O    doub N N 61  
ASP C   OXT  sing N N 62  
ASP CB  CG   sing N N 63  
ASP CB  HB2  sing N N 64  
ASP CB  HB3  sing N N 65  
ASP CG  OD1  doub N N 66  
ASP CG  OD2  sing N N 67  
ASP OD2 HD2  sing N N 68  
ASP OXT HXT  sing N N 69  
CYS N   CA   sing N N 70  
CYS N   H    sing N N 71  
CYS N   H2   sing N N 72  
CYS CA  C    sing N N 73  
CYS CA  CB   sing N N 74  
CYS CA  HA   sing N N 75  
CYS C   O    doub N N 76  
CYS C   OXT  sing N N 77  
CYS CB  SG   sing N N 78  
CYS CB  HB2  sing N N 79  
CYS CB  HB3  sing N N 80  
CYS SG  HG   sing N N 81  
CYS OXT HXT  sing N N 82  
EDO C1  O1   sing N N 83  
EDO C1  C2   sing N N 84  
EDO C1  H11  sing N N 85  
EDO C1  H12  sing N N 86  
EDO O1  HO1  sing N N 87  
EDO C2  O2   sing N N 88  
EDO C2  H21  sing N N 89  
EDO C2  H22  sing N N 90  
EDO O2  HO2  sing N N 91  
GLU N   CA   sing N N 92  
GLU N   H    sing N N 93  
GLU N   H2   sing N N 94  
GLU CA  C    sing N N 95  
GLU CA  CB   sing N N 96  
GLU CA  HA   sing N N 97  
GLU C   O    doub N N 98  
GLU C   OXT  sing N N 99  
GLU CB  CG   sing N N 100 
GLU CB  HB2  sing N N 101 
GLU CB  HB3  sing N N 102 
GLU CG  CD   sing N N 103 
GLU CG  HG2  sing N N 104 
GLU CG  HG3  sing N N 105 
GLU CD  OE1  doub N N 106 
GLU CD  OE2  sing N N 107 
GLU OE2 HE2  sing N N 108 
GLU OXT HXT  sing N N 109 
GLY N   CA   sing N N 110 
GLY N   H    sing N N 111 
GLY N   H2   sing N N 112 
GLY CA  C    sing N N 113 
GLY CA  HA2  sing N N 114 
GLY CA  HA3  sing N N 115 
GLY C   O    doub N N 116 
GLY C   OXT  sing N N 117 
GLY OXT HXT  sing N N 118 
HIS N   CA   sing N N 119 
HIS N   H    sing N N 120 
HIS N   H2   sing N N 121 
HIS CA  C    sing N N 122 
HIS CA  CB   sing N N 123 
HIS CA  HA   sing N N 124 
HIS C   O    doub N N 125 
HIS C   OXT  sing N N 126 
HIS CB  CG   sing N N 127 
HIS CB  HB2  sing N N 128 
HIS CB  HB3  sing N N 129 
HIS CG  ND1  sing Y N 130 
HIS CG  CD2  doub Y N 131 
HIS ND1 CE1  doub Y N 132 
HIS ND1 HD1  sing N N 133 
HIS CD2 NE2  sing Y N 134 
HIS CD2 HD2  sing N N 135 
HIS CE1 NE2  sing Y N 136 
HIS CE1 HE1  sing N N 137 
HIS NE2 HE2  sing N N 138 
HIS OXT HXT  sing N N 139 
HOH O   H1   sing N N 140 
HOH O   H2   sing N N 141 
ILE N   CA   sing N N 142 
ILE N   H    sing N N 143 
ILE N   H2   sing N N 144 
ILE CA  C    sing N N 145 
ILE CA  CB   sing N N 146 
ILE CA  HA   sing N N 147 
ILE C   O    doub N N 148 
ILE C   OXT  sing N N 149 
ILE CB  CG1  sing N N 150 
ILE CB  CG2  sing N N 151 
ILE CB  HB   sing N N 152 
ILE CG1 CD1  sing N N 153 
ILE CG1 HG12 sing N N 154 
ILE CG1 HG13 sing N N 155 
ILE CG2 HG21 sing N N 156 
ILE CG2 HG22 sing N N 157 
ILE CG2 HG23 sing N N 158 
ILE CD1 HD11 sing N N 159 
ILE CD1 HD12 sing N N 160 
ILE CD1 HD13 sing N N 161 
ILE OXT HXT  sing N N 162 
LEU N   CA   sing N N 163 
LEU N   H    sing N N 164 
LEU N   H2   sing N N 165 
LEU CA  C    sing N N 166 
LEU CA  CB   sing N N 167 
LEU CA  HA   sing N N 168 
LEU C   O    doub N N 169 
LEU C   OXT  sing N N 170 
LEU CB  CG   sing N N 171 
LEU CB  HB2  sing N N 172 
LEU CB  HB3  sing N N 173 
LEU CG  CD1  sing N N 174 
LEU CG  CD2  sing N N 175 
LEU CG  HG   sing N N 176 
LEU CD1 HD11 sing N N 177 
LEU CD1 HD12 sing N N 178 
LEU CD1 HD13 sing N N 179 
LEU CD2 HD21 sing N N 180 
LEU CD2 HD22 sing N N 181 
LEU CD2 HD23 sing N N 182 
LEU OXT HXT  sing N N 183 
LYS N   CA   sing N N 184 
LYS N   H    sing N N 185 
LYS N   H2   sing N N 186 
LYS CA  C    sing N N 187 
LYS CA  CB   sing N N 188 
LYS CA  HA   sing N N 189 
LYS C   O    doub N N 190 
LYS C   OXT  sing N N 191 
LYS CB  CG   sing N N 192 
LYS CB  HB2  sing N N 193 
LYS CB  HB3  sing N N 194 
LYS CG  CD   sing N N 195 
LYS CG  HG2  sing N N 196 
LYS CG  HG3  sing N N 197 
LYS CD  CE   sing N N 198 
LYS CD  HD2  sing N N 199 
LYS CD  HD3  sing N N 200 
LYS CE  NZ   sing N N 201 
LYS CE  HE2  sing N N 202 
LYS CE  HE3  sing N N 203 
LYS NZ  HZ1  sing N N 204 
LYS NZ  HZ2  sing N N 205 
LYS NZ  HZ3  sing N N 206 
LYS OXT HXT  sing N N 207 
MET N   CA   sing N N 208 
MET N   H    sing N N 209 
MET N   H2   sing N N 210 
MET CA  C    sing N N 211 
MET CA  CB   sing N N 212 
MET CA  HA   sing N N 213 
MET C   O    doub N N 214 
MET C   OXT  sing N N 215 
MET CB  CG   sing N N 216 
MET CB  HB2  sing N N 217 
MET CB  HB3  sing N N 218 
MET CG  SD   sing N N 219 
MET CG  HG2  sing N N 220 
MET CG  HG3  sing N N 221 
MET SD  CE   sing N N 222 
MET CE  HE1  sing N N 223 
MET CE  HE2  sing N N 224 
MET CE  HE3  sing N N 225 
MET OXT HXT  sing N N 226 
PHE N   CA   sing N N 227 
PHE N   H    sing N N 228 
PHE N   H2   sing N N 229 
PHE CA  C    sing N N 230 
PHE CA  CB   sing N N 231 
PHE CA  HA   sing N N 232 
PHE C   O    doub N N 233 
PHE C   OXT  sing N N 234 
PHE CB  CG   sing N N 235 
PHE CB  HB2  sing N N 236 
PHE CB  HB3  sing N N 237 
PHE CG  CD1  doub Y N 238 
PHE CG  CD2  sing Y N 239 
PHE CD1 CE1  sing Y N 240 
PHE CD1 HD1  sing N N 241 
PHE CD2 CE2  doub Y N 242 
PHE CD2 HD2  sing N N 243 
PHE CE1 CZ   doub Y N 244 
PHE CE1 HE1  sing N N 245 
PHE CE2 CZ   sing Y N 246 
PHE CE2 HE2  sing N N 247 
PHE CZ  HZ   sing N N 248 
PHE OXT HXT  sing N N 249 
PRO N   CA   sing N N 250 
PRO N   CD   sing N N 251 
PRO N   H    sing N N 252 
PRO CA  C    sing N N 253 
PRO CA  CB   sing N N 254 
PRO CA  HA   sing N N 255 
PRO C   O    doub N N 256 
PRO C   OXT  sing N N 257 
PRO CB  CG   sing N N 258 
PRO CB  HB2  sing N N 259 
PRO CB  HB3  sing N N 260 
PRO CG  CD   sing N N 261 
PRO CG  HG2  sing N N 262 
PRO CG  HG3  sing N N 263 
PRO CD  HD2  sing N N 264 
PRO CD  HD3  sing N N 265 
PRO OXT HXT  sing N N 266 
SER N   CA   sing N N 267 
SER N   H    sing N N 268 
SER N   H2   sing N N 269 
SER CA  C    sing N N 270 
SER CA  CB   sing N N 271 
SER CA  HA   sing N N 272 
SER C   O    doub N N 273 
SER C   OXT  sing N N 274 
SER CB  OG   sing N N 275 
SER CB  HB2  sing N N 276 
SER CB  HB3  sing N N 277 
SER OG  HG   sing N N 278 
SER OXT HXT  sing N N 279 
THR N   CA   sing N N 280 
THR N   H    sing N N 281 
THR N   H2   sing N N 282 
THR CA  C    sing N N 283 
THR CA  CB   sing N N 284 
THR CA  HA   sing N N 285 
THR C   O    doub N N 286 
THR C   OXT  sing N N 287 
THR CB  OG1  sing N N 288 
THR CB  CG2  sing N N 289 
THR CB  HB   sing N N 290 
THR OG1 HG1  sing N N 291 
THR CG2 HG21 sing N N 292 
THR CG2 HG22 sing N N 293 
THR CG2 HG23 sing N N 294 
THR OXT HXT  sing N N 295 
TYR N   CA   sing N N 296 
TYR N   H    sing N N 297 
TYR N   H2   sing N N 298 
TYR CA  C    sing N N 299 
TYR CA  CB   sing N N 300 
TYR CA  HA   sing N N 301 
TYR C   O    doub N N 302 
TYR C   OXT  sing N N 303 
TYR CB  CG   sing N N 304 
TYR CB  HB2  sing N N 305 
TYR CB  HB3  sing N N 306 
TYR CG  CD1  doub Y N 307 
TYR CG  CD2  sing Y N 308 
TYR CD1 CE1  sing Y N 309 
TYR CD1 HD1  sing N N 310 
TYR CD2 CE2  doub Y N 311 
TYR CD2 HD2  sing N N 312 
TYR CE1 CZ   doub Y N 313 
TYR CE1 HE1  sing N N 314 
TYR CE2 CZ   sing Y N 315 
TYR CE2 HE2  sing N N 316 
TYR CZ  OH   sing N N 317 
TYR OH  HH   sing N N 318 
TYR OXT HXT  sing N N 319 
VAL N   CA   sing N N 320 
VAL N   H    sing N N 321 
VAL N   H2   sing N N 322 
VAL CA  C    sing N N 323 
VAL CA  CB   sing N N 324 
VAL CA  HA   sing N N 325 
VAL C   O    doub N N 326 
VAL C   OXT  sing N N 327 
VAL CB  CG1  sing N N 328 
VAL CB  CG2  sing N N 329 
VAL CB  HB   sing N N 330 
VAL CG1 HG11 sing N N 331 
VAL CG1 HG12 sing N N 332 
VAL CG1 HG13 sing N N 333 
VAL CG2 HG21 sing N N 334 
VAL CG2 HG22 sing N N 335 
VAL CG2 HG23 sing N N 336 
VAL OXT HXT  sing N N 337 
# 
_pdbx_audit_support.funding_organization   MEXT 
_pdbx_audit_support.country                Japan 
_pdbx_audit_support.grant_number           25121738 
_pdbx_audit_support.ordinal                1 
# 
_atom_sites.entry_id                    5AZW 
_atom_sites.fract_transf_matrix[1][1]   0.00821876 
_atom_sites.fract_transf_matrix[1][2]   -0.00220870 
_atom_sites.fract_transf_matrix[1][3]   0.01009330 
_atom_sites.fract_transf_matrix[2][1]   -0.01509207 
_atom_sites.fract_transf_matrix[2][2]   -0.02245002 
_atom_sites.fract_transf_matrix[2][3]   0.00737644 
_atom_sites.fract_transf_matrix[3][1]   0.01727116 
_atom_sites.fract_transf_matrix[3][2]   -0.01142338 
_atom_sites.fract_transf_matrix[3][3]   0.00056973 
_atom_sites.fract_transf_vector[1]      -0.135871 
_atom_sites.fract_transf_vector[2]      -0.506792 
_atom_sites.fract_transf_vector[3]      0.248283 
# 
loop_
_atom_type.symbol 
C 
N 
O 
S 
# 
loop_
_atom_site.group_PDB 
_atom_site.id 
_atom_site.type_symbol 
_atom_site.label_atom_id 
_atom_site.label_alt_id 
_atom_site.label_comp_id 
_atom_site.label_asym_id 
_atom_site.label_entity_id 
_atom_site.label_seq_id 
_atom_site.pdbx_PDB_ins_code 
_atom_site.Cartn_x 
_atom_site.Cartn_y 
_atom_site.Cartn_z 
_atom_site.occupancy 
_atom_site.B_iso_or_equiv 
_atom_site.pdbx_formal_charge 
_atom_site.auth_seq_id 
_atom_site.auth_comp_id 
_atom_site.auth_asym_id 
_atom_site.auth_atom_id 
_atom_site.pdbx_PDB_model_num 
ATOM   1    N N   . GLY A 1 2  ? 7.768   -4.123  23.023  1.00 32.45 ? 20  GLY A N   1 
ATOM   2    C CA  . GLY A 1 2  ? 6.607   -3.493  22.422  1.00 28.42 ? 20  GLY A CA  1 
ATOM   3    C C   . GLY A 1 2  ? 6.790   -3.278  20.932  1.00 22.95 ? 20  GLY A C   1 
ATOM   4    O O   . GLY A 1 2  ? 7.922   -3.276  20.437  1.00 25.10 ? 20  GLY A O   1 
ATOM   5    N N   . TYR A 1 3  ? 5.682   -3.090  20.215  1.00 23.57 ? 21  TYR A N   1 
ATOM   6    C CA  . TYR A 1 3  ? 5.726   -2.919  18.761  1.00 17.65 ? 21  TYR A CA  1 
ATOM   7    C C   . TYR A 1 3  ? 6.019   -1.475  18.365  1.00 15.46 ? 21  TYR A C   1 
ATOM   8    O O   . TYR A 1 3  ? 5.475   -0.529  18.949  1.00 16.42 ? 21  TYR A O   1 
ATOM   9    C CB  . TYR A 1 3  ? 4.411   -3.358  18.129  1.00 24.24 ? 21  TYR A CB  1 
ATOM   10   C CG  . TYR A 1 3  ? 4.131   -4.837  18.197  1.00 22.97 ? 21  TYR A CG  1 
ATOM   11   C CD1 . TYR A 1 3  ? 4.959   -5.752  17.566  1.00 22.76 ? 21  TYR A CD1 1 
ATOM   12   C CD2 . TYR A 1 3  ? 3.009   -5.317  18.861  1.00 28.29 ? 21  TYR A CD2 1 
ATOM   13   C CE1 . TYR A 1 3  ? 4.681   -7.103  17.604  1.00 24.78 ? 21  TYR A CE1 1 
ATOM   14   C CE2 . TYR A 1 3  ? 2.730   -6.666  18.908  1.00 30.79 ? 21  TYR A CE2 1 
ATOM   15   C CZ  . TYR A 1 3  ? 3.569   -7.553  18.279  1.00 30.74 ? 21  TYR A CZ  1 
ATOM   16   O OH  . TYR A 1 3  ? 3.294   -8.900  18.326  1.00 35.60 ? 21  TYR A OH  1 
ATOM   17   N N   . PHE A 1 4  ? 6.892   -1.301  17.375  1.00 13.77 ? 22  PHE A N   1 
ATOM   18   C CA  . PHE A 1 4  ? 7.276   0.034   16.939  1.00 13.83 ? 22  PHE A CA  1 
ATOM   19   C C   . PHE A 1 4  ? 7.694   0.013   15.476  1.00 14.31 ? 22  PHE A C   1 
ATOM   20   O O   . PHE A 1 4  ? 7.887   -1.044  14.864  1.00 14.68 ? 22  PHE A O   1 
ATOM   21   C CB  . PHE A 1 4  ? 8.417   0.610   17.784  1.00 14.85 ? 22  PHE A CB  1 
ATOM   22   C CG  . PHE A 1 4  ? 9.708   -0.107  17.600  1.00 13.60 ? 22  PHE A CG  1 
ATOM   23   C CD1 . PHE A 1 4  ? 10.658  0.328   16.672  1.00 17.17 ? 22  PHE A CD1 1 
ATOM   24   C CD2 . PHE A 1 4  ? 9.975   -1.252  18.342  1.00 17.31 ? 22  PHE A CD2 1 
ATOM   25   C CE1 . PHE A 1 4  ? 11.842  -0.365  16.499  1.00 17.87 ? 22  PHE A CE1 1 
ATOM   26   C CE2 . PHE A 1 4  ? 11.154  -1.939  18.173  1.00 17.87 ? 22  PHE A CE2 1 
ATOM   27   C CZ  . PHE A 1 4  ? 12.082  -1.505  17.253  1.00 16.43 ? 22  PHE A CZ  1 
ATOM   28   N N   . VAL A 1 5  ? 7.846   1.212   14.923  1.00 13.97 ? 23  VAL A N   1 
ATOM   29   C CA  . VAL A 1 5  ? 8.370   1.378   13.577  1.00 15.49 ? 23  VAL A CA  1 
ATOM   30   C C   . VAL A 1 5  ? 9.355   2.543   13.564  1.00 17.49 ? 23  VAL A C   1 
ATOM   31   O O   . VAL A 1 5  ? 9.198   3.531   14.291  1.00 16.79 ? 23  VAL A O   1 
ATOM   32   C CB  . VAL A 1 5  ? 7.230   1.594   12.558  1.00 15.40 ? 23  VAL A CB  1 
ATOM   33   C CG1 . VAL A 1 5  ? 6.408   2.799   12.931  1.00 15.92 ? 23  VAL A CG1 1 
ATOM   34   C CG2 . VAL A 1 5  ? 7.789   1.722   11.136  1.00 17.46 ? 23  VAL A CG2 1 
ATOM   35   N N   . SER A 1 6  ? 10.386  2.410   12.738  1.00 19.54 ? 24  SER A N   1 
ATOM   36   C CA  . SER A 1 6  ? 11.390  3.438   12.518  1.00 19.25 ? 24  SER A CA  1 
ATOM   37   C C   . SER A 1 6  ? 11.160  4.073   11.151  1.00 18.52 ? 24  SER A C   1 
ATOM   38   O O   . SER A 1 6  ? 11.082  3.358   10.148  1.00 21.28 ? 24  SER A O   1 
ATOM   39   C CB  . SER A 1 6  ? 12.783  2.813   12.595  1.00 24.09 ? 24  SER A CB  1 
ATOM   40   O OG  . SER A 1 6  ? 13.793  3.744   12.261  1.00 26.28 ? 24  SER A OG  1 
ATOM   41   N N   . ILE A 1 7  ? 11.059  5.401   11.103  1.00 19.34 ? 25  ILE A N   1 
ATOM   42   C CA  . ILE A 1 7  ? 10.682  6.116   9.884   1.00 20.06 ? 25  ILE A CA  1 
ATOM   43   C C   . ILE A 1 7  ? 11.766  7.137   9.564   1.00 23.44 ? 25  ILE A C   1 
ATOM   44   O O   . ILE A 1 7  ? 11.893  8.151   10.261  1.00 24.66 ? 25  ILE A O   1 
ATOM   45   C CB  . ILE A 1 7  ? 9.315   6.806   10.005  1.00 22.15 ? 25  ILE A CB  1 
ATOM   46   C CG1 . ILE A 1 7  ? 8.263   5.838   10.537  1.00 22.76 ? 25  ILE A CG1 1 
ATOM   47   C CG2 . ILE A 1 7  ? 8.861   7.333   8.652   1.00 22.87 ? 25  ILE A CG2 1 
ATOM   48   C CD1 . ILE A 1 7  ? 7.655   6.276   11.825  1.00 20.42 ? 25  ILE A CD1 1 
ATOM   49   N N   . ASP A 1 8  ? 12.496  6.903   8.475   1.00 26.15 ? 26  ASP A N   1 
ATOM   50   C CA  . ASP A 1 8  ? 13.545  7.815   8.031   1.00 25.80 ? 26  ASP A CA  1 
ATOM   51   C C   . ASP A 1 8  ? 12.956  9.138   7.539   1.00 28.73 ? 26  ASP A C   1 
ATOM   52   O O   . ASP A 1 8  ? 11.756  9.266   7.276   1.00 26.92 ? 26  ASP A O   1 
ATOM   53   C CB  . ASP A 1 8  ? 14.373  7.182   6.913   1.00 30.12 ? 26  ASP A CB  1 
ATOM   54   C CG  . ASP A 1 8  ? 15.200  5.996   7.384   1.00 33.87 ? 26  ASP A CG  1 
ATOM   55   O OD1 . ASP A 1 8  ? 15.515  5.913   8.589   1.00 34.35 ? 26  ASP A OD1 1 
ATOM   56   O OD2 . ASP A 1 8  ? 15.554  5.150   6.534   1.00 41.47 ? 26  ASP A OD2 1 
ATOM   57   N N   . ALA A 1 9  ? 13.840  10.124  7.383   1.00 28.32 ? 27  ALA A N   1 
ATOM   58   C CA  . ALA A 1 9  ? 13.447  11.441  6.900   1.00 28.79 ? 27  ALA A CA  1 
ATOM   59   C C   . ALA A 1 9  ? 12.766  11.341  5.545   1.00 27.41 ? 27  ALA A C   1 
ATOM   60   O O   . ALA A 1 9  ? 13.250  10.649  4.644   1.00 30.87 ? 27  ALA A O   1 
ATOM   61   C CB  . ALA A 1 9  ? 14.674  12.351  6.796   1.00 30.80 ? 27  ALA A CB  1 
ATOM   62   N N   . HIS A 1 10 ? 11.631  12.030  5.409   1.00 27.84 ? 28  HIS A N   1 
ATOM   63   C CA  . HIS A 1 10 ? 10.886  12.097  4.151   1.00 30.89 ? 28  HIS A CA  1 
ATOM   64   C C   . HIS A 1 10 ? 10.510  10.707  3.650   1.00 29.40 ? 28  HIS A C   1 
ATOM   65   O O   . HIS A 1 10 ? 10.533  10.422  2.452   1.00 35.15 ? 28  HIS A O   1 
ATOM   66   C CB  . HIS A 1 10 ? 11.673  12.887  3.106   1.00 33.74 ? 28  HIS A CB  1 
ATOM   67   C CG  . HIS A 1 10 ? 12.030  14.262  3.567   1.00 33.00 ? 28  HIS A CG  1 
ATOM   68   N ND1 . HIS A 1 10 ? 11.074  15.197  3.908   1.00 35.00 ? 28  HIS A ND1 1 
ATOM   69   C CD2 . HIS A 1 10 ? 13.229  14.851  3.787   1.00 34.37 ? 28  HIS A CD2 1 
ATOM   70   C CE1 . HIS A 1 10 ? 11.671  16.308  4.299   1.00 35.17 ? 28  HIS A CE1 1 
ATOM   71   N NE2 . HIS A 1 10 ? 12.978  16.124  4.237   1.00 36.90 ? 28  HIS A NE2 1 
ATOM   72   N N   . ALA A 1 11 ? 10.145  9.837   4.585   1.00 27.46 ? 29  ALA A N   1 
ATOM   73   C CA  . ALA A 1 11 ? 9.818   8.454   4.292   1.00 27.11 ? 29  ALA A CA  1 
ATOM   74   C C   . ALA A 1 11 ? 8.465   8.117   4.894   1.00 23.59 ? 29  ALA A C   1 
ATOM   75   O O   . ALA A 1 11 ? 7.952   8.822   5.766   1.00 25.12 ? 29  ALA A O   1 
ATOM   76   C CB  . ALA A 1 11 ? 10.877  7.489   4.837   1.00 26.12 ? 29  ALA A CB  1 
ATOM   77   N N   . GLU A 1 12 ? 7.902   7.017   4.410   1.00 24.05 ? 30  GLU A N   1 
ATOM   78   C CA  . GLU A 1 12 ? 6.631   6.493   4.878   1.00 23.70 ? 30  GLU A CA  1 
ATOM   79   C C   . GLU A 1 12 ? 6.802   5.006   5.135   1.00 23.04 ? 30  GLU A C   1 
ATOM   80   O O   . GLU A 1 12 ? 7.420   4.298   4.334   1.00 25.44 ? 30  GLU A O   1 
ATOM   81   C CB  . GLU A 1 12 ? 5.518   6.740   3.851   1.00 25.25 ? 30  GLU A CB  1 
ATOM   82   C CG  . GLU A 1 12 ? 4.127   6.334   4.319   1.00 27.60 ? 30  GLU A CG  1 
ATOM   83   C CD  . GLU A 1 12 ? 3.043   6.703   3.320   1.00 33.96 ? 30  GLU A CD  1 
ATOM   84   O OE1 . GLU A 1 12 ? 3.234   6.454   2.109   1.00 35.95 ? 30  GLU A OE1 1 
ATOM   85   O OE2 . GLU A 1 12 ? 1.996   7.237   3.751   1.00 36.35 ? 30  GLU A OE2 1 
ATOM   86   N N   . GLU A 1 13 ? 6.280   4.530   6.266   1.00 18.40 ? 31  GLU A N   1 
ATOM   87   C CA  . GLU A 1 13 ? 6.272   3.108   6.577   1.00 19.25 ? 31  GLU A CA  1 
ATOM   88   C C   . GLU A 1 13 ? 4.836   2.673   6.792   1.00 16.88 ? 31  GLU A C   1 
ATOM   89   O O   . GLU A 1 13 ? 4.102   3.311   7.555   1.00 16.84 ? 31  GLU A O   1 
ATOM   90   C CB  . GLU A 1 13 ? 7.115   2.788   7.816   1.00 17.77 ? 31  GLU A CB  1 
ATOM   91   C CG  . GLU A 1 13 ? 8.603   3.111   7.632   1.00 18.97 ? 31  GLU A CG  1 
ATOM   92   C CD  . GLU A 1 13 ? 9.297   2.232   6.601   1.00 24.00 ? 31  GLU A CD  1 
ATOM   93   O OE1 . GLU A 1 13 ? 8.746   1.179   6.203   1.00 25.27 ? 31  GLU A OE1 1 
ATOM   94   O OE2 . GLU A 1 13 ? 10.416  2.604   6.175   1.00 30.83 ? 31  GLU A OE2 1 
ATOM   95   N N   . CYS A 1 14 ? 4.437   1.598   6.121   1.00 15.60 ? 32  CYS A N   1 
ATOM   96   C CA  . CYS A 1 14 ? 3.052   1.156   6.118   1.00 17.09 ? 32  CYS A CA  1 
ATOM   97   C C   . CYS A 1 14 ? 2.914   -0.273  6.617   1.00 15.36 ? 32  CYS A C   1 
ATOM   98   O O   . CYS A 1 14 ? 3.815   -1.108  6.463   1.00 14.71 ? 32  CYS A O   1 
ATOM   99   C CB  . CYS A 1 14 ? 2.433   1.228   4.721   1.00 19.14 ? 32  CYS A CB  1 
ATOM   100  S SG  . CYS A 1 14 ? 2.398   2.894   4.022   1.00 25.61 ? 32  CYS A SG  1 
ATOM   101  N N   . PHE A 1 15 ? 1.747   -0.546  7.183   1.00 13.72 ? 33  PHE A N   1 
ATOM   102  C CA  . PHE A 1 15 ? 1.372   -1.841  7.705   1.00 12.18 ? 33  PHE A CA  1 
ATOM   103  C C   . PHE A 1 15 ? -0.026  -2.195  7.220   1.00 12.97 ? 33  PHE A C   1 
ATOM   104  O O   . PHE A 1 15 ? -0.860  -1.323  6.992   1.00 14.26 ? 33  PHE A O   1 
ATOM   105  C CB  . PHE A 1 15 ? 1.473   -1.812  9.241   1.00 12.41 ? 33  PHE A CB  1 
ATOM   106  C CG  . PHE A 1 15 ? 2.846   -1.468  9.709   1.00 13.97 ? 33  PHE A CG  1 
ATOM   107  C CD1 . PHE A 1 15 ? 3.797   -2.462  9.842   1.00 12.71 ? 33  PHE A CD1 1 
ATOM   108  C CD2 . PHE A 1 15 ? 3.230   -0.147  9.912   1.00 13.95 ? 33  PHE A CD2 1 
ATOM   109  C CE1 . PHE A 1 15 ? 5.092   -2.167  10.217  1.00 13.29 ? 33  PHE A CE1 1 
ATOM   110  C CE2 . PHE A 1 15 ? 4.538   0.156   10.284  1.00 14.54 ? 33  PHE A CE2 1 
ATOM   111  C CZ  . PHE A 1 15 ? 5.462   -0.863  10.447  1.00 14.58 ? 33  PHE A CZ  1 
ATOM   112  N N   . PHE A 1 16 ? -0.280  -3.485  7.064   1.00 13.75 ? 34  PHE A N   1 
ATOM   113  C CA  . PHE A 1 16 ? -1.455  -3.934  6.327   1.00 14.13 ? 34  PHE A CA  1 
ATOM   114  C C   . PHE A 1 16 ? -2.210  -4.989  7.113   1.00 15.09 ? 34  PHE A C   1 
ATOM   115  O O   . PHE A 1 16 ? -1.606  -5.819  7.793   1.00 18.76 ? 34  PHE A O   1 
ATOM   116  C CB  . PHE A 1 16 ? -1.035  -4.499  4.970   1.00 16.11 ? 34  PHE A CB  1 
ATOM   117  C CG  . PHE A 1 16 ? -0.220  -3.548  4.153   1.00 14.29 ? 34  PHE A CG  1 
ATOM   118  C CD1 . PHE A 1 16 ? -0.830  -2.653  3.306   1.00 15.60 ? 34  PHE A CD1 1 
ATOM   119  C CD2 . PHE A 1 16 ? 1.169   -3.554  4.232   1.00 15.87 ? 34  PHE A CD2 1 
ATOM   120  C CE1 . PHE A 1 16 ? -0.102  -1.777  2.563   1.00 16.39 ? 34  PHE A CE1 1 
ATOM   121  C CE2 . PHE A 1 16 ? 1.908   -2.688  3.488   1.00 16.63 ? 34  PHE A CE2 1 
ATOM   122  C CZ  . PHE A 1 16 ? 1.282   -1.788  2.644   1.00 18.01 ? 34  PHE A CZ  1 
ATOM   123  N N   . GLU A 1 17 ? -3.544  -4.961  7.008   1.00 15.44 ? 35  GLU A N   1 
ATOM   124  C CA  . GLU A 1 17 ? -4.392  -5.983  7.596   1.00 17.00 ? 35  GLU A CA  1 
ATOM   125  C C   . GLU A 1 17 ? -5.498  -6.299  6.602   1.00 17.57 ? 35  GLU A C   1 
ATOM   126  O O   . GLU A 1 17 ? -6.051  -5.389  5.985   1.00 18.09 ? 35  GLU A O   1 
ATOM   127  C CB  . GLU A 1 17 ? -5.003  -5.514  8.934   1.00 19.57 ? 35  GLU A CB  1 
ATOM   128  C CG  . GLU A 1 17 ? -3.994  -5.111  10.002  1.00 23.56 ? 35  GLU A CG  1 
ATOM   129  C CD  . GLU A 1 17 ? -3.400  -6.301  10.736  1.00 27.61 ? 35  GLU A CD  1 
ATOM   130  O OE1 . GLU A 1 17 ? -3.932  -7.430  10.587  1.00 28.66 ? 35  GLU A OE1 1 
ATOM   131  O OE2 . GLU A 1 17 ? -2.395  -6.112  11.460  1.00 27.18 ? 35  GLU A OE2 1 
ATOM   132  N N   . ARG A 1 18 ? -5.804  -7.583  6.431   1.00 18.93 ? 36  ARG A N   1 
ATOM   133  C CA  . ARG A 1 18 ? -6.933  -8.003  5.607   1.00 20.94 ? 36  ARG A CA  1 
ATOM   134  C C   . ARG A 1 18 ? -8.073  -8.412  6.521   1.00 21.85 ? 36  ARG A C   1 
ATOM   135  O O   . ARG A 1 18 ? -7.901  -9.291  7.373   1.00 25.00 ? 36  ARG A O   1 
ATOM   136  C CB  . ARG A 1 18 ? -6.562  -9.169  4.694   1.00 24.06 ? 36  ARG A CB  1 
ATOM   137  C CG  . ARG A 1 18 ? -7.794  -9.749  4.025   1.00 25.32 ? 36  ARG A CG  1 
ATOM   138  C CD  . ARG A 1 18 ? -7.490  -10.902 3.092   1.00 28.08 ? 36  ARG A CD  1 
ATOM   139  N NE  . ARG A 1 18 ? -8.483  -10.918 2.025   1.00 30.85 ? 36  ARG A NE  1 
ATOM   140  C CZ  . ARG A 1 18 ? -8.415  -10.136 0.956   1.00 23.12 ? 36  ARG A CZ  1 
ATOM   141  N NH1 . ARG A 1 18 ? -7.387  -9.307  0.823   1.00 28.34 ? 36  ARG A NH1 1 
ATOM   142  N NH2 . ARG A 1 18 ? -9.356  -10.180 0.026   1.00 30.60 ? 36  ARG A NH2 1 
ATOM   143  N N   . VAL A 1 19 ? -9.240  -7.779  6.351   1.00 21.00 ? 37  VAL A N   1 
ATOM   144  C CA  . VAL A 1 19 ? -10.375 -8.046  7.224   1.00 24.80 ? 37  VAL A CA  1 
ATOM   145  C C   . VAL A 1 19 ? -11.676 -8.084  6.438   1.00 25.05 ? 37  VAL A C   1 
ATOM   146  O O   . VAL A 1 19 ? -11.765 -7.612  5.302   1.00 24.76 ? 37  VAL A O   1 
ATOM   147  C CB  . VAL A 1 19 ? -10.500 -7.005  8.346   1.00 25.60 ? 37  VAL A CB  1 
ATOM   148  C CG1 . VAL A 1 19 ? -9.268  -7.032  9.222   1.00 23.58 ? 37  VAL A CG1 1 
ATOM   149  C CG2 . VAL A 1 19 ? -10.725 -5.633  7.760   1.00 20.60 ? 37  VAL A CG2 1 
ATOM   150  N N   . THR A 1 20 ? -12.695 -8.636  7.089   1.00 26.57 ? 38  THR A N   1 
ATOM   151  C CA  . THR A 1 20 ? -14.038 -8.708  6.540   1.00 25.85 ? 38  THR A CA  1 
ATOM   152  C C   . THR A 1 20 ? -14.876 -7.516  6.989   1.00 23.53 ? 38  THR A C   1 
ATOM   153  O O   . THR A 1 20 ? -14.650 -6.931  8.053   1.00 23.69 ? 38  THR A O   1 
ATOM   154  C CB  . THR A 1 20 ? -14.721 -10.003 6.973   1.00 26.08 ? 38  THR A CB  1 
ATOM   155  O OG1 . THR A 1 20 ? -14.725 -10.075 8.401   1.00 31.14 ? 38  THR A OG1 1 
ATOM   156  C CG2 . THR A 1 20 ? -13.970 -11.203 6.413   1.00 30.44 ? 38  THR A CG2 1 
ATOM   157  N N   . SER A 1 21 ? -15.862 -7.175  6.162   1.00 22.98 ? 39  SER A N   1 
ATOM   158  C CA  . SER A 1 21 ? -16.768 -6.071  6.452   1.00 21.16 ? 39  SER A CA  1 
ATOM   159  C C   . SER A 1 21 ? -17.389 -6.225  7.837   1.00 22.98 ? 39  SER A C   1 
ATOM   160  O O   . SER A 1 21 ? -17.795 -7.318  8.238   1.00 26.16 ? 39  SER A O   1 
ATOM   161  C CB  . SER A 1 21 ? -17.865 -6.016  5.380   1.00 23.55 ? 39  SER A CB  1 
ATOM   162  O OG  . SER A 1 21 ? -18.497 -4.758  5.361   1.00 26.62 ? 39  SER A OG  1 
ATOM   163  N N   . GLY A 1 22 ? -17.464 -5.118  8.573   1.00 21.41 ? 40  GLY A N   1 
ATOM   164  C CA  . GLY A 1 22 ? -18.047 -5.130  9.894   1.00 21.29 ? 40  GLY A CA  1 
ATOM   165  C C   . GLY A 1 22 ? -17.077 -5.416  11.021  1.00 19.94 ? 40  GLY A C   1 
ATOM   166  O O   . GLY A 1 22 ? -17.499 -5.422  12.188  1.00 23.84 ? 40  GLY A O   1 
ATOM   167  N N   . THR A 1 23 ? -15.808 -5.646  10.706  1.00 23.60 ? 41  THR A N   1 
ATOM   168  C CA  . THR A 1 23 ? -14.804 -5.953  11.717  1.00 27.06 ? 41  THR A CA  1 
ATOM   169  C C   . THR A 1 23 ? -14.251 -4.669  12.311  1.00 23.14 ? 41  THR A C   1 
ATOM   170  O O   . THR A 1 23 ? -13.861 -3.755  11.576  1.00 23.04 ? 41  THR A O   1 
ATOM   171  C CB  . THR A 1 23 ? -13.657 -6.762  11.120  1.00 27.86 ? 41  THR A CB  1 
ATOM   172  O OG1 . THR A 1 23 ? -14.162 -7.969  10.535  1.00 32.82 ? 41  THR A OG1 1 
ATOM   173  C CG2 . THR A 1 23 ? -12.650 -7.117  12.210  1.00 29.11 ? 41  THR A CG2 1 
ATOM   174  N N   . LYS A 1 24 ? -14.206 -4.611  13.637  1.00 23.01 ? 42  LYS A N   1 
ATOM   175  C CA  . LYS A 1 24 ? -13.625 -3.464  14.320  1.00 23.50 ? 42  LYS A CA  1 
ATOM   176  C C   . LYS A 1 24 ? -12.110 -3.487  14.181  1.00 22.64 ? 42  LYS A C   1 
ATOM   177  O O   . LYS A 1 24 ? -11.475 -4.543  14.266  1.00 23.76 ? 42  LYS A O   1 
ATOM   178  C CB  . LYS A 1 24 ? -14.035 -3.462  15.794  1.00 23.19 ? 42  LYS A CB  1 
ATOM   179  C CG  . LYS A 1 24 ? -13.705 -2.162  16.515  1.00 28.51 ? 42  LYS A CG  1 
ATOM   180  C CD  . LYS A 1 24 ? -14.660 -1.863  17.662  1.00 28.31 ? 42  LYS A CD  1 
ATOM   181  C CE  . LYS A 1 24 ? -14.682 -2.985  18.679  1.00 35.19 ? 42  LYS A CE  1 
ATOM   182  N NZ  . LYS A 1 24 ? -13.313 -3.329  19.137  1.00 37.57 ? 42  LYS A NZ  1 
ATOM   183  N N   . MET A 1 25 ? -11.530 -2.314  13.918  1.00 20.40 ? 43  MET A N   1 
ATOM   184  C CA  . MET A 1 25 ? -10.085 -2.166  13.786  1.00 20.89 ? 43  MET A CA  1 
ATOM   185  C C   . MET A 1 25 ? -9.639  -0.986  14.624  1.00 19.21 ? 43  MET A C   1 
ATOM   186  O O   . MET A 1 25 ? -10.262 0.076   14.581  1.00 21.15 ? 43  MET A O   1 
ATOM   187  C CB  . MET A 1 25 ? -9.670  -1.964  12.327  1.00 24.05 ? 43  MET A CB  1 
ATOM   188  C CG  . MET A 1 25 ? -9.652  -3.258  11.532  1.00 27.62 ? 43  MET A CG  1 
ATOM   189  S SD  . MET A 1 25 ? -9.164  -3.006  9.822   1.00 35.25 ? 43  MET A SD  1 
ATOM   190  C CE  . MET A 1 25 ? -10.690 -2.312  9.296   1.00 22.64 ? 43  MET A CE  1 
ATOM   191  N N   . GLY A 1 26 ? -8.571  -1.170  15.390  1.00 17.88 ? 44  GLY A N   1 
ATOM   192  C CA  . GLY A 1 26 ? -8.122  -0.112  16.264  1.00 18.61 ? 44  GLY A CA  1 
ATOM   193  C C   . GLY A 1 26 ? -6.646  0.155   16.110  1.00 17.71 ? 44  GLY A C   1 
ATOM   194  O O   . GLY A 1 26 ? -5.831  -0.772  16.154  1.00 21.12 ? 44  GLY A O   1 
ATOM   195  N N   . LEU A 1 27 ? -6.296  1.422   15.950  1.00 19.14 ? 45  LEU A N   1 
ATOM   196  C CA  . LEU A 1 27 ? -4.910  1.870   15.944  1.00 13.84 ? 45  LEU A CA  1 
ATOM   197  C C   . LEU A 1 27 ? -4.640  2.664   17.211  1.00 15.22 ? 45  LEU A C   1 
ATOM   198  O O   . LEU A 1 27 ? -5.409  3.564   17.560  1.00 17.22 ? 45  LEU A O   1 
ATOM   199  C CB  . LEU A 1 27 ? -4.636  2.734   14.716  1.00 16.00 ? 45  LEU A CB  1 
ATOM   200  C CG  . LEU A 1 27 ? -3.276  3.425   14.666  1.00 16.09 ? 45  LEU A CG  1 
ATOM   201  C CD1 . LEU A 1 27 ? -2.161  2.416   14.522  1.00 18.21 ? 45  LEU A CD1 1 
ATOM   202  C CD2 . LEU A 1 27 ? -3.258  4.462   13.524  1.00 18.94 ? 45  LEU A CD2 1 
ATOM   203  N N   . ILE A 1 28 ? -3.555  2.337   17.900  1.00 12.73 ? 46  ILE A N   1 
ATOM   204  C CA  . ILE A 1 28 ? -3.041  3.159   18.988  1.00 12.59 ? 46  ILE A CA  1 
ATOM   205  C C   . ILE A 1 28 ? -1.597  3.475   18.658  1.00 11.71 ? 46  ILE A C   1 
ATOM   206  O O   . ILE A 1 28 ? -0.859  2.585   18.244  1.00 12.02 ? 46  ILE A O   1 
ATOM   207  C CB  . ILE A 1 28 ? -3.123  2.449   20.352  1.00 13.91 ? 46  ILE A CB  1 
ATOM   208  C CG1 . ILE A 1 28 ? -4.538  1.937   20.597  1.00 18.03 ? 46  ILE A CG1 1 
ATOM   209  C CG2 . ILE A 1 28 ? -2.711  3.393   21.469  1.00 16.95 ? 46  ILE A CG2 1 
ATOM   210  C CD1 . ILE A 1 28 ? -4.673  1.175   21.874  1.00 20.21 ? 46  ILE A CD1 1 
ATOM   211  N N   . PHE A 1 29 ? -1.178  4.722   18.854  1.00 11.72 ? 47  PHE A N   1 
ATOM   212  C CA  . PHE A 1 29 ? 0.227   5.031   18.602  1.00 12.68 ? 47  PHE A CA  1 
ATOM   213  C C   . PHE A 1 29 ? 0.698   6.131   19.542  1.00 13.74 ? 47  PHE A C   1 
ATOM   214  O O   . PHE A 1 29 ? -0.100  6.909   20.076  1.00 14.91 ? 47  PHE A O   1 
ATOM   215  C CB  . PHE A 1 29 ? 0.477   5.436   17.139  1.00 12.48 ? 47  PHE A CB  1 
ATOM   216  C CG  . PHE A 1 29 ? -0.142  6.745   16.758  1.00 13.03 ? 47  PHE A CG  1 
ATOM   217  C CD1 . PHE A 1 29 ? 0.581   7.916   16.855  1.00 15.79 ? 47  PHE A CD1 1 
ATOM   218  C CD2 . PHE A 1 29 ? -1.455  6.796   16.305  1.00 14.28 ? 47  PHE A CD2 1 
ATOM   219  C CE1 . PHE A 1 29 ? -0.004  9.142   16.508  1.00 16.58 ? 47  PHE A CE1 1 
ATOM   220  C CE2 . PHE A 1 29 ? -2.045  8.004   15.956  1.00 17.68 ? 47  PHE A CE2 1 
ATOM   221  C CZ  . PHE A 1 29 ? -1.316  9.177   16.055  1.00 18.82 ? 47  PHE A CZ  1 
ATOM   222  N N   . GLU A 1 30 ? 2.013   6.169   19.738  1.00 13.00 ? 48  GLU A N   1 
ATOM   223  C CA  . GLU A 1 30 ? 2.687   7.149   20.583  1.00 14.84 ? 48  GLU A CA  1 
ATOM   224  C C   . GLU A 1 30 ? 4.109   7.289   20.070  1.00 15.49 ? 48  GLU A C   1 
ATOM   225  O O   . GLU A 1 30 ? 4.819   6.291   19.945  1.00 14.68 ? 48  GLU A O   1 
ATOM   226  C CB  . GLU A 1 30 ? 2.729   6.725   22.057  1.00 18.07 ? 48  GLU A CB  1 
ATOM   227  C CG  . GLU A 1 30 ? 1.421   6.381   22.735  1.00 26.55 ? 48  GLU A CG  1 
ATOM   228  C CD  . GLU A 1 30 ? 1.619   6.051   24.201  1.00 31.70 ? 48  GLU A CD  1 
ATOM   229  O OE1 . GLU A 1 30 ? 2.791   5.991   24.637  1.00 35.13 ? 48  GLU A OE1 1 
ATOM   230  O OE2 . GLU A 1 30 ? 0.608   5.855   24.910  1.00 37.48 ? 48  GLU A OE2 1 
ATOM   231  N N   . VAL A 1 31 ? 4.540   8.515   19.791  1.00 13.74 ? 49  VAL A N   1 
ATOM   232  C CA  . VAL A 1 31 ? 5.940   8.721   19.428  1.00 15.05 ? 49  VAL A CA  1 
ATOM   233  C C   . VAL A 1 31 ? 6.824   8.394   20.623  1.00 15.82 ? 49  VAL A C   1 
ATOM   234  O O   . VAL A 1 31 ? 6.511   8.749   21.769  1.00 17.24 ? 49  VAL A O   1 
ATOM   235  C CB  . VAL A 1 31 ? 6.169   10.161  18.939  1.00 17.93 ? 49  VAL A CB  1 
ATOM   236  C CG1 . VAL A 1 31 ? 7.640   10.390  18.622  1.00 17.90 ? 49  VAL A CG1 1 
ATOM   237  C CG2 . VAL A 1 31 ? 5.289   10.463  17.716  1.00 17.25 ? 49  VAL A CG2 1 
ATOM   238  N N   . ALA A 1 32 ? 7.917   7.681   20.362  1.00 14.44 ? 50  ALA A N   1 
ATOM   239  C CA  . ALA A 1 32 ? 8.798   7.224   21.421  1.00 15.35 ? 50  ALA A CA  1 
ATOM   240  C C   . ALA A 1 32 ? 9.618   8.386   21.974  1.00 13.68 ? 50  ALA A C   1 
ATOM   241  O O   . ALA A 1 32 ? 9.669   9.480   21.406  1.00 15.00 ? 50  ALA A O   1 
ATOM   242  C CB  . ALA A 1 32 ? 9.727   6.129   20.896  1.00 15.95 ? 50  ALA A CB  1 
ATOM   243  N N   . GLU A 1 33 ? 10.284  8.121   23.094  1.00 16.00 ? 51  GLU A N   1 
ATOM   244  C CA  . GLU A 1 33 ? 11.242  9.069   23.643  1.00 16.75 ? 51  GLU A CA  1 
ATOM   245  C C   . GLU A 1 33 ? 12.358  9.360   22.649  1.00 17.10 ? 51  GLU A C   1 
ATOM   246  O O   . GLU A 1 33 ? 12.797  8.483   21.897  1.00 17.33 ? 51  GLU A O   1 
ATOM   247  C CB  . GLU A 1 33 ? 11.841  8.534   24.936  1.00 18.98 ? 51  GLU A CB  1 
ATOM   248  C CG  . GLU A 1 33 ? 10.867  8.520   26.075  1.00 21.29 ? 51  GLU A CG  1 
ATOM   249  C CD  . GLU A 1 33 ? 11.490  7.982   27.348  1.00 24.90 ? 51  GLU A CD  1 
ATOM   250  O OE1 . GLU A 1 33 ? 12.724  8.103   27.518  1.00 28.83 ? 51  GLU A OE1 1 
ATOM   251  O OE2 . GLU A 1 33 ? 10.740  7.431   28.169  1.00 31.55 ? 51  GLU A OE2 1 
ATOM   252  N N   . GLY A 1 34 ? 12.829  10.595  22.666  1.00 16.09 ? 52  GLY A N   1 
ATOM   253  C CA  . GLY A 1 34 ? 13.831  11.051  21.725  1.00 14.35 ? 52  GLY A CA  1 
ATOM   254  C C   . GLY A 1 34 ? 13.657  12.523  21.421  1.00 17.85 ? 52  GLY A C   1 
ATOM   255  O O   . GLY A 1 34 ? 12.975  13.239  22.140  1.00 15.50 ? 52  GLY A O   1 
ATOM   256  N N   . GLY A 1 35 ? 14.272  12.958  20.326  1.00 18.40 ? 53  GLY A N   1 
ATOM   257  C CA  . GLY A 1 35 ? 14.263  14.356  19.942  1.00 15.63 ? 53  GLY A CA  1 
ATOM   258  C C   . GLY A 1 35 ? 13.060  14.824  19.165  1.00 21.17 ? 53  GLY A C   1 
ATOM   259  O O   . GLY A 1 35 ? 12.928  16.021  18.894  1.00 27.20 ? 53  GLY A O   1 
ATOM   260  N N   . PHE A 1 36 ? 12.174  13.918  18.785  1.00 20.80 ? 54  PHE A N   1 
ATOM   261  C CA  . PHE A 1 36 ? 11.027  14.272  17.968  1.00 21.06 ? 54  PHE A CA  1 
ATOM   262  C C   . PHE A 1 36 ? 9.756   14.048  18.767  1.00 21.86 ? 54  PHE A C   1 
ATOM   263  O O   . PHE A 1 36 ? 9.682   13.139  19.599  1.00 24.58 ? 54  PHE A O   1 
ATOM   264  C CB  . PHE A 1 36 ? 10.998  13.453  16.677  1.00 25.36 ? 54  PHE A CB  1 
ATOM   265  C CG  . PHE A 1 36 ? 12.342  13.309  16.025  1.00 25.80 ? 54  PHE A CG  1 
ATOM   266  C CD1 . PHE A 1 36 ? 12.938  14.387  15.390  1.00 27.61 ? 54  PHE A CD1 1 
ATOM   267  C CD2 . PHE A 1 36 ? 13.014  12.098  16.057  1.00 27.31 ? 54  PHE A CD2 1 
ATOM   268  C CE1 . PHE A 1 36 ? 14.186  14.265  14.796  1.00 29.94 ? 54  PHE A CE1 1 
ATOM   269  C CE2 . PHE A 1 36 ? 14.264  11.961  15.460  1.00 30.60 ? 54  PHE A CE2 1 
ATOM   270  C CZ  . PHE A 1 36 ? 14.849  13.047  14.830  1.00 30.92 ? 54  PHE A CZ  1 
ATOM   271  N N   . LEU A 1 37 ? 8.749   14.885  18.508  1.00 18.61 ? 55  LEU A N   1 
ATOM   272  C CA  . LEU A 1 37 ? 7.525   14.854  19.293  1.00 17.64 ? 55  LEU A CA  1 
ATOM   273  C C   . LEU A 1 37 ? 6.307   14.336  18.545  1.00 20.87 ? 55  LEU A C   1 
ATOM   274  O O   . LEU A 1 37 ? 5.332   13.958  19.200  1.00 20.37 ? 55  LEU A O   1 
ATOM   275  C CB  . LEU A 1 37 ? 7.210   16.258  19.832  1.00 20.36 ? 55  LEU A CB  1 
ATOM   276  C CG  . LEU A 1 37 ? 8.255   16.830  20.791  1.00 20.13 ? 55  LEU A CG  1 
ATOM   277  C CD1 . LEU A 1 37 ? 7.800   18.180  21.297  1.00 20.71 ? 55  LEU A CD1 1 
ATOM   278  C CD2 . LEU A 1 37 ? 8.515   15.895  21.970  1.00 20.63 ? 55  LEU A CD2 1 
ATOM   279  N N   . ASP A 1 38 ? 6.316   14.313  17.213  1.00 20.17 ? 56  ASP A N   1 
ATOM   280  C CA  . ASP A 1 38 ? 5.092   13.959  16.509  1.00 20.01 ? 56  ASP A CA  1 
ATOM   281  C C   . ASP A 1 38 ? 5.385   13.252  15.190  1.00 21.84 ? 56  ASP A C   1 
ATOM   282  O O   . ASP A 1 38 ? 6.524   13.191  14.717  1.00 20.59 ? 56  ASP A O   1 
ATOM   283  C CB  . ASP A 1 38 ? 4.222   15.194  16.270  1.00 24.13 ? 56  ASP A CB  1 
ATOM   284  C CG  . ASP A 1 38 ? 4.994   16.326  15.677  1.00 27.03 ? 56  ASP A CG  1 
ATOM   285  O OD1 . ASP A 1 38 ? 5.388   16.211  14.502  1.00 29.42 ? 56  ASP A OD1 1 
ATOM   286  O OD2 . ASP A 1 38 ? 5.203   17.338  16.382  1.00 33.93 ? 56  ASP A OD2 1 
ATOM   287  N N   . ILE A 1 39 ? 4.308   12.724  14.598  1.00 18.95 ? 57  ILE A N   1 
ATOM   288  C CA  . ILE A 1 39 ? 4.353   11.932  13.375  1.00 17.34 ? 57  ILE A CA  1 
ATOM   289  C C   . ILE A 1 39 ? 3.075   12.213  12.582  1.00 17.29 ? 57  ILE A C   1 
ATOM   290  O O   . ILE A 1 39 ? 2.073   12.672  13.131  1.00 18.88 ? 57  ILE A O   1 
ATOM   291  C CB  . ILE A 1 39 ? 4.507   10.421  13.717  1.00 16.58 ? 57  ILE A CB  1 
ATOM   292  C CG1 . ILE A 1 39 ? 4.897   9.584   12.496  1.00 19.05 ? 57  ILE A CG1 1 
ATOM   293  C CG2 . ILE A 1 39 ? 3.245   9.889   14.404  1.00 19.90 ? 57  ILE A CG2 1 
ATOM   294  C CD1 . ILE A 1 39 ? 6.300   9.825   12.009  1.00 19.29 ? 57  ILE A CD1 1 
ATOM   295  N N   . ASP A 1 40 ? 3.116   11.948  11.278  1.00 17.04 ? 58  ASP A N   1 
ATOM   296  C CA  . ASP A 1 40 ? 1.924   11.959  10.436  1.00 19.34 ? 58  ASP A CA  1 
ATOM   297  C C   . ASP A 1 40 ? 1.387   10.542  10.285  1.00 16.64 ? 58  ASP A C   1 
ATOM   298  O O   . ASP A 1 40 ? 2.159   9.598   10.116  1.00 16.36 ? 58  ASP A O   1 
ATOM   299  C CB  . ASP A 1 40 ? 2.222   12.517  9.049   1.00 22.27 ? 58  ASP A CB  1 
ATOM   300  C CG  . ASP A 1 40 ? 2.605   13.967  9.074   1.00 29.74 ? 58  ASP A CG  1 
ATOM   301  O OD1 . ASP A 1 40 ? 2.315   14.643  10.080  1.00 24.83 ? 58  ASP A OD1 1 
ATOM   302  O OD2 . ASP A 1 40 ? 3.181   14.419  8.065   1.00 31.91 ? 58  ASP A OD2 1 
ATOM   303  N N   . VAL A 1 41 ? 0.062   10.404  10.308  1.00 19.34 ? 59  VAL A N   1 
ATOM   304  C CA  . VAL A 1 41 ? -0.584  9.096   10.258  1.00 18.55 ? 59  VAL A CA  1 
ATOM   305  C C   . VAL A 1 41 ? -1.706  9.131   9.232   1.00 17.30 ? 59  VAL A C   1 
ATOM   306  O O   . VAL A 1 41 ? -2.445  10.116  9.140   1.00 19.75 ? 59  VAL A O   1 
ATOM   307  C CB  . VAL A 1 41 ? -1.129  8.682   11.644  1.00 19.46 ? 59  VAL A CB  1 
ATOM   308  C CG1 . VAL A 1 41 ? -1.738  7.291   11.595  1.00 18.38 ? 59  VAL A CG1 1 
ATOM   309  C CG2 . VAL A 1 41 ? -0.046  8.726   12.684  1.00 22.55 ? 59  VAL A CG2 1 
ATOM   310  N N   . GLU A 1 42 ? -1.845  8.048   8.472   1.00 15.34 ? 60  GLU A N   1 
ATOM   311  C CA  . GLU A 1 42 ? -2.906  7.935   7.480   1.00 17.04 ? 60  GLU A CA  1 
ATOM   312  C C   . GLU A 1 42 ? -3.388  6.499   7.433   1.00 17.56 ? 60  GLU A C   1 
ATOM   313  O O   . GLU A 1 42 ? -2.572  5.577   7.339   1.00 16.75 ? 60  GLU A O   1 
ATOM   314  C CB  . GLU A 1 42 ? -2.407  8.374   6.101   1.00 23.04 ? 60  GLU A CB  1 
ATOM   315  C CG  . GLU A 1 42 ? -3.485  8.442   5.031   1.00 26.44 ? 60  GLU A CG  1 
ATOM   316  C CD  . GLU A 1 42 ? -2.998  9.128   3.773   1.00 33.95 ? 60  GLU A CD  1 
ATOM   317  O OE1 . GLU A 1 42 ? -1.873  9.671   3.789   1.00 39.58 ? 60  GLU A OE1 1 
ATOM   318  O OE2 . GLU A 1 42 ? -3.744  9.128   2.770   1.00 38.87 ? 60  GLU A OE2 1 
ATOM   319  N N   . ILE A 1 43 ? -4.703  6.311   7.466   1.00 17.04 ? 61  ILE A N   1 
ATOM   320  C CA  . ILE A 1 43 ? -5.323  5.007   7.270   1.00 14.19 ? 61  ILE A CA  1 
ATOM   321  C C   . ILE A 1 43 ? -6.181  5.077   6.021   1.00 18.46 ? 61  ILE A C   1 
ATOM   322  O O   . ILE A 1 43 ? -6.978  6.010   5.869   1.00 17.93 ? 61  ILE A O   1 
ATOM   323  C CB  . ILE A 1 43 ? -6.186  4.583   8.473   1.00 15.44 ? 61  ILE A CB  1 
ATOM   324  C CG1 . ILE A 1 43 ? -5.386  4.642   9.773   1.00 15.40 ? 61  ILE A CG1 1 
ATOM   325  C CG2 . ILE A 1 43 ? -6.757  3.176   8.241   1.00 16.39 ? 61  ILE A CG2 1 
ATOM   326  C CD1 . ILE A 1 43 ? -6.215  4.390   11.005  1.00 19.05 ? 61  ILE A CD1 1 
ATOM   327  N N   . THR A 1 44 ? -6.028  4.090   5.144   1.00 16.50 ? 62  THR A N   1 
ATOM   328  C CA  . THR A 1 44 ? -6.765  4.045   3.892   1.00 17.26 ? 62  THR A CA  1 
ATOM   329  C C   . THR A 1 44 ? -7.354  2.654   3.695   1.00 18.66 ? 62  THR A C   1 
ATOM   330  O O   . THR A 1 44 ? -6.789  1.645   4.123   1.00 17.70 ? 62  THR A O   1 
ATOM   331  C CB  . THR A 1 44 ? -5.874  4.425   2.700   1.00 24.43 ? 62  THR A CB  1 
ATOM   332  O OG1 . THR A 1 44 ? -4.818  3.477   2.574   1.00 25.78 ? 62  THR A OG1 1 
ATOM   333  C CG2 . THR A 1 44 ? -5.267  5.805   2.892   1.00 24.90 ? 62  THR A CG2 1 
ATOM   334  N N   . GLY A 1 45 ? -8.514  2.604   3.043   1.00 19.99 ? 63  GLY A N   1 
ATOM   335  C CA  . GLY A 1 45 ? -9.170  1.344   2.803   1.00 19.62 ? 63  GLY A CA  1 
ATOM   336  C C   . GLY A 1 45 ? -8.856  0.752   1.443   1.00 19.77 ? 63  GLY A C   1 
ATOM   337  O O   . GLY A 1 45 ? -8.088  1.314   0.658   1.00 23.41 ? 63  GLY A O   1 
ATOM   338  N N   . PRO A 1 46 ? -9.470  -0.393  1.145   1.00 22.17 ? 64  PRO A N   1 
ATOM   339  C CA  . PRO A 1 46 ? -9.132  -1.115  -0.093  1.00 26.72 ? 64  PRO A CA  1 
ATOM   340  C C   . PRO A 1 46 ? -9.417  -0.345  -1.367  1.00 31.94 ? 64  PRO A C   1 
ATOM   341  O O   . PRO A 1 46 ? -8.752  -0.589  -2.383  1.00 31.21 ? 64  PRO A O   1 
ATOM   342  C CB  . PRO A 1 46 ? -9.975  -2.391  0.016   1.00 25.48 ? 64  PRO A CB  1 
ATOM   343  C CG  . PRO A 1 46 ? -10.194 -2.587  1.462   1.00 28.04 ? 64  PRO A CG  1 
ATOM   344  C CD  . PRO A 1 46 ? -10.200 -1.235  2.102   1.00 21.72 ? 64  PRO A CD  1 
ATOM   345  N N   . ASP A 1 47 ? -10.367 0.582   -1.371  1.00 31.34 ? 65  ASP A N   1 
ATOM   346  C CA  . ASP A 1 47 ? -10.511 1.430   -2.547  1.00 33.13 ? 65  ASP A CA  1 
ATOM   347  C C   . ASP A 1 47 ? -10.071 2.879   -2.339  1.00 33.57 ? 65  ASP A C   1 
ATOM   348  O O   . ASP A 1 47 ? -10.682 3.799   -2.900  1.00 31.85 ? 65  ASP A O   1 
ATOM   349  C CB  . ASP A 1 47 ? -11.937 1.353   -3.077  1.00 39.76 ? 65  ASP A CB  1 
ATOM   350  C CG  . ASP A 1 47 ? -12.955 1.396   -1.982  1.00 36.38 ? 65  ASP A CG  1 
ATOM   351  O OD1 . ASP A 1 47 ? -14.059 1.900   -2.206  1.00 49.26 ? 65  ASP A OD1 1 
ATOM   352  O OD2 . ASP A 1 47 ? -12.624 0.849   -0.926  1.00 39.81 ? 65  ASP A OD2 1 
ATOM   353  N N   . ASN A 1 48 ? -8.996  3.089   -1.584  1.00 29.06 ? 66  ASN A N   1 
ATOM   354  C CA  . ASN A 1 48 ? -8.377  4.393   -1.334  1.00 28.56 ? 66  ASN A CA  1 
ATOM   355  C C   . ASN A 1 48 ? -9.302  5.375   -0.626  1.00 24.61 ? 66  ASN A C   1 
ATOM   356  O O   . ASN A 1 48 ? -9.117  6.585   -0.746  1.00 29.74 ? 66  ASN A O   1 
ATOM   357  C CB  . ASN A 1 48 ? -7.827  5.057   -2.614  1.00 26.97 ? 66  ASN A CB  1 
ATOM   358  C CG  . ASN A 1 48 ? -6.690  6.058   -2.327  1.00 32.82 ? 66  ASN A CG  1 
ATOM   359  O OD1 . ASN A 1 48 ? -5.877  5.851   -1.424  1.00 33.37 ? 66  ASN A OD1 1 
ATOM   360  N ND2 . ASN A 1 48 ? -6.655  7.154   -3.082  1.00 31.38 ? 66  ASN A ND2 1 
ATOM   361  N N   . LYS A 1 49 ? -10.270 4.903   0.146   1.00 28.24 ? 67  LYS A N   1 
ATOM   362  C CA  . LYS A 1 49 ? -10.982 5.828   1.031   1.00 30.58 ? 67  LYS A CA  1 
ATOM   363  C C   . LYS A 1 49 ? -10.037 6.353   2.107   1.00 30.22 ? 67  LYS A C   1 
ATOM   364  O O   . LYS A 1 49 ? -9.334  5.579   2.758   1.00 29.13 ? 67  LYS A O   1 
ATOM   365  C CB  . LYS A 1 49 ? -12.189 5.192   1.746   1.00 32.58 ? 67  LYS A CB  1 
ATOM   366  C CG  . LYS A 1 49 ? -13.271 4.497   0.961   1.00 36.62 ? 67  LYS A CG  1 
ATOM   367  C CD  . LYS A 1 49 ? -12.760 3.238   0.372   1.00 38.34 ? 67  LYS A CD  1 
ATOM   368  C CE  . LYS A 1 49 ? -11.957 2.526   1.410   1.00 37.12 ? 67  LYS A CE  1 
ATOM   369  N NZ  . LYS A 1 49 ? -11.775 1.207   0.840   1.00 39.03 ? 67  LYS A NZ  1 
ATOM   370  N N   . GLY A 1 50 ? -10.031 7.670   2.308   1.00 31.47 ? 68  GLY A N   1 
ATOM   371  C CA  . GLY A 1 50 ? -9.327  8.258   3.430   1.00 28.69 ? 68  GLY A CA  1 
ATOM   372  C C   . GLY A 1 50 ? -10.099 8.020   4.709   1.00 31.81 ? 68  GLY A C   1 
ATOM   373  O O   . GLY A 1 50 ? -11.057 8.737   5.016   1.00 34.95 ? 68  GLY A O   1 
ATOM   374  N N   . ILE A 1 51 ? -9.728  6.970   5.435   1.00 23.83 ? 69  ILE A N   1 
ATOM   375  C CA  . ILE A 1 51 ? -10.413 6.638   6.676   1.00 23.72 ? 69  ILE A CA  1 
ATOM   376  C C   . ILE A 1 51 ? -9.985  7.575   7.793   1.00 24.81 ? 69  ILE A C   1 
ATOM   377  O O   . ILE A 1 51 ? -10.817 8.058   8.571   1.00 26.53 ? 69  ILE A O   1 
ATOM   378  C CB  . ILE A 1 51 ? -10.143 5.164   7.027   1.00 20.35 ? 69  ILE A CB  1 
ATOM   379  C CG1 . ILE A 1 51 ? -10.754 4.260   5.952   1.00 22.08 ? 69  ILE A CG1 1 
ATOM   380  C CG2 . ILE A 1 51 ? -10.667 4.840   8.410   1.00 25.24 ? 69  ILE A CG2 1 
ATOM   381  C CD1 . ILE A 1 51 ? -10.452 2.805   6.122   1.00 19.02 ? 69  ILE A CD1 1 
ATOM   382  N N   . TYR A 1 52 ? -8.688  7.850   7.891   1.00 20.42 ? 70  TYR A N   1 
ATOM   383  C CA  . TYR A 1 52 ? -8.145  8.707   8.933   1.00 22.06 ? 70  TYR A CA  1 
ATOM   384  C C   . TYR A 1 52 ? -6.913  9.386   8.372   1.00 24.60 ? 70  TYR A C   1 
ATOM   385  O O   . TYR A 1 52 ? -6.098  8.743   7.713   1.00 22.34 ? 70  TYR A O   1 
ATOM   386  C CB  . TYR A 1 52 ? -7.771  7.917   10.192  1.00 24.92 ? 70  TYR A CB  1 
ATOM   387  C CG  . TYR A 1 52 ? -6.969  8.709   11.210  1.00 29.77 ? 70  TYR A CG  1 
ATOM   388  C CD1 . TYR A 1 52 ? -7.474  9.874   11.767  1.00 31.81 ? 70  TYR A CD1 1 
ATOM   389  C CD2 . TYR A 1 52 ? -5.719  8.276   11.626  1.00 28.45 ? 70  TYR A CD2 1 
ATOM   390  C CE1 . TYR A 1 52 ? -6.746  10.598  12.698  1.00 32.74 ? 70  TYR A CE1 1 
ATOM   391  C CE2 . TYR A 1 52 ? -4.986  8.990   12.562  1.00 30.11 ? 70  TYR A CE2 1 
ATOM   392  C CZ  . TYR A 1 52 ? -5.505  10.148  13.094  1.00 33.79 ? 70  TYR A CZ  1 
ATOM   393  O OH  . TYR A 1 52 ? -4.779  10.862  14.028  1.00 40.15 ? 70  TYR A OH  1 
ATOM   394  N N   . LYS A 1 53 ? -6.790  10.685  8.618   1.00 23.92 ? 71  LYS A N   1 
ATOM   395  C CA  . LYS A 1 53 ? -5.555  11.400  8.328   1.00 25.28 ? 71  LYS A CA  1 
ATOM   396  C C   . LYS A 1 53 ? -5.270  12.343  9.481   1.00 27.30 ? 71  LYS A C   1 
ATOM   397  O O   . LYS A 1 53 ? -6.119  13.166  9.838   1.00 31.08 ? 71  LYS A O   1 
ATOM   398  C CB  . LYS A 1 53 ? -5.646  12.159  7.007   1.00 29.01 ? 71  LYS A CB  1 
ATOM   399  C CG  . LYS A 1 53 ? -4.297  12.588  6.468   1.00 30.01 ? 71  LYS A CG  1 
ATOM   400  C CD  . LYS A 1 53 ? -4.392  12.994  5.004   1.00 36.35 ? 71  LYS A CD  1 
ATOM   401  C CE  . LYS A 1 53 ? -3.015  13.274  4.423   1.00 39.85 ? 71  LYS A CE  1 
ATOM   402  N NZ  . LYS A 1 53 ? -2.296  14.321  5.197   1.00 42.90 ? 71  LYS A NZ  1 
ATOM   403  N N   . GLY A 1 54 ? -4.090  12.204  10.076  1.00 24.91 ? 72  GLY A N   1 
ATOM   404  C CA  . GLY A 1 54 ? -3.685  13.046  11.179  1.00 26.45 ? 72  GLY A CA  1 
ATOM   405  C C   . GLY A 1 54 ? -2.291  13.589  10.965  1.00 25.38 ? 72  GLY A C   1 
ATOM   406  O O   . GLY A 1 54 ? -1.356  12.832  10.699  1.00 23.12 ? 72  GLY A O   1 
ATOM   407  N N   . ASP A 1 55 ? -2.131  14.901  11.055  1.00 26.88 ? 73  ASP A N   1 
ATOM   408  C CA  . ASP A 1 55 ? -0.823  15.511  10.893  1.00 25.25 ? 73  ASP A CA  1 
ATOM   409  C C   . ASP A 1 55 ? -0.310  15.985  12.245  1.00 25.79 ? 73  ASP A C   1 
ATOM   410  O O   . ASP A 1 55 ? -1.086  16.450  13.089  1.00 25.73 ? 73  ASP A O   1 
ATOM   411  C CB  . ASP A 1 55 ? -0.875  16.674  9.898   1.00 30.28 ? 73  ASP A CB  1 
ATOM   412  C CG  . ASP A 1 55 ? -1.504  16.273  8.577   1.00 37.42 ? 73  ASP A CG  1 
ATOM   413  O OD1 . ASP A 1 55 ? -0.782  15.731  7.713   1.00 40.54 ? 73  ASP A OD1 1 
ATOM   414  O OD2 . ASP A 1 55 ? -2.721  16.487  8.403   1.00 41.55 ? 73  ASP A OD2 1 
ATOM   415  N N   . ARG A 1 56 ? 0.997   15.832  12.447  1.00 22.44 ? 74  ARG A N   1 
ATOM   416  C CA  . ARG A 1 56 ? 1.693   16.306  13.644  1.00 23.91 ? 74  ARG A CA  1 
ATOM   417  C C   . ARG A 1 56 ? 0.993   15.860  14.926  1.00 23.39 ? 74  ARG A C   1 
ATOM   418  O O   . ARG A 1 56 ? 0.639   16.664  15.782  1.00 26.29 ? 74  ARG A O   1 
ATOM   419  C CB  . ARG A 1 56 ? 1.845   17.827  13.623  1.00 28.50 ? 74  ARG A CB  1 
ATOM   420  C CG  . ARG A 1 56 ? 2.882   18.351  12.663  1.00 35.01 ? 74  ARG A CG  1 
ATOM   421  C CD  . ARG A 1 56 ? 3.279   19.772  13.054  1.00 39.47 ? 74  ARG A CD  1 
ATOM   422  N NE  . ARG A 1 56 ? 4.288   19.789  14.110  1.00 41.85 ? 74  ARG A NE  1 
ATOM   423  C CZ  . ARG A 1 56 ? 5.480   20.370  13.999  1.00 44.86 ? 74  ARG A CZ  1 
ATOM   424  N NH1 . ARG A 1 56 ? 5.814   20.997  12.878  1.00 43.45 ? 74  ARG A NH1 1 
ATOM   425  N NH2 . ARG A 1 56 ? 6.337   20.330  15.009  1.00 42.97 ? 74  ARG A NH2 1 
ATOM   426  N N   . GLU A 1 57 ? 0.785   14.554  15.056  1.00 21.73 ? 75  GLU A N   1 
ATOM   427  C CA  . GLU A 1 57 ? 0.212   13.992  16.271  1.00 22.23 ? 75  GLU A CA  1 
ATOM   428  C C   . GLU A 1 57 ? 1.314   13.332  17.090  1.00 18.43 ? 75  GLU A C   1 
ATOM   429  O O   . GLU A 1 57 ? 2.168   12.628  16.547  1.00 18.72 ? 75  GLU A O   1 
ATOM   430  C CB  . GLU A 1 57 ? -0.886  12.970  15.952  1.00 23.52 ? 75  GLU A CB  1 
ATOM   431  C CG  . GLU A 1 57 ? -2.064  13.518  15.132  1.00 25.70 ? 75  GLU A CG  1 
ATOM   432  C CD  . GLU A 1 57 ? -2.880  14.566  15.869  1.00 34.01 ? 75  GLU A CD  1 
ATOM   433  O OE1 . GLU A 1 57 ? -2.900  14.552  17.119  1.00 34.89 ? 75  GLU A OE1 1 
ATOM   434  O OE2 . GLU A 1 57 ? -3.508  15.411  15.193  1.00 35.29 ? 75  GLU A OE2 1 
ATOM   435  N N   . SER A 1 58 ? 1.314   13.590  18.396  1.00 18.13 ? 76  SER A N   1 
ATOM   436  C CA  . SER A 1 58 ? 2.248   12.906  19.282  1.00 17.72 ? 76  SER A CA  1 
ATOM   437  C C   . SER A 1 58 ? 1.744   11.542  19.718  1.00 19.10 ? 76  SER A C   1 
ATOM   438  O O   . SER A 1 58 ? 2.550   10.664  20.032  1.00 18.53 ? 76  SER A O   1 
ATOM   439  C CB  . SER A 1 58 ? 2.532   13.754  20.529  1.00 21.61 ? 76  SER A CB  1 
ATOM   440  O OG  . SER A 1 58 ? 1.343   14.027  21.251  1.00 24.53 ? 76  SER A OG  1 
ATOM   441  N N   . SER A 1 59 ? 0.431   11.348  19.731  1.00 15.32 ? 77  SER A N   1 
ATOM   442  C CA  . SER A 1 59 ? -0.173  10.080  20.106  1.00 16.32 ? 77  SER A CA  1 
ATOM   443  C C   . SER A 1 59 ? -1.595  10.107  19.579  1.00 18.44 ? 77  SER A C   1 
ATOM   444  O O   . SER A 1 59 ? -2.117  11.164  19.206  1.00 19.88 ? 77  SER A O   1 
ATOM   445  C CB  . SER A 1 59 ? -0.145  9.868   21.620  1.00 18.34 ? 77  SER A CB  1 
ATOM   446  O OG  . SER A 1 59 ? -1.035  10.770  22.269  1.00 21.72 ? 77  SER A OG  1 
ATOM   447  N N   . GLY A 1 60 ? -2.221  8.943   19.548  1.00 15.38 ? 78  GLY A N   1 
ATOM   448  C CA  . GLY A 1 60 ? -3.573  8.890   19.054  1.00 18.30 ? 78  GLY A CA  1 
ATOM   449  C C   . GLY A 1 60 ? -4.141  7.500   19.186  1.00 19.74 ? 78  GLY A C   1 
ATOM   450  O O   . GLY A 1 60 ? -3.412  6.511   19.328  1.00 16.95 ? 78  GLY A O   1 
ATOM   451  N N   . LYS A 1 61 ? -5.468  7.455   19.186  1.00 21.71 ? 79  LYS A N   1 
ATOM   452  C CA  . LYS A 1 61 ? -6.268  6.238   19.169  1.00 24.28 ? 79  LYS A CA  1 
ATOM   453  C C   . LYS A 1 61 ? -7.327  6.453   18.095  1.00 26.09 ? 79  LYS A C   1 
ATOM   454  O O   . LYS A 1 61 ? -8.001  7.489   18.090  1.00 27.22 ? 79  LYS A O   1 
ATOM   455  C CB  . LYS A 1 61 ? -6.943  5.960   20.530  1.00 26.59 ? 79  LYS A CB  1 
ATOM   456  C CG  . LYS A 1 61 ? -6.078  5.532   21.764  1.00 30.33 ? 79  LYS A CG  1 
ATOM   457  C CD  . LYS A 1 61 ? -4.761  6.282   21.891  1.00 29.16 ? 79  LYS A CD  1 
ATOM   458  C CE  . LYS A 1 61 ? -4.199  6.510   23.269  1.00 32.48 ? 79  LYS A CE  1 
ATOM   459  N NZ  . LYS A 1 61 ? -2.921  7.262   23.063  1.00 33.87 ? 79  LYS A NZ  1 
ATOM   460  N N   . TYR A 1 62 ? -7.457  5.514   17.164  1.00 24.36 ? 80  TYR A N   1 
ATOM   461  C CA  . TYR A 1 62 ? -8.473  5.626   16.122  1.00 24.07 ? 80  TYR A CA  1 
ATOM   462  C C   . TYR A 1 62 ? -9.065  4.250   15.893  1.00 23.21 ? 80  TYR A C   1 
ATOM   463  O O   . TYR A 1 62 ? -8.357  3.330   15.469  1.00 24.65 ? 80  TYR A O   1 
ATOM   464  C CB  . TYR A 1 62 ? -7.902  6.191   14.821  1.00 25.67 ? 80  TYR A CB  1 
ATOM   465  C CG  . TYR A 1 62 ? -8.940  6.553   13.767  1.00 31.98 ? 80  TYR A CG  1 
ATOM   466  C CD1 . TYR A 1 62 ? -9.466  7.839   13.696  1.00 32.25 ? 80  TYR A CD1 1 
ATOM   467  C CD2 . TYR A 1 62 ? -9.367  5.616   12.830  1.00 26.53 ? 80  TYR A CD2 1 
ATOM   468  C CE1 . TYR A 1 62 ? -10.399 8.175   12.725  1.00 33.96 ? 80  TYR A CE1 1 
ATOM   469  C CE2 . TYR A 1 62 ? -10.299 5.938   11.866  1.00 29.36 ? 80  TYR A CE2 1 
ATOM   470  C CZ  . TYR A 1 62 ? -10.806 7.215   11.813  1.00 32.94 ? 80  TYR A CZ  1 
ATOM   471  O OH  . TYR A 1 62 ? -11.728 7.530   10.842  1.00 36.21 ? 80  TYR A OH  1 
ATOM   472  N N   . THR A 1 63 ? -10.357 4.119   16.176  1.00 22.78 ? 81  THR A N   1 
ATOM   473  C CA  . THR A 1 63 ? -11.076 2.870   16.025  1.00 19.22 ? 81  THR A CA  1 
ATOM   474  C C   . THR A 1 63 ? -12.099 3.031   14.918  1.00 19.06 ? 81  THR A C   1 
ATOM   475  O O   . THR A 1 63 ? -12.775 4.059   14.838  1.00 20.63 ? 81  THR A O   1 
ATOM   476  C CB  . THR A 1 63 ? -11.766 2.481   17.323  1.00 25.65 ? 81  THR A CB  1 
ATOM   477  O OG1 . THR A 1 63 ? -10.771 2.378   18.345  1.00 29.66 ? 81  THR A OG1 1 
ATOM   478  C CG2 . THR A 1 63 ? -12.475 1.151   17.173  1.00 27.47 ? 81  THR A CG2 1 
ATOM   479  N N   . PHE A 1 64 ? -12.180 2.036   14.046  1.00 17.62 ? 82  PHE A N   1 
ATOM   480  C CA  . PHE A 1 64 ? -13.181 2.078   12.994  1.00 19.85 ? 82  PHE A CA  1 
ATOM   481  C C   . PHE A 1 64 ? -13.615 0.667   12.655  1.00 17.20 ? 82  PHE A C   1 
ATOM   482  O O   . PHE A 1 64 ? -13.085 -0.321  13.166  1.00 20.50 ? 82  PHE A O   1 
ATOM   483  C CB  . PHE A 1 64 ? -12.678 2.816   11.750  1.00 20.97 ? 82  PHE A CB  1 
ATOM   484  C CG  . PHE A 1 64 ? -11.555 2.122   11.030  1.00 22.48 ? 82  PHE A CG  1 
ATOM   485  C CD1 . PHE A 1 64 ? -11.781 1.490   9.820   1.00 21.30 ? 82  PHE A CD1 1 
ATOM   486  C CD2 . PHE A 1 64 ? -10.276 2.117   11.548  1.00 23.34 ? 82  PHE A CD2 1 
ATOM   487  C CE1 . PHE A 1 64 ? -10.751 0.877   9.142   1.00 23.66 ? 82  PHE A CE1 1 
ATOM   488  C CE2 . PHE A 1 64 ? -9.246  1.488   10.876  1.00 22.87 ? 82  PHE A CE2 1 
ATOM   489  C CZ  . PHE A 1 64 ? -9.482  0.865   9.674   1.00 23.48 ? 82  PHE A CZ  1 
ATOM   490  N N   . ALA A 1 65 ? -14.613 0.578   11.795  1.00 17.90 ? 83  ALA A N   1 
ATOM   491  C CA  . ALA A 1 65 ? -15.123 -0.700  11.354  1.00 16.45 ? 83  ALA A CA  1 
ATOM   492  C C   . ALA A 1 65 ? -14.941 -0.773  9.852   1.00 15.46 ? 83  ALA A C   1 
ATOM   493  O O   . ALA A 1 65 ? -15.208 0.204   9.141   1.00 16.25 ? 83  ALA A O   1 
ATOM   494  C CB  . ALA A 1 65 ? -16.593 -0.889  11.748  1.00 18.74 ? 83  ALA A CB  1 
ATOM   495  N N   . ALA A 1 66 ? -14.419 -1.906  9.391   1.00 16.48 ? 84  ALA A N   1 
ATOM   496  C CA  . ALA A 1 66 ? -14.270 -2.138  7.964   1.00 17.77 ? 84  ALA A CA  1 
ATOM   497  C C   . ALA A 1 66 ? -15.618 -1.996  7.269   1.00 18.60 ? 84  ALA A C   1 
ATOM   498  O O   . ALA A 1 66 ? -16.619 -2.570  7.711   1.00 21.06 ? 84  ALA A O   1 
ATOM   499  C CB  . ALA A 1 66 ? -13.694 -3.531  7.730   1.00 18.39 ? 84  ALA A CB  1 
ATOM   500  N N   . HIS A 1 67 ? -15.639 -1.225  6.192   1.00 17.70 ? 85  HIS A N   1 
ATOM   501  C CA  . HIS A 1 67 ? -16.854 -1.017  5.413   1.00 18.79 ? 85  HIS A CA  1 
ATOM   502  C C   . HIS A 1 67 ? -16.952 -1.967  4.230   1.00 26.51 ? 85  HIS A C   1 
ATOM   503  O O   . HIS A 1 67 ? -17.958 -1.941  3.508   1.00 22.78 ? 85  HIS A O   1 
ATOM   504  C CB  . HIS A 1 67 ? -16.912 0.422   4.930   1.00 18.84 ? 85  HIS A CB  1 
ATOM   505  C CG  . HIS A 1 67 ? -15.771 0.794   4.045   1.00 21.38 ? 85  HIS A CG  1 
ATOM   506  N ND1 . HIS A 1 67 ? -14.540 1.153   4.542   1.00 22.89 ? 85  HIS A ND1 1 
ATOM   507  C CD2 . HIS A 1 67 ? -15.670 0.837   2.695   1.00 27.40 ? 85  HIS A CD2 1 
ATOM   508  C CE1 . HIS A 1 67 ? -13.729 1.413   3.534   1.00 26.03 ? 85  HIS A CE1 1 
ATOM   509  N NE2 . HIS A 1 67 ? -14.392 1.233   2.407   1.00 28.08 ? 85  HIS A NE2 1 
ATOM   510  N N   . MET A 1 68 ? -15.942 -2.809  4.031   1.00 23.06 ? 86  MET A N   1 
ATOM   511  C CA  . MET A 1 68 ? -15.904 -3.796  2.961   1.00 23.72 ? 86  MET A CA  1 
ATOM   512  C C   . MET A 1 68 ? -14.749 -4.744  3.237   1.00 23.80 ? 86  MET A C   1 
ATOM   513  O O   . MET A 1 68 ? -13.809 -4.408  3.965   1.00 22.72 ? 86  MET A O   1 
ATOM   514  C CB  . MET A 1 68 ? -15.716 -3.136  1.604   1.00 25.31 ? 86  MET A CB  1 
ATOM   515  C CG  . MET A 1 68 ? -14.368 -2.493  1.485   1.00 25.90 ? 86  MET A CG  1 
ATOM   516  S SD  . MET A 1 68 ? -14.188 -1.618  -0.063  1.00 35.49 ? 86  MET A SD  1 
ATOM   517  C CE  . MET A 1 68 ? -14.059 -2.970  -1.227  1.00 33.70 ? 86  MET A CE  1 
ATOM   518  N N   . ASP A 1 69 ? -14.828 -5.932  2.644   1.00 23.38 ? 87  ASP A N   1 
ATOM   519  C CA  . ASP A 1 69 ? -13.723 -6.878  2.724   1.00 22.63 ? 87  ASP A CA  1 
ATOM   520  C C   . ASP A 1 69 ? -12.513 -6.309  1.993   1.00 22.42 ? 87  ASP A C   1 
ATOM   521  O O   . ASP A 1 69 ? -12.646 -5.662  0.952   1.00 23.86 ? 87  ASP A O   1 
ATOM   522  C CB  . ASP A 1 69 ? -14.104 -8.222  2.087   1.00 24.13 ? 87  ASP A CB  1 
ATOM   523  C CG  . ASP A 1 69 ? -15.351 -8.855  2.691   1.00 29.97 ? 87  ASP A CG  1 
ATOM   524  O OD1 . ASP A 1 69 ? -15.722 -8.550  3.841   1.00 29.50 ? 87  ASP A OD1 1 
ATOM   525  O OD2 . ASP A 1 69 ? -15.961 -9.704  1.999   1.00 33.75 ? 87  ASP A OD2 1 
ATOM   526  N N   . GLY A 1 70 ? -11.327 -6.552  2.518   1.00 22.28 ? 88  GLY A N   1 
ATOM   527  C CA  . GLY A 1 70 ? -10.136 -6.161  1.798   1.00 20.25 ? 88  GLY A CA  1 
ATOM   528  C C   . GLY A 1 70 ? -8.996  -5.799  2.728   1.00 16.27 ? 88  GLY A C   1 
ATOM   529  O O   . GLY A 1 70 ? -9.067  -5.994  3.939   1.00 18.54 ? 88  GLY A O   1 
ATOM   530  N N   . THR A 1 71 ? -7.932  -5.306  2.102   1.00 17.41 ? 89  THR A N   1 
ATOM   531  C CA  . THR A 1 71 ? -6.703  -4.927  2.795   1.00 16.37 ? 89  THR A CA  1 
ATOM   532  C C   . THR A 1 71 ? -6.754  -3.455  3.159   1.00 16.81 ? 89  THR A C   1 
ATOM   533  O O   . THR A 1 71 ? -6.991  -2.603  2.301   1.00 18.55 ? 89  THR A O   1 
ATOM   534  C CB  . THR A 1 71 ? -5.485  -5.214  1.922   1.00 15.04 ? 89  THR A CB  1 
ATOM   535  O OG1 . THR A 1 71 ? -5.391  -6.620  1.722   1.00 17.01 ? 89  THR A OG1 1 
ATOM   536  C CG2 . THR A 1 71 ? -4.190  -4.720  2.596   1.00 17.04 ? 89  THR A CG2 1 
ATOM   537  N N   . TYR A 1 72 ? -6.515  -3.174  4.436   1.00 14.95 ? 90  TYR A N   1 
ATOM   538  C CA  . TYR A 1 72 ? -6.471  -1.829  4.981   1.00 15.92 ? 90  TYR A CA  1 
ATOM   539  C C   . TYR A 1 72 ? -5.023  -1.459  5.259   1.00 16.25 ? 90  TYR A C   1 
ATOM   540  O O   . TYR A 1 72 ? -4.235  -2.302  5.699   1.00 15.98 ? 90  TYR A O   1 
ATOM   541  C CB  . TYR A 1 72 ? -7.320  -1.733  6.256   1.00 14.69 ? 90  TYR A CB  1 
ATOM   542  C CG  . TYR A 1 72 ? -8.810  -1.805  5.946   1.00 17.69 ? 90  TYR A CG  1 
ATOM   543  C CD1 . TYR A 1 72 ? -9.602  -0.664  5.936   1.00 16.28 ? 90  TYR A CD1 1 
ATOM   544  C CD2 . TYR A 1 72 ? -9.397  -3.020  5.618   1.00 18.00 ? 90  TYR A CD2 1 
ATOM   545  C CE1 . TYR A 1 72 ? -10.960 -0.734  5.617   1.00 17.98 ? 90  TYR A CE1 1 
ATOM   546  C CE2 . TYR A 1 72 ? -10.736 -3.101  5.291   1.00 18.38 ? 90  TYR A CE2 1 
ATOM   547  C CZ  . TYR A 1 72 ? -11.508 -1.962  5.289   1.00 19.38 ? 90  TYR A CZ  1 
ATOM   548  O OH  . TYR A 1 72 ? -12.853 -2.080  4.963   1.00 20.09 ? 90  TYR A OH  1 
ATOM   549  N N   . LYS A 1 73 ? -4.684  -0.215  4.954   1.00 14.23 ? 91  LYS A N   1 
ATOM   550  C CA  . LYS A 1 73 ? -3.319  0.295   5.003   1.00 15.30 ? 91  LYS A CA  1 
ATOM   551  C C   . LYS A 1 73 ? -3.191  1.333   6.112   1.00 17.24 ? 91  LYS A C   1 
ATOM   552  O O   . LYS A 1 73 ? -3.973  2.289   6.155   1.00 16.10 ? 91  LYS A O   1 
ATOM   553  C CB  . LYS A 1 73 ? -2.960  0.900   3.645   1.00 19.81 ? 91  LYS A CB  1 
ATOM   554  C CG  . LYS A 1 73 ? -1.544  1.385   3.494   1.00 22.11 ? 91  LYS A CG  1 
ATOM   555  C CD  . LYS A 1 73 ? -1.194  1.664   2.031   1.00 27.91 ? 91  LYS A CD  1 
ATOM   556  C CE  . LYS A 1 73 ? -1.692  3.015   1.562   1.00 33.25 ? 91  LYS A CE  1 
ATOM   557  N NZ  . LYS A 1 73 ? -1.319  3.240   0.129   1.00 35.10 ? 91  LYS A NZ  1 
ATOM   558  N N   . PHE A 1 74 ? -2.199  1.147   6.990   1.00 14.42 ? 92  PHE A N   1 
ATOM   559  C CA  . PHE A 1 74 ? -1.894  2.032   8.112   1.00 14.24 ? 92  PHE A CA  1 
ATOM   560  C C   . PHE A 1 74 ? -0.485  2.580   7.914   1.00 15.79 ? 92  PHE A C   1 
ATOM   561  O O   . PHE A 1 74 ? 0.484   1.816   7.955   1.00 15.63 ? 92  PHE A O   1 
ATOM   562  C CB  . PHE A 1 74 ? -1.982  1.276   9.441   1.00 13.05 ? 92  PHE A CB  1 
ATOM   563  C CG  . PHE A 1 74 ? -3.320  0.654   9.708   1.00 13.81 ? 92  PHE A CG  1 
ATOM   564  C CD1 . PHE A 1 74 ? -4.178  1.208   10.643  1.00 13.90 ? 92  PHE A CD1 1 
ATOM   565  C CD2 . PHE A 1 74 ? -3.716  -0.499  9.042   1.00 14.48 ? 92  PHE A CD2 1 
ATOM   566  C CE1 . PHE A 1 74 ? -5.410  0.639   10.894  1.00 17.45 ? 92  PHE A CE1 1 
ATOM   567  C CE2 . PHE A 1 74 ? -4.947  -1.075  9.285   1.00 16.05 ? 92  PHE A CE2 1 
ATOM   568  C CZ  . PHE A 1 74 ? -5.802  -0.504  10.209  1.00 16.29 ? 92  PHE A CZ  1 
ATOM   569  N N   . CYS A 1 75 ? -0.356  3.895   7.723   1.00 15.63 ? 93  CYS A N   1 
ATOM   570  C CA  . CYS A 1 75 ? 0.930   4.458   7.326   1.00 17.33 ? 93  CYS A CA  1 
ATOM   571  C C   . CYS A 1 75 ? 1.381   5.575   8.254   1.00 15.33 ? 93  CYS A C   1 
ATOM   572  O O   . CYS A 1 75 ? 0.583   6.406   8.690   1.00 17.62 ? 93  CYS A O   1 
ATOM   573  C CB  . CYS A 1 75 ? 0.891   4.987   5.879   1.00 19.09 ? 93  CYS A CB  1 
ATOM   574  S SG  . CYS A 1 75 ? 0.594   3.715   4.611   1.00 32.65 ? 93  CYS A SG  1 
ATOM   575  N N   . PHE A 1 76 ? 2.671   5.568   8.561   1.00 13.42 ? 94  PHE A N   1 
ATOM   576  C CA  . PHE A 1 76 ? 3.325   6.603   9.344   1.00 15.17 ? 94  PHE A CA  1 
ATOM   577  C C   . PHE A 1 76 ? 4.312   7.314   8.437   1.00 16.44 ? 94  PHE A C   1 
ATOM   578  O O   . PHE A 1 76 ? 5.098   6.658   7.753   1.00 18.31 ? 94  PHE A O   1 
ATOM   579  C CB  . PHE A 1 76 ? 4.059   5.993   10.540  1.00 16.21 ? 94  PHE A CB  1 
ATOM   580  C CG  . PHE A 1 76 ? 3.156   5.286   11.513  1.00 17.51 ? 94  PHE A CG  1 
ATOM   581  C CD1 . PHE A 1 76 ? 2.521   5.999   12.508  1.00 17.36 ? 94  PHE A CD1 1 
ATOM   582  C CD2 . PHE A 1 76 ? 2.953   3.914   11.431  1.00 18.89 ? 94  PHE A CD2 1 
ATOM   583  C CE1 . PHE A 1 76 ? 1.697   5.359   13.424  1.00 16.74 ? 94  PHE A CE1 1 
ATOM   584  C CE2 . PHE A 1 76 ? 2.127   3.265   12.344  1.00 18.33 ? 94  PHE A CE2 1 
ATOM   585  C CZ  . PHE A 1 76 ? 1.497   3.992   13.332  1.00 17.68 ? 94  PHE A CZ  1 
ATOM   586  N N   . SER A 1 77 ? 4.279   8.645   8.439   1.00 18.23 ? 95  SER A N   1 
ATOM   587  C CA  . SER A 1 77 ? 5.121   9.436   7.553   1.00 19.34 ? 95  SER A CA  1 
ATOM   588  C C   . SER A 1 77 ? 5.927   10.446  8.353   1.00 20.19 ? 95  SER A C   1 
ATOM   589  O O   . SER A 1 77 ? 5.408   11.092  9.269   1.00 18.89 ? 95  SER A O   1 
ATOM   590  C CB  . SER A 1 77 ? 4.289   10.165  6.492   1.00 23.60 ? 95  SER A CB  1 
ATOM   591  O OG  . SER A 1 77 ? 3.727   9.256   5.571   1.00 30.36 ? 95  SER A OG  1 
ATOM   592  N N   . ASN A 1 78 ? 7.195   10.589  7.981   1.00 25.33 ? 96  ASN A N   1 
ATOM   593  C CA  . ASN A 1 78 ? 8.106   11.565  8.566   1.00 23.65 ? 96  ASN A CA  1 
ATOM   594  C C   . ASN A 1 78 ? 8.333   12.656  7.527   1.00 25.07 ? 96  ASN A C   1 
ATOM   595  O O   . ASN A 1 78 ? 9.048   12.440  6.546   1.00 28.82 ? 96  ASN A O   1 
ATOM   596  C CB  . ASN A 1 78 ? 9.410   10.880  8.973   1.00 21.31 ? 96  ASN A CB  1 
ATOM   597  C CG  . ASN A 1 78 ? 10.437  11.843  9.541   1.00 24.75 ? 96  ASN A CG  1 
ATOM   598  O OD1 . ASN A 1 78 ? 10.204  13.047  9.621   1.00 25.32 ? 96  ASN A OD1 1 
ATOM   599  N ND2 . ASN A 1 78 ? 11.576  11.303  9.959   1.00 25.53 ? 96  ASN A ND2 1 
ATOM   600  N N   . ARG A 1 79 ? 7.732   13.821  7.740   1.00 27.45 ? 97  ARG A N   1 
ATOM   601  C CA  . ARG A 1 79 ? 7.753   14.887  6.743   1.00 28.55 ? 97  ARG A CA  1 
ATOM   602  C C   . ARG A 1 79 ? 8.907   15.858  6.924   1.00 33.11 ? 97  ARG A C   1 
ATOM   603  O O   . ARG A 1 79 ? 8.940   16.889  6.243   1.00 32.98 ? 97  ARG A O   1 
ATOM   604  C CB  . ARG A 1 79 ? 6.445   15.667  6.781   1.00 32.32 ? 97  ARG A CB  1 
ATOM   605  C CG  . ARG A 1 79 ? 6.331   16.569  7.994   1.00 33.20 ? 97  ARG A CG  1 
ATOM   606  C CD  . ARG A 1 79 ? 4.887   16.921  8.241   1.00 38.10 ? 97  ARG A CD  1 
ATOM   607  N NE  . ARG A 1 79 ? 4.706   18.257  8.767   1.00 39.96 ? 97  ARG A NE  1 
ATOM   608  C CZ  . ARG A 1 79 ? 3.525   18.747  9.118   1.00 40.67 ? 97  ARG A CZ  1 
ATOM   609  N NH1 . ARG A 1 79 ? 2.439   17.995  8.990   1.00 40.37 ? 97  ARG A NH1 1 
ATOM   610  N NH2 . ARG A 1 79 ? 3.420   19.985  9.592   1.00 43.37 ? 97  ARG A NH2 1 
ATOM   611  N N   . MET A 1 80 ? 9.840   15.573  7.823   1.00 29.61 ? 98  MET A N   1 
ATOM   612  C CA  . MET A 1 80 ? 10.917  16.498  8.132   1.00 32.18 ? 98  MET A CA  1 
ATOM   613  C C   . MET A 1 80 ? 12.259  15.922  7.704   1.00 33.61 ? 98  MET A C   1 
ATOM   614  O O   . MET A 1 80 ? 12.398  14.722  7.453   1.00 30.20 ? 98  MET A O   1 
ATOM   615  C CB  . MET A 1 80 ? 10.935  16.826  9.627   1.00 32.00 ? 98  MET A CB  1 
ATOM   616  C CG  . MET A 1 80 ? 9.712   17.594  10.096  1.00 31.60 ? 98  MET A CG  1 
ATOM   617  S SD  . MET A 1 80 ? 9.651   17.706  11.887  1.00 42.11 ? 98  MET A SD  1 
ATOM   618  C CE  . MET A 1 80 ? 8.185   18.692  12.143  1.00 37.86 ? 98  MET A CE  1 
ATOM   619  N N   . SER A 1 81 ? 13.253  16.805  7.611   1.00 33.35 ? 99  SER A N   1 
ATOM   620  C CA  . SER A 1 81 ? 14.625  16.400  7.298   1.00 34.55 ? 99  SER A CA  1 
ATOM   621  C C   . SER A 1 81 ? 15.369  16.023  8.579   1.00 36.28 ? 99  SER A C   1 
ATOM   622  O O   . SER A 1 81 ? 16.369  16.628  8.962   1.00 37.84 ? 99  SER A O   1 
ATOM   623  C CB  . SER A 1 81 ? 15.350  17.511  6.545   1.00 33.70 ? 99  SER A CB  1 
ATOM   624  O OG  . SER A 1 81 ? 14.763  17.750  5.278   1.00 37.66 ? 99  SER A OG  1 
ATOM   625  N N   . THR A 1 82 ? 14.856  14.993  9.245   1.00 34.30 ? 100 THR A N   1 
ATOM   626  C CA  . THR A 1 82 ? 15.443  14.556  10.501  1.00 32.40 ? 100 THR A CA  1 
ATOM   627  C C   . THR A 1 82 ? 16.736  13.789  10.248  1.00 34.08 ? 100 THR A C   1 
ATOM   628  O O   . THR A 1 82 ? 16.837  12.999  9.305   1.00 36.11 ? 100 THR A O   1 
ATOM   629  C CB  . THR A 1 82 ? 14.443  13.694  11.276  1.00 31.69 ? 100 THR A CB  1 
ATOM   630  O OG1 . THR A 1 82 ? 14.244  12.449  10.596  1.00 31.69 ? 100 THR A OG1 1 
ATOM   631  C CG2 . THR A 1 82 ? 13.110  14.415  11.376  1.00 31.06 ? 100 THR A CG2 1 
ATOM   632  N N   . MET A 1 83 ? 17.742  14.041  11.087  1.00 35.69 ? 101 MET A N   1 
ATOM   633  C CA  . MET A 1 83 ? 19.046  13.417  10.883  1.00 36.28 ? 101 MET A CA  1 
ATOM   634  C C   . MET A 1 83 ? 19.054  11.949  11.281  1.00 35.86 ? 101 MET A C   1 
ATOM   635  O O   . MET A 1 83 ? 19.938  11.203  10.842  1.00 37.40 ? 101 MET A O   1 
ATOM   636  C CB  . MET A 1 83 ? 20.124  14.175  11.663  1.00 35.60 ? 101 MET A CB  1 
ATOM   637  C CG  . MET A 1 83 ? 20.612  15.437  10.977  1.00 41.17 ? 101 MET A CG  1 
ATOM   638  S SD  . MET A 1 83 ? 21.515  15.114  9.444   1.00 49.40 ? 101 MET A SD  1 
ATOM   639  C CE  . MET A 1 83 ? 22.564  16.559  9.401   1.00 32.67 ? 101 MET A CE  1 
ATOM   640  N N   . THR A 1 84 ? 18.104  11.530  12.099  1.00 32.39 ? 102 THR A N   1 
ATOM   641  C CA  . THR A 1 84 ? 17.894  10.149  12.508  1.00 33.17 ? 102 THR A CA  1 
ATOM   642  C C   . THR A 1 84 ? 16.415  9.853   12.354  1.00 28.49 ? 102 THR A C   1 
ATOM   643  O O   . THR A 1 84 ? 15.595  10.775  12.292  1.00 29.81 ? 102 THR A O   1 
ATOM   644  C CB  . THR A 1 84 ? 18.345  9.935   13.959  1.00 30.55 ? 102 THR A CB  1 
ATOM   645  O OG1 . THR A 1 84 ? 17.626  10.828  14.815  1.00 34.53 ? 102 THR A OG1 1 
ATOM   646  C CG2 . THR A 1 84 ? 19.841  10.202  14.096  1.00 34.72 ? 102 THR A CG2 1 
ATOM   647  N N   . PRO A 1 85 ? 16.030  8.580   12.264  1.00 27.98 ? 103 PRO A N   1 
ATOM   648  C CA  . PRO A 1 85 ? 14.618  8.268   12.021  1.00 24.06 ? 103 PRO A CA  1 
ATOM   649  C C   . PRO A 1 85 ? 13.748  8.506   13.248  1.00 26.11 ? 103 PRO A C   1 
ATOM   650  O O   . PRO A 1 85 ? 14.200  8.429   14.394  1.00 24.63 ? 103 PRO A O   1 
ATOM   651  C CB  . PRO A 1 85 ? 14.637  6.782   11.634  1.00 22.64 ? 103 PRO A CB  1 
ATOM   652  C CG  . PRO A 1 85 ? 15.884  6.241   12.222  1.00 27.26 ? 103 PRO A CG  1 
ATOM   653  C CD  . PRO A 1 85 ? 16.881  7.375   12.221  1.00 27.38 ? 103 PRO A CD  1 
ATOM   654  N N   . LYS A 1 86 ? 12.485  8.830   12.988  1.00 23.77 ? 104 LYS A N   1 
ATOM   655  C CA  . LYS A 1 86 ? 11.493  8.896   14.052  1.00 20.62 ? 104 LYS A CA  1 
ATOM   656  C C   . LYS A 1 86 ? 11.081  7.484   14.450  1.00 21.39 ? 104 LYS A C   1 
ATOM   657  O O   . LYS A 1 86 ? 10.903  6.614   13.593  1.00 21.80 ? 104 LYS A O   1 
ATOM   658  C CB  . LYS A 1 86 ? 10.268  9.693   13.601  1.00 21.96 ? 104 LYS A CB  1 
ATOM   659  C CG  . LYS A 1 86 ? 10.477  11.213  13.515  1.00 23.60 ? 104 LYS A CG  1 
ATOM   660  C CD  . LYS A 1 86 ? 9.207   11.934  13.056  1.00 24.09 ? 104 LYS A CD  1 
ATOM   661  C CE  . LYS A 1 86 ? 9.411   13.438  13.051  1.00 24.82 ? 104 LYS A CE  1 
ATOM   662  N NZ  . LYS A 1 86 ? 8.171   14.156  12.666  1.00 25.84 ? 104 LYS A NZ  1 
ATOM   663  N N   . ILE A 1 87 ? 10.948  7.253   15.751  1.00 18.48 ? 105 ILE A N   1 
ATOM   664  C CA  . ILE A 1 87 ? 10.507  5.970   16.302  1.00 18.98 ? 105 ILE A CA  1 
ATOM   665  C C   . ILE A 1 87 ? 9.105   6.150   16.864  1.00 16.63 ? 105 ILE A C   1 
ATOM   666  O O   . ILE A 1 87 ? 8.868   7.046   17.684  1.00 16.65 ? 105 ILE A O   1 
ATOM   667  C CB  . ILE A 1 87 ? 11.449  5.448   17.402  1.00 19.32 ? 105 ILE A CB  1 
ATOM   668  C CG1 . ILE A 1 87 ? 12.901  5.364   16.911  1.00 23.68 ? 105 ILE A CG1 1 
ATOM   669  C CG2 . ILE A 1 87 ? 10.973  4.087   17.927  1.00 17.32 ? 105 ILE A CG2 1 
ATOM   670  C CD1 . ILE A 1 87 ? 13.118  4.353   15.812  1.00 24.17 ? 105 ILE A CD1 1 
ATOM   671  N N   . VAL A 1 88 ? 8.183   5.279   16.462  1.00 14.30 ? 106 VAL A N   1 
ATOM   672  C CA  . VAL A 1 88 ? 6.792   5.374   16.889  1.00 13.03 ? 106 VAL A CA  1 
ATOM   673  C C   . VAL A 1 88 ? 6.341   4.018   17.408  1.00 13.97 ? 106 VAL A C   1 
ATOM   674  O O   . VAL A 1 88 ? 6.482   3.003   16.716  1.00 15.89 ? 106 VAL A O   1 
ATOM   675  C CB  . VAL A 1 88 ? 5.877   5.837   15.744  1.00 14.46 ? 106 VAL A CB  1 
ATOM   676  C CG1 . VAL A 1 88 ? 4.456   5.964   16.244  1.00 16.65 ? 106 VAL A CG1 1 
ATOM   677  C CG2 . VAL A 1 88 ? 6.355   7.165   15.179  1.00 16.68 ? 106 VAL A CG2 1 
ATOM   678  N N   . MET A 1 89 ? 5.802   3.995   18.617  1.00 12.80 ? 107 MET A N   1 
ATOM   679  C CA  . MET A 1 89 ? 5.216   2.789   19.181  1.00 12.27 ? 107 MET A CA  1 
ATOM   680  C C   . MET A 1 89 ? 3.775   2.694   18.717  1.00 12.07 ? 107 MET A C   1 
ATOM   681  O O   . MET A 1 89 ? 3.079   3.705   18.661  1.00 12.61 ? 107 MET A O   1 
ATOM   682  C CB  . MET A 1 89 ? 5.265   2.832   20.704  1.00 16.13 ? 107 MET A CB  1 
ATOM   683  C CG  . MET A 1 89 ? 6.648   3.075   21.242  1.00 21.47 ? 107 MET A CG  1 
ATOM   684  S SD  . MET A 1 89 ? 6.651   3.208   23.035  1.00 34.68 ? 107 MET A SD  1 
ATOM   685  C CE  . MET A 1 89 ? 5.935   4.835   23.275  1.00 27.72 ? 107 MET A CE  1 
ATOM   686  N N   . PHE A 1 90 ? 3.326   1.492   18.359  1.00 11.80 ? 108 PHE A N   1 
ATOM   687  C CA  . PHE A 1 90 ? 1.956   1.402   17.872  1.00 11.31 ? 108 PHE A CA  1 
ATOM   688  C C   . PHE A 1 90 ? 1.445   -0.014  18.011  1.00 13.31 ? 108 PHE A C   1 
ATOM   689  O O   . PHE A 1 90 ? 2.220   -0.967  18.094  1.00 13.05 ? 108 PHE A O   1 
ATOM   690  C CB  . PHE A 1 90 ? 1.818   1.855   16.406  1.00 10.52 ? 108 PHE A CB  1 
ATOM   691  C CG  . PHE A 1 90 ? 2.373   0.884   15.395  1.00 13.18 ? 108 PHE A CG  1 
ATOM   692  C CD1 . PHE A 1 90 ? 1.537   0.050   14.694  1.00 14.38 ? 108 PHE A CD1 1 
ATOM   693  C CD2 . PHE A 1 90 ? 3.734   0.809   15.168  1.00 13.32 ? 108 PHE A CD2 1 
ATOM   694  C CE1 . PHE A 1 90 ? 2.045   -0.841  13.749  1.00 13.50 ? 108 PHE A CE1 1 
ATOM   695  C CE2 . PHE A 1 90 ? 4.264   -0.077  14.239  1.00 14.55 ? 108 PHE A CE2 1 
ATOM   696  C CZ  . PHE A 1 90 ? 3.414   -0.910  13.528  1.00 13.96 ? 108 PHE A CZ  1 
ATOM   697  N N   . THR A 1 91 ? 0.122   -0.126  17.993  1.00 12.35 ? 109 THR A N   1 
ATOM   698  C CA  . THR A 1 91 ? -0.567  -1.403  17.893  1.00 15.27 ? 109 THR A CA  1 
ATOM   699  C C   . THR A 1 91 ? -1.737  -1.249  16.934  1.00 14.40 ? 109 THR A C   1 
ATOM   700  O O   . THR A 1 91 ? -2.352  -0.185  16.841  1.00 14.11 ? 109 THR A O   1 
ATOM   701  C CB  . THR A 1 91 ? -1.062  -1.926  19.262  1.00 14.50 ? 109 THR A CB  1 
ATOM   702  O OG1 . THR A 1 91 ? -1.957  -0.994  19.888  1.00 20.82 ? 109 THR A OG1 1 
ATOM   703  C CG2 . THR A 1 91 ? 0.118   -2.237  20.190  1.00 20.79 ? 109 THR A CG2 1 
ATOM   704  N N   . ILE A 1 92 ? -2.006  -2.308  16.186  1.00 14.44 ? 110 ILE A N   1 
ATOM   705  C CA  . ILE A 1 92 ? -3.206  -2.427  15.367  1.00 15.63 ? 110 ILE A CA  1 
ATOM   706  C C   . ILE A 1 92 ? -3.972  -3.646  15.860  1.00 17.52 ? 110 ILE A C   1 
ATOM   707  O O   . ILE A 1 92 ? -3.467  -4.775  15.783  1.00 23.99 ? 110 ILE A O   1 
ATOM   708  C CB  . ILE A 1 92 ? -2.867  -2.541  13.875  1.00 16.72 ? 110 ILE A CB  1 
ATOM   709  C CG1 . ILE A 1 92 ? -2.068  -1.309  13.419  1.00 18.04 ? 110 ILE A CG1 1 
ATOM   710  C CG2 . ILE A 1 92 ? -4.135  -2.678  13.054  1.00 20.30 ? 110 ILE A CG2 1 
ATOM   711  C CD1 . ILE A 1 92 ? -1.444  -1.483  12.048  1.00 20.60 ? 110 ILE A CD1 1 
ATOM   712  N N   . ASP A 1 93 ? -5.163  -3.418  16.406  1.00 19.74 ? 111 ASP A N   1 
ATOM   713  C CA  . ASP A 1 93 ? -5.977  -4.477  16.988  1.00 21.43 ? 111 ASP A CA  1 
ATOM   714  C C   . ASP A 1 93 ? -7.113  -4.800  16.033  1.00 22.21 ? 111 ASP A C   1 
ATOM   715  O O   . ASP A 1 93 ? -7.861  -3.905  15.637  1.00 21.85 ? 111 ASP A O   1 
ATOM   716  C CB  . ASP A 1 93 ? -6.554  -4.063  18.344  1.00 24.85 ? 111 ASP A CB  1 
ATOM   717  C CG  . ASP A 1 93 ? -5.498  -3.949  19.431  1.00 29.40 ? 111 ASP A CG  1 
ATOM   718  O OD1 . ASP A 1 93 ? -4.451  -4.622  19.325  1.00 34.01 ? 111 ASP A OD1 1 
ATOM   719  O OD2 . ASP A 1 93 ? -5.727  -3.188  20.396  1.00 34.94 ? 111 ASP A OD2 1 
ATOM   720  N N   . ILE A 1 94 ? -7.242  -6.071  15.664  1.00 21.88 ? 112 ILE A N   1 
ATOM   721  C CA  . ILE A 1 94 ? -8.311  -6.524  14.784  1.00 23.90 ? 112 ILE A CA  1 
ATOM   722  C C   . ILE A 1 94 ? -9.307  -7.333  15.604  1.00 26.25 ? 112 ILE A C   1 
ATOM   723  O O   . ILE A 1 94 ? -8.921  -8.268  16.315  1.00 28.28 ? 112 ILE A O   1 
ATOM   724  C CB  . ILE A 1 94 ? -7.762  -7.357  13.617  1.00 27.22 ? 112 ILE A CB  1 
ATOM   725  C CG1 . ILE A 1 94 ? -6.654  -6.589  12.906  1.00 27.96 ? 112 ILE A CG1 1 
ATOM   726  C CG2 . ILE A 1 94 ? -8.889  -7.718  12.668  1.00 31.37 ? 112 ILE A CG2 1 
ATOM   727  C CD1 . ILE A 1 94 ? -7.066  -5.249  12.433  1.00 27.89 ? 112 ILE A CD1 1 
ATOM   728  N N   . GLY A 1 95 ? -10.582 -6.964  15.514  1.00 26.11 ? 113 GLY A N   1 
ATOM   729  C CA  . GLY A 1 95 ? -11.637 -7.683  16.210  1.00 27.55 ? 113 GLY A CA  1 
ATOM   730  C C   . GLY A 1 95 ? -11.540 -7.619  17.722  1.00 30.38 ? 113 GLY A C   1 
ATOM   731  O O   . GLY A 1 95 ? -11.112 -6.613  18.288  1.00 31.77 ? 113 GLY A O   1 
ATOM   732  N N   . TYR B 1 3  ? -10.928 -0.903  -11.206 1.00 24.43 ? 21  TYR B N   1 
ATOM   733  C CA  . TYR B 1 3  ? -10.328 0.354   -10.783 1.00 19.72 ? 21  TYR B CA  1 
ATOM   734  C C   . TYR B 1 3  ? -9.507  0.952   -11.926 1.00 19.95 ? 21  TYR B C   1 
ATOM   735  O O   . TYR B 1 3  ? -8.822  0.221   -12.650 1.00 20.30 ? 21  TYR B O   1 
ATOM   736  C CB  . TYR B 1 3  ? -9.453  0.121   -9.542  1.00 20.06 ? 21  TYR B CB  1 
ATOM   737  C CG  . TYR B 1 3  ? -9.068  1.344   -8.730  1.00 22.97 ? 21  TYR B CG  1 
ATOM   738  C CD1 . TYR B 1 3  ? -7.862  1.994   -8.945  1.00 20.69 ? 21  TYR B CD1 1 
ATOM   739  C CD2 . TYR B 1 3  ? -9.889  1.820   -7.703  1.00 23.80 ? 21  TYR B CD2 1 
ATOM   740  C CE1 . TYR B 1 3  ? -7.488  3.102   -8.184  1.00 24.39 ? 21  TYR B CE1 1 
ATOM   741  C CE2 . TYR B 1 3  ? -9.524  2.925   -6.942  1.00 27.21 ? 21  TYR B CE2 1 
ATOM   742  C CZ  . TYR B 1 3  ? -8.324  3.562   -7.188  1.00 25.27 ? 21  TYR B CZ  1 
ATOM   743  O OH  . TYR B 1 3  ? -7.957  4.663   -6.440  1.00 30.83 ? 21  TYR B OH  1 
ATOM   744  N N   . PHE B 1 4  ? -9.583  2.266   -12.105 1.00 19.18 ? 22  PHE B N   1 
ATOM   745  C CA  . PHE B 1 4  ? -8.699  3.002   -12.998 1.00 15.69 ? 22  PHE B CA  1 
ATOM   746  C C   . PHE B 1 4  ? -7.626  3.700   -12.177 1.00 17.30 ? 22  PHE B C   1 
ATOM   747  O O   . PHE B 1 4  ? -7.910  4.259   -11.111 1.00 18.57 ? 22  PHE B O   1 
ATOM   748  C CB  . PHE B 1 4  ? -9.454  4.055   -13.823 1.00 17.88 ? 22  PHE B CB  1 
ATOM   749  C CG  . PHE B 1 4  ? -10.360 3.492   -14.871 1.00 17.78 ? 22  PHE B CG  1 
ATOM   750  C CD1 . PHE B 1 4  ? -11.686 3.232   -14.597 1.00 24.55 ? 22  PHE B CD1 1 
ATOM   751  C CD2 . PHE B 1 4  ? -9.884  3.264   -16.152 1.00 19.50 ? 22  PHE B CD2 1 
ATOM   752  C CE1 . PHE B 1 4  ? -12.529 2.722   -15.573 1.00 22.57 ? 22  PHE B CE1 1 
ATOM   753  C CE2 . PHE B 1 4  ? -10.719 2.750   -17.127 1.00 23.90 ? 22  PHE B CE2 1 
ATOM   754  C CZ  . PHE B 1 4  ? -12.043 2.484   -16.835 1.00 22.57 ? 22  PHE B CZ  1 
ATOM   755  N N   . VAL B 1 5  ? -6.392  3.673   -12.671 1.00 14.22 ? 23  VAL B N   1 
ATOM   756  C CA  . VAL B 1 5  ? -5.288  4.401   -12.060 1.00 14.24 ? 23  VAL B CA  1 
ATOM   757  C C   . VAL B 1 5  ? -4.497  5.113   -13.147 1.00 15.31 ? 23  VAL B C   1 
ATOM   758  O O   . VAL B 1 5  ? -4.241  4.557   -14.223 1.00 16.13 ? 23  VAL B O   1 
ATOM   759  C CB  . VAL B 1 5  ? -4.374  3.492   -11.197 1.00 13.64 ? 23  VAL B CB  1 
ATOM   760  C CG1 . VAL B 1 5  ? -3.723  2.352   -12.023 1.00 14.14 ? 23  VAL B CG1 1 
ATOM   761  C CG2 . VAL B 1 5  ? -3.330  4.333   -10.459 1.00 16.19 ? 23  VAL B CG2 1 
ATOM   762  N N   . SER B 1 6  ? -4.118  6.351   -12.856 1.00 14.52 ? 24  SER B N   1 
ATOM   763  C CA  . SER B 1 6  ? -3.247  7.150   -13.699 1.00 16.15 ? 24  SER B CA  1 
ATOM   764  C C   . SER B 1 6  ? -1.821  6.973   -13.219 1.00 16.42 ? 24  SER B C   1 
ATOM   765  O O   . SER B 1 6  ? -1.561  7.051   -12.012 1.00 19.67 ? 24  SER B O   1 
ATOM   766  C CB  . SER B 1 6  ? -3.625  8.627   -13.616 1.00 20.81 ? 24  SER B CB  1 
ATOM   767  O OG  . SER B 1 6  ? -4.798  8.883   -14.345 1.00 24.55 ? 24  SER B OG  1 
ATOM   768  N N   . ILE B 1 7  ? -0.907  6.728   -14.153 1.00 17.18 ? 25  ILE B N   1 
ATOM   769  C CA  . ILE B 1 7  ? 0.516   6.636   -13.856 1.00 16.68 ? 25  ILE B CA  1 
ATOM   770  C C   . ILE B 1 7  ? 1.215   7.682   -14.710 1.00 18.40 ? 25  ILE B C   1 
ATOM   771  O O   . ILE B 1 7  ? 1.272   7.554   -15.942 1.00 19.95 ? 25  ILE B O   1 
ATOM   772  C CB  . ILE B 1 7  ? 1.099   5.241   -14.113 1.00 17.46 ? 25  ILE B CB  1 
ATOM   773  C CG1 . ILE B 1 7  ? 0.279   4.153   -13.417 1.00 19.67 ? 25  ILE B CG1 1 
ATOM   774  C CG2 . ILE B 1 7  ? 2.510   5.198   -13.562 1.00 14.88 ? 25  ILE B CG2 1 
ATOM   775  C CD1 . ILE B 1 7  ? -0.698  3.464   -14.308 1.00 20.09 ? 25  ILE B CD1 1 
ATOM   776  N N   . ASP B 1 8  ? 1.754   8.712   -14.062 1.00 21.47 ? 26  ASP B N   1 
ATOM   777  C CA  . ASP B 1 8  ? 2.445   9.768   -14.782 1.00 21.41 ? 26  ASP B CA  1 
ATOM   778  C C   . ASP B 1 8  ? 3.748   9.249   -15.384 1.00 22.03 ? 26  ASP B C   1 
ATOM   779  O O   . ASP B 1 8  ? 4.224   8.153   -15.062 1.00 20.42 ? 26  ASP B O   1 
ATOM   780  C CB  . ASP B 1 8  ? 2.731   10.947  -13.852 1.00 25.93 ? 26  ASP B CB  1 
ATOM   781  C CG  . ASP B 1 8  ? 1.506   11.788  -13.588 1.00 31.74 ? 26  ASP B CG  1 
ATOM   782  O OD1 . ASP B 1 8  ? 0.580   11.767  -14.425 1.00 33.87 ? 26  ASP B OD1 1 
ATOM   783  O OD2 . ASP B 1 8  ? 1.476   12.480  -12.550 1.00 39.42 ? 26  ASP B OD2 1 
ATOM   784  N N   . ALA B 1 9  ? 4.329   10.062  -16.271 1.00 21.33 ? 27  ALA B N   1 
ATOM   785  C CA  . ALA B 1 9  ? 5.625   9.756   -16.860 1.00 23.35 ? 27  ALA B CA  1 
ATOM   786  C C   . ALA B 1 9  ? 6.656   9.520   -15.768 1.00 23.33 ? 27  ALA B C   1 
ATOM   787  O O   . ALA B 1 9  ? 6.796   10.326  -14.843 1.00 25.48 ? 27  ALA B O   1 
ATOM   788  C CB  . ALA B 1 9  ? 6.077   10.902  -17.773 1.00 27.06 ? 27  ALA B CB  1 
ATOM   789  N N   . HIS B 1 10 ? 7.355   8.390   -15.861 1.00 24.25 ? 28  HIS B N   1 
ATOM   790  C CA  . HIS B 1 10 ? 8.408   8.027   -14.912 1.00 25.55 ? 28  HIS B CA  1 
ATOM   791  C C   . HIS B 1 10 ? 7.888   7.957   -13.481 1.00 25.06 ? 28  HIS B C   1 
ATOM   792  O O   . HIS B 1 10 ? 8.605   8.276   -12.530 1.00 29.27 ? 28  HIS B O   1 
ATOM   793  C CB  . HIS B 1 10 ? 9.599   8.981   -15.031 1.00 25.52 ? 28  HIS B CB  1 
ATOM   794  C CG  . HIS B 1 10 ? 10.194  9.005   -16.401 1.00 25.44 ? 28  HIS B CG  1 
ATOM   795  N ND1 . HIS B 1 10 ? 10.755  7.889   -16.985 1.00 30.21 ? 28  HIS B ND1 1 
ATOM   796  C CD2 . HIS B 1 10 ? 10.272  9.992   -17.324 1.00 26.47 ? 28  HIS B CD2 1 
ATOM   797  C CE1 . HIS B 1 10 ? 11.175  8.194   -18.199 1.00 28.69 ? 28  HIS B CE1 1 
ATOM   798  N NE2 . HIS B 1 10 ? 10.891  9.463   -18.431 1.00 31.63 ? 28  HIS B NE2 1 
ATOM   799  N N   . ALA B 1 11 ? 6.640   7.533   -13.320 1.00 22.07 ? 29  ALA B N   1 
ATOM   800  C CA  . ALA B 1 11 ? 6.037   7.300   -12.018 1.00 21.29 ? 29  ALA B CA  1 
ATOM   801  C C   . ALA B 1 11 ? 5.694   5.822   -11.873 1.00 18.49 ? 29  ALA B C   1 
ATOM   802  O O   . ALA B 1 11 ? 5.720   5.057   -12.841 1.00 17.88 ? 29  ALA B O   1 
ATOM   803  C CB  . ALA B 1 11 ? 4.782   8.162   -11.824 1.00 21.40 ? 29  ALA B CB  1 
ATOM   804  N N   . GLU B 1 12 ? 5.356   5.447   -10.646 1.00 19.46 ? 30  GLU B N   1 
ATOM   805  C CA  . GLU B 1 12 ? 4.949   4.095   -10.283 1.00 18.37 ? 30  GLU B CA  1 
ATOM   806  C C   . GLU B 1 12 ? 3.786   4.194   -9.312  1.00 17.57 ? 30  GLU B C   1 
ATOM   807  O O   . GLU B 1 12 ? 3.775   5.055   -8.428  1.00 22.17 ? 30  GLU B O   1 
ATOM   808  C CB  . GLU B 1 12 ? 6.128   3.330   -9.658  1.00 20.29 ? 30  GLU B CB  1 
ATOM   809  C CG  . GLU B 1 12 ? 5.785   2.094   -8.857  1.00 28.42 ? 30  GLU B CG  1 
ATOM   810  C CD  . GLU B 1 12 ? 6.978   1.619   -8.025  1.00 31.40 ? 30  GLU B CD  1 
ATOM   811  O OE1 . GLU B 1 12 ? 7.316   2.305   -7.041  1.00 36.52 ? 30  GLU B OE1 1 
ATOM   812  O OE2 . GLU B 1 12 ? 7.567   0.581   -8.376  1.00 35.32 ? 30  GLU B OE2 1 
ATOM   813  N N   . GLU B 1 13 ? 2.786   3.328   -9.481  1.00 14.67 ? 31  GLU B N   1 
ATOM   814  C CA  . GLU B 1 13 ? 1.655   3.281   -8.567  1.00 17.82 ? 31  GLU B CA  1 
ATOM   815  C C   . GLU B 1 13 ? 1.488   1.849   -8.088  1.00 16.81 ? 31  GLU B C   1 
ATOM   816  O O   . GLU B 1 13 ? 1.430   0.925   -8.905  1.00 16.02 ? 31  GLU B O   1 
ATOM   817  C CB  . GLU B 1 13 ? 0.373   3.774   -9.243  1.00 19.56 ? 31  GLU B CB  1 
ATOM   818  C CG  . GLU B 1 13 ? 0.463   5.222   -9.758  1.00 20.74 ? 31  GLU B CG  1 
ATOM   819  C CD  . GLU B 1 13 ? 0.524   6.263   -8.640  1.00 26.18 ? 31  GLU B CD  1 
ATOM   820  O OE1 . GLU B 1 13 ? 0.244   5.928   -7.469  1.00 27.15 ? 31  GLU B OE1 1 
ATOM   821  O OE2 . GLU B 1 13 ? 0.843   7.435   -8.950  1.00 26.42 ? 31  GLU B OE2 1 
ATOM   822  N N   . CYS B 1 14 ? 1.421   1.664   -6.775  1.00 17.29 ? 32  CYS B N   1 
ATOM   823  C CA  . CYS B 1 14 ? 1.377   0.328   -6.201  1.00 16.31 ? 32  CYS B CA  1 
ATOM   824  C C   . CYS B 1 14 ? 0.119   0.117   -5.374  1.00 16.66 ? 32  CYS B C   1 
ATOM   825  O O   . CYS B 1 14 ? -0.442  1.046   -4.779  1.00 18.36 ? 32  CYS B O   1 
ATOM   826  C CB  . CYS B 1 14 ? 2.600   0.023   -5.335  1.00 18.44 ? 32  CYS B CB  1 
ATOM   827  S SG  . CYS B 1 14 ? 4.218   0.083   -6.237  1.00 28.21 ? 32  CYS B SG  1 
ATOM   828  N N   . PHE B 1 15 ? -0.302  -1.134  -5.352  1.00 14.00 ? 33  PHE B N   1 
ATOM   829  C CA  . PHE B 1 15 ? -1.470  -1.602  -4.633  1.00 12.43 ? 33  PHE B CA  1 
ATOM   830  C C   . PHE B 1 15 ? -1.071  -2.841  -3.849  1.00 14.59 ? 33  PHE B C   1 
ATOM   831  O O   . PHE B 1 15 ? -0.156  -3.568  -4.244  1.00 13.28 ? 33  PHE B O   1 
ATOM   832  C CB  . PHE B 1 15 ? -2.597  -1.875  -5.621  1.00 15.92 ? 33  PHE B CB  1 
ATOM   833  C CG  . PHE B 1 15 ? -2.969  -0.661  -6.412  1.00 15.41 ? 33  PHE B CG  1 
ATOM   834  C CD1 . PHE B 1 15 ? -3.971  0.186   -5.971  1.00 16.56 ? 33  PHE B CD1 1 
ATOM   835  C CD2 . PHE B 1 15 ? -2.287  -0.340  -7.564  1.00 15.41 ? 33  PHE B CD2 1 
ATOM   836  C CE1 . PHE B 1 15 ? -4.305  1.341   -6.687  1.00 16.89 ? 33  PHE B CE1 1 
ATOM   837  C CE2 . PHE B 1 15 ? -2.614  0.810   -8.274  1.00 18.53 ? 33  PHE B CE2 1 
ATOM   838  C CZ  . PHE B 1 15 ? -3.628  1.643   -7.826  1.00 18.77 ? 33  PHE B CZ  1 
ATOM   839  N N   . PHE B 1 16 ? -1.734  -3.068  -2.725  1.00 13.18 ? 34  PHE B N   1 
ATOM   840  C CA  . PHE B 1 16 ? -1.261  -4.027  -1.736  1.00 11.09 ? 34  PHE B CA  1 
ATOM   841  C C   . PHE B 1 16 ? -2.381  -4.945  -1.293  1.00 15.11 ? 34  PHE B C   1 
ATOM   842  O O   . PHE B 1 16 ? -3.504  -4.490  -1.055  1.00 16.45 ? 34  PHE B O   1 
ATOM   843  C CB  . PHE B 1 16 ? -0.684  -3.329  -0.506  1.00 13.37 ? 34  PHE B CB  1 
ATOM   844  C CG  . PHE B 1 16 ? 0.448   -2.432  -0.818  1.00 12.25 ? 34  PHE B CG  1 
ATOM   845  C CD1 . PHE B 1 16 ? 1.752   -2.892  -0.736  1.00 15.59 ? 34  PHE B CD1 1 
ATOM   846  C CD2 . PHE B 1 16 ? 0.223   -1.133  -1.204  1.00 15.91 ? 34  PHE B CD2 1 
ATOM   847  C CE1 . PHE B 1 16 ? 2.814   -2.065  -1.046  1.00 18.17 ? 34  PHE B CE1 1 
ATOM   848  C CE2 . PHE B 1 16 ? 1.286   -0.307  -1.512  1.00 15.46 ? 34  PHE B CE2 1 
ATOM   849  C CZ  . PHE B 1 16 ? 2.573   -0.777  -1.433  1.00 16.70 ? 34  PHE B CZ  1 
ATOM   850  N N   . GLU B 1 17 ? -2.077  -6.232  -1.189  1.00 12.90 ? 35  GLU B N   1 
ATOM   851  C CA  . GLU B 1 17 ? -3.014  -7.218  -0.649  1.00 13.19 ? 35  GLU B CA  1 
ATOM   852  C C   . GLU B 1 17 ? -2.294  -8.106  0.349   1.00 15.54 ? 35  GLU B C   1 
ATOM   853  O O   . GLU B 1 17 ? -1.240  -8.662  0.036   1.00 14.82 ? 35  GLU B O   1 
ATOM   854  C CB  . GLU B 1 17 ? -3.630  -8.085  -1.751  1.00 16.39 ? 35  GLU B CB  1 
ATOM   855  C CG  . GLU B 1 17 ? -4.610  -7.342  -2.636  1.00 18.81 ? 35  GLU B CG  1 
ATOM   856  C CD  . GLU B 1 17 ? -5.982  -7.150  -1.985  1.00 22.48 ? 35  GLU B CD  1 
ATOM   857  O OE1 . GLU B 1 17 ? -6.166  -7.489  -0.796  1.00 22.79 ? 35  GLU B OE1 1 
ATOM   858  O OE2 . GLU B 1 17 ? -6.903  -6.674  -2.684  1.00 26.78 ? 35  GLU B OE2 1 
ATOM   859  N N   . ARG B 1 18 ? -2.858  -8.255  1.545   1.00 13.91 ? 36  ARG B N   1 
ATOM   860  C CA  . ARG B 1 18 ? -2.285  -9.137  2.547   1.00 16.37 ? 36  ARG B CA  1 
ATOM   861  C C   . ARG B 1 18 ? -3.030  -10.458 2.523   1.00 17.32 ? 36  ARG B C   1 
ATOM   862  O O   . ARG B 1 18 ? -4.262  -10.483 2.610   1.00 18.71 ? 36  ARG B O   1 
ATOM   863  C CB  . ARG B 1 18 ? -2.349  -8.529  3.945   1.00 18.34 ? 36  ARG B CB  1 
ATOM   864  C CG  . ARG B 1 18 ? -1.609  -9.416  4.936   1.00 20.20 ? 36  ARG B CG  1 
ATOM   865  C CD  . ARG B 1 18 ? -1.583  -8.848  6.316   1.00 23.55 ? 36  ARG B CD  1 
ATOM   866  N NE  . ARG B 1 18 ? -1.016  -9.841  7.224   1.00 27.08 ? 36  ARG B NE  1 
ATOM   867  C CZ  . ARG B 1 18 ? -0.804  -9.631  8.516   1.00 29.98 ? 36  ARG B CZ  1 
ATOM   868  N NH1 . ARG B 1 18 ? -1.107  -8.462  9.057   1.00 25.80 ? 36  ARG B NH1 1 
ATOM   869  N NH2 . ARG B 1 18 ? -0.287  -10.595 9.265   1.00 35.84 ? 36  ARG B NH2 1 
ATOM   870  N N   . VAL B 1 19 ? -2.291  -11.557 2.379   1.00 16.22 ? 37  VAL B N   1 
ATOM   871  C CA  . VAL B 1 19 ? -2.894  -12.873 2.211   1.00 18.60 ? 37  VAL B CA  1 
ATOM   872  C C   . VAL B 1 19 ? -2.105  -13.917 2.987   1.00 20.37 ? 37  VAL B C   1 
ATOM   873  O O   . VAL B 1 19 ? -1.010  -13.664 3.491   1.00 20.66 ? 37  VAL B O   1 
ATOM   874  C CB  . VAL B 1 19 ? -2.983  -13.298 0.729   1.00 19.16 ? 37  VAL B CB  1 
ATOM   875  C CG1 . VAL B 1 19 ? -3.881  -12.359 -0.055  1.00 19.73 ? 37  VAL B CG1 1 
ATOM   876  C CG2 . VAL B 1 19 ? -1.601  -13.374 0.115   1.00 19.96 ? 37  VAL B CG2 1 
ATOM   877  N N   . THR B 1 20 ? -2.676  -15.116 3.051   1.00 18.01 ? 38  THR B N   1 
ATOM   878  C CA  . THR B 1 20 ? -2.008  -16.269 3.631   1.00 21.03 ? 38  THR B CA  1 
ATOM   879  C C   . THR B 1 20 ? -1.398  -17.144 2.541   1.00 19.93 ? 38  THR B C   1 
ATOM   880  O O   . THR B 1 20 ? -1.846  -17.135 1.391   1.00 18.60 ? 38  THR B O   1 
ATOM   881  C CB  . THR B 1 20 ? -2.989  -17.085 4.475   1.00 25.70 ? 38  THR B CB  1 
ATOM   882  O OG1 . THR B 1 20 ? -4.046  -17.575 3.645   1.00 28.45 ? 38  THR B OG1 1 
ATOM   883  C CG2 . THR B 1 20 ? -3.591  -16.199 5.550   1.00 24.46 ? 38  THR B CG2 1 
ATOM   884  N N   . SER B 1 21 ? -0.354  -17.885 2.919   1.00 19.82 ? 39  SER B N   1 
ATOM   885  C CA  . SER B 1 21 ? 0.340   -18.785 2.006   1.00 19.51 ? 39  SER B CA  1 
ATOM   886  C C   . SER B 1 21 ? -0.652  -19.682 1.274   1.00 21.75 ? 39  SER B C   1 
ATOM   887  O O   . SER B 1 21 ? -1.611  -20.188 1.864   1.00 22.55 ? 39  SER B O   1 
ATOM   888  C CB  . SER B 1 21 ? 1.347   -19.635 2.786   1.00 21.59 ? 39  SER B CB  1 
ATOM   889  O OG  . SER B 1 21 ? 2.279   -20.248 1.921   1.00 25.33 ? 39  SER B OG  1 
ATOM   890  N N   . GLY B 1 22 ? -0.434  -19.851 -0.031  1.00 18.60 ? 40  GLY B N   1 
ATOM   891  C CA  . GLY B 1 22 ? -1.285  -20.682 -0.858  1.00 21.79 ? 40  GLY B CA  1 
ATOM   892  C C   . GLY B 1 22 ? -2.486  -19.982 -1.458  1.00 19.36 ? 40  GLY B C   1 
ATOM   893  O O   . GLY B 1 22 ? -3.083  -20.508 -2.409  1.00 23.87 ? 40  GLY B O   1 
ATOM   894  N N   . THR B 1 23 ? -2.858  -18.817 -0.936  1.00 18.76 ? 41  THR B N   1 
ATOM   895  C CA  . THR B 1 23 ? -3.987  -18.069 -1.469  1.00 16.30 ? 41  THR B CA  1 
ATOM   896  C C   . THR B 1 23 ? -3.747  -17.666 -2.916  1.00 19.78 ? 41  THR B C   1 
ATOM   897  O O   . THR B 1 23 ? -2.667  -17.182 -3.273  1.00 19.71 ? 41  THR B O   1 
ATOM   898  C CB  . THR B 1 23 ? -4.231  -16.823 -0.620  1.00 20.35 ? 41  THR B CB  1 
ATOM   899  O OG1 . THR B 1 23 ? -4.587  -17.228 0.703   1.00 24.59 ? 41  THR B OG1 1 
ATOM   900  C CG2 . THR B 1 23 ? -5.344  -15.979 -1.196  1.00 21.28 ? 41  THR B CG2 1 
ATOM   901  N N   . LYS B 1 24 ? -4.762  -17.870 -3.751  1.00 20.34 ? 42  LYS B N   1 
ATOM   902  C CA  . LYS B 1 24 ? -4.708  -17.450 -5.143  1.00 19.28 ? 42  LYS B CA  1 
ATOM   903  C C   . LYS B 1 24 ? -4.969  -15.957 -5.275  1.00 20.15 ? 42  LYS B C   1 
ATOM   904  O O   . LYS B 1 24 ? -5.865  -15.400 -4.632  1.00 20.29 ? 42  LYS B O   1 
ATOM   905  C CB  . LYS B 1 24 ? -5.729  -18.231 -5.968  1.00 21.49 ? 42  LYS B CB  1 
ATOM   906  C CG  . LYS B 1 24 ? -5.659  -19.714 -5.730  1.00 26.81 ? 42  LYS B CG  1 
ATOM   907  C CD  . LYS B 1 24 ? -4.349  -20.286 -6.235  1.00 28.89 ? 42  LYS B CD  1 
ATOM   908  C CE  . LYS B 1 24 ? -4.248  -21.773 -5.899  1.00 32.65 ? 42  LYS B CE  1 
ATOM   909  N NZ  . LYS B 1 24 ? -3.605  -22.574 -6.984  1.00 37.91 ? 42  LYS B NZ  1 
ATOM   910  N N   . MET B 1 25 ? -4.195  -15.312 -6.144  1.00 17.72 ? 43  MET B N   1 
ATOM   911  C CA  . MET B 1 25 ? -4.286  -13.881 -6.385  1.00 17.87 ? 43  MET B CA  1 
ATOM   912  C C   . MET B 1 25 ? -4.353  -13.665 -7.883  1.00 16.42 ? 43  MET B C   1 
ATOM   913  O O   . MET B 1 25 ? -3.431  -14.056 -8.603  1.00 19.84 ? 43  MET B O   1 
ATOM   914  C CB  . MET B 1 25 ? -3.086  -13.147 -5.792  1.00 19.53 ? 43  MET B CB  1 
ATOM   915  C CG  . MET B 1 25 ? -2.805  -13.531 -4.354  1.00 18.23 ? 43  MET B CG  1 
ATOM   916  S SD  . MET B 1 25 ? -1.347  -12.644 -3.761  1.00 20.57 ? 43  MET B SD  1 
ATOM   917  C CE  . MET B 1 25 ? -0.045  -13.506 -4.614  1.00 21.54 ? 43  MET B CE  1 
ATOM   918  N N   . GLY B 1 26 ? -5.441  -13.079 -8.350  1.00 16.95 ? 44  GLY B N   1 
ATOM   919  C CA  . GLY B 1 26 ? -5.637  -12.825 -9.766  1.00 19.51 ? 44  GLY B CA  1 
ATOM   920  C C   . GLY B 1 26 ? -5.406  -11.357 -10.070 1.00 18.99 ? 44  GLY B C   1 
ATOM   921  O O   . GLY B 1 26 ? -5.790  -10.484 -9.293  1.00 20.57 ? 44  GLY B O   1 
ATOM   922  N N   . LEU B 1 27 ? -4.749  -11.106 -11.195 1.00 16.11 ? 45  LEU B N   1 
ATOM   923  C CA  . LEU B 1 27 ? -4.601  -9.770  -11.752 1.00 15.25 ? 45  LEU B CA  1 
ATOM   924  C C   . LEU B 1 27 ? -5.108  -9.785  -13.183 1.00 15.33 ? 45  LEU B C   1 
ATOM   925  O O   . LEU B 1 27 ? -4.690  -10.625 -13.988 1.00 17.66 ? 45  LEU B O   1 
ATOM   926  C CB  . LEU B 1 27 ? -3.149  -9.303  -11.714 1.00 15.98 ? 45  LEU B CB  1 
ATOM   927  C CG  . LEU B 1 27 ? -2.889  -7.946  -12.362 1.00 17.10 ? 45  LEU B CG  1 
ATOM   928  C CD1 . LEU B 1 27 ? -3.594  -6.854  -11.599 1.00 17.67 ? 45  LEU B CD1 1 
ATOM   929  C CD2 . LEU B 1 27 ? -1.389  -7.634  -12.499 1.00 18.42 ? 45  LEU B CD2 1 
ATOM   930  N N   . ILE B 1 28 ? -6.027  -8.881  -13.488 1.00 14.01 ? 46  ILE B N   1 
ATOM   931  C CA  . ILE B 1 28 ? -6.409  -8.561  -14.860 1.00 13.78 ? 46  ILE B CA  1 
ATOM   932  C C   . ILE B 1 28 ? -6.104  -7.090  -15.071 1.00 14.01 ? 46  ILE B C   1 
ATOM   933  O O   . ILE B 1 28 ? -6.431  -6.263  -14.218 1.00 14.49 ? 46  ILE B O   1 
ATOM   934  C CB  . ILE B 1 28 ? -7.896  -8.845  -15.131 1.00 15.46 ? 46  ILE B CB  1 
ATOM   935  C CG1 . ILE B 1 28 ? -8.267  -10.258 -14.693 1.00 21.23 ? 46  ILE B CG1 1 
ATOM   936  C CG2 . ILE B 1 28 ? -8.211  -8.616  -16.591 1.00 16.99 ? 46  ILE B CG2 1 
ATOM   937  C CD1 . ILE B 1 28 ? -9.766  -10.459 -14.545 1.00 24.10 ? 46  ILE B CD1 1 
ATOM   938  N N   . PHE B 1 29 ? -5.476  -6.751  -16.193 1.00 13.81 ? 47  PHE B N   1 
ATOM   939  C CA  . PHE B 1 29 ? -5.226  -5.339  -16.453 1.00 13.27 ? 47  PHE B CA  1 
ATOM   940  C C   . PHE B 1 29 ? -5.290  -5.071  -17.940 1.00 13.20 ? 47  PHE B C   1 
ATOM   941  O O   . PHE B 1 29 ? -5.080  -5.960  -18.773 1.00 13.72 ? 47  PHE B O   1 
ATOM   942  C CB  . PHE B 1 29 ? -3.876  -4.843  -15.897 1.00 14.04 ? 47  PHE B CB  1 
ATOM   943  C CG  . PHE B 1 29 ? -2.670  -5.415  -16.595 1.00 12.88 ? 47  PHE B CG  1 
ATOM   944  C CD1 . PHE B 1 29 ? -2.069  -4.721  -17.635 1.00 12.48 ? 47  PHE B CD1 1 
ATOM   945  C CD2 . PHE B 1 29 ? -2.143  -6.645  -16.205 1.00 14.94 ? 47  PHE B CD2 1 
ATOM   946  C CE1 . PHE B 1 29 ? -0.948  -5.261  -18.274 1.00 13.44 ? 47  PHE B CE1 1 
ATOM   947  C CE2 . PHE B 1 29 ? -1.032  -7.183  -16.837 1.00 14.82 ? 47  PHE B CE2 1 
ATOM   948  C CZ  . PHE B 1 29 ? -0.434  -6.485  -17.875 1.00 16.06 ? 47  PHE B CZ  1 
ATOM   949  N N   . GLU B 1 30 ? -5.562  -3.812  -18.259 1.00 14.59 ? 48  GLU B N   1 
ATOM   950  C CA  . GLU B 1 30 ? -5.602  -3.347  -19.635 1.00 14.83 ? 48  GLU B CA  1 
ATOM   951  C C   . GLU B 1 30 ? -5.244  -1.875  -19.622 1.00 14.90 ? 48  GLU B C   1 
ATOM   952  O O   . GLU B 1 30 ? -5.783  -1.119  -18.817 1.00 16.37 ? 48  GLU B O   1 
ATOM   953  C CB  . GLU B 1 30 ? -6.980  -3.562  -20.264 1.00 18.07 ? 48  GLU B CB  1 
ATOM   954  C CG  . GLU B 1 30 ? -7.056  -3.140  -21.724 1.00 21.24 ? 48  GLU B CG  1 
ATOM   955  C CD  . GLU B 1 30 ? -8.440  -3.291  -22.311 1.00 29.01 ? 48  GLU B CD  1 
ATOM   956  O OE1 . GLU B 1 30 ? -9.344  -3.781  -21.597 1.00 32.87 ? 48  GLU B OE1 1 
ATOM   957  O OE2 . GLU B 1 30 ? -8.621  -2.916  -23.487 1.00 38.84 ? 48  GLU B OE2 1 
ATOM   958  N N   . VAL B 1 31 ? -4.334  -1.472  -20.491 1.00 13.54 ? 49  VAL B N   1 
ATOM   959  C CA  . VAL B 1 31 ? -3.985  -0.063  -20.602 1.00 14.54 ? 49  VAL B CA  1 
ATOM   960  C C   . VAL B 1 31 ? -5.027  0.606   -21.485 1.00 17.01 ? 49  VAL B C   1 
ATOM   961  O O   . VAL B 1 31 ? -5.186  0.248   -22.655 1.00 20.98 ? 49  VAL B O   1 
ATOM   962  C CB  . VAL B 1 31 ? -2.573  0.115   -21.168 1.00 14.18 ? 49  VAL B CB  1 
ATOM   963  C CG1 . VAL B 1 31 ? -2.223  1.596   -21.230 1.00 17.98 ? 49  VAL B CG1 1 
ATOM   964  C CG2 . VAL B 1 31 ? -1.574  -0.629  -20.297 1.00 14.35 ? 49  VAL B CG2 1 
ATOM   965  N N   . ALA B 1 32 ? -5.739  1.582   -20.916 1.00 16.67 ? 50  ALA B N   1 
ATOM   966  C CA  . ALA B 1 32 ? -6.851  2.225   -21.599 1.00 19.82 ? 50  ALA B CA  1 
ATOM   967  C C   . ALA B 1 32 ? -6.426  3.426   -22.433 1.00 22.91 ? 50  ALA B C   1 
ATOM   968  O O   . ALA B 1 32 ? -6.998  3.653   -23.510 1.00 26.69 ? 50  ALA B O   1 
ATOM   969  C CB  . ALA B 1 32 ? -7.907  2.644   -20.571 1.00 22.44 ? 50  ALA B CB  1 
ATOM   970  N N   . GLU B 1 33 ? -5.425  4.181   -21.988 1.00 21.67 ? 51  GLU B N   1 
ATOM   971  C CA  . GLU B 1 33 ? -5.037  5.393   -22.693 1.00 24.26 ? 51  GLU B CA  1 
ATOM   972  C C   . GLU B 1 33 ? -3.588  5.723   -22.369 1.00 22.76 ? 51  GLU B C   1 
ATOM   973  O O   . GLU B 1 33 ? -3.061  5.319   -21.332 1.00 22.23 ? 51  GLU B O   1 
ATOM   974  C CB  . GLU B 1 33 ? -5.956  6.564   -22.320 1.00 28.86 ? 51  GLU B CB  1 
ATOM   975  C CG  . GLU B 1 33 ? -5.867  7.734   -23.266 1.00 34.95 ? 51  GLU B CG  1 
ATOM   976  C CD  . GLU B 1 33 ? -6.217  7.346   -24.681 1.00 36.70 ? 51  GLU B CD  1 
ATOM   977  O OE1 . GLU B 1 33 ? -7.424  7.200   -24.971 1.00 39.15 ? 51  GLU B OE1 1 
ATOM   978  O OE2 . GLU B 1 33 ? -5.283  7.174   -25.498 1.00 39.13 ? 51  GLU B OE2 1 
ATOM   979  N N   . GLY B 1 34 ? -2.946  6.457   -23.285 1.00 23.15 ? 52  GLY B N   1 
ATOM   980  C CA  . GLY B 1 34 ? -1.639  7.038   -23.044 1.00 23.47 ? 52  GLY B CA  1 
ATOM   981  C C   . GLY B 1 34 ? -0.481  6.397   -23.787 1.00 22.85 ? 52  GLY B C   1 
ATOM   982  O O   . GLY B 1 34 ? -0.337  5.171   -23.772 1.00 20.60 ? 52  GLY B O   1 
ATOM   983  N N   . GLY B 1 35 ? 0.361   7.213   -24.425 1.00 25.92 ? 53  GLY B N   1 
ATOM   984  C CA  . GLY B 1 35 ? 1.575   6.700   -25.053 1.00 22.98 ? 53  GLY B CA  1 
ATOM   985  C C   . GLY B 1 35 ? 1.280   5.611   -26.068 1.00 20.48 ? 53  GLY B C   1 
ATOM   986  O O   . GLY B 1 35 ? 0.359   5.718   -26.878 1.00 22.23 ? 53  GLY B O   1 
ATOM   987  N N   . PHE B 1 36 ? 2.062   4.534   -26.015 1.00 19.16 ? 54  PHE B N   1 
ATOM   988  C CA  . PHE B 1 36 ? 1.841   3.375   -26.865 1.00 17.96 ? 54  PHE B CA  1 
ATOM   989  C C   . PHE B 1 36 ? 1.018   2.299   -26.165 1.00 18.78 ? 54  PHE B C   1 
ATOM   990  O O   . PHE B 1 36 ? 1.102   1.120   -26.515 1.00 20.98 ? 54  PHE B O   1 
ATOM   991  C CB  . PHE B 1 36 ? 3.177   2.828   -27.355 1.00 19.22 ? 54  PHE B CB  1 
ATOM   992  C CG  . PHE B 1 36 ? 3.889   3.771   -28.280 1.00 16.27 ? 54  PHE B CG  1 
ATOM   993  C CD1 . PHE B 1 36 ? 3.546   3.816   -29.613 1.00 18.39 ? 54  PHE B CD1 1 
ATOM   994  C CD2 . PHE B 1 36 ? 4.870   4.630   -27.808 1.00 22.00 ? 54  PHE B CD2 1 
ATOM   995  C CE1 . PHE B 1 36 ? 4.195   4.684   -30.473 1.00 17.76 ? 54  PHE B CE1 1 
ATOM   996  C CE2 . PHE B 1 36 ? 5.510   5.509   -28.663 1.00 22.95 ? 54  PHE B CE2 1 
ATOM   997  C CZ  . PHE B 1 36 ? 5.167   5.524   -30.004 1.00 20.71 ? 54  PHE B CZ  1 
ATOM   998  N N   . LEU B 1 37 ? 0.210   2.704   -25.187 1.00 17.96 ? 55  LEU B N   1 
ATOM   999  C CA  . LEU B 1 37 ? -0.766  1.814   -24.553 1.00 17.87 ? 55  LEU B CA  1 
ATOM   1000 C C   . LEU B 1 37 ? -0.073  0.623   -23.901 1.00 18.52 ? 55  LEU B C   1 
ATOM   1001 O O   . LEU B 1 37 ? -0.571  -0.504  -23.933 1.00 18.84 ? 55  LEU B O   1 
ATOM   1002 C CB  . LEU B 1 37 ? -1.833  1.348   -25.546 1.00 20.59 ? 55  LEU B CB  1 
ATOM   1003 C CG  . LEU B 1 37 ? -2.701  2.458   -26.131 1.00 23.90 ? 55  LEU B CG  1 
ATOM   1004 C CD1 . LEU B 1 37 ? -3.604  1.898   -27.207 1.00 27.80 ? 55  LEU B CD1 1 
ATOM   1005 C CD2 . LEU B 1 37 ? -3.515  3.110   -25.032 1.00 24.10 ? 55  LEU B CD2 1 
ATOM   1006 N N   . ASP B 1 38 ? 1.084   0.881   -23.304 1.00 16.99 ? 56  ASP B N   1 
ATOM   1007 C CA  . ASP B 1 38 ? 1.865   -0.147  -22.636 1.00 16.94 ? 56  ASP B CA  1 
ATOM   1008 C C   . ASP B 1 38 ? 2.238   0.302   -21.232 1.00 15.13 ? 56  ASP B C   1 
ATOM   1009 O O   . ASP B 1 38 ? 2.293   1.498   -20.926 1.00 17.29 ? 56  ASP B O   1 
ATOM   1010 C CB  . ASP B 1 38 ? 3.129   -0.491  -23.434 1.00 20.63 ? 56  ASP B CB  1 
ATOM   1011 C CG  . ASP B 1 38 ? 4.013   0.721   -23.701 1.00 25.69 ? 56  ASP B CG  1 
ATOM   1012 O OD1 . ASP B 1 38 ? 5.220   0.517   -23.953 1.00 33.05 ? 56  ASP B OD1 1 
ATOM   1013 O OD2 . ASP B 1 38 ? 3.524   1.876   -23.667 1.00 27.72 ? 56  ASP B OD2 1 
ATOM   1014 N N   . ILE B 1 39 ? 2.477   -0.678  -20.366 1.00 14.43 ? 57  ILE B N   1 
ATOM   1015 C CA  . ILE B 1 39 ? 2.796   -0.411  -18.971 1.00 14.18 ? 57  ILE B CA  1 
ATOM   1016 C C   . ILE B 1 39 ? 3.719   -1.517  -18.491 1.00 13.52 ? 57  ILE B C   1 
ATOM   1017 O O   . ILE B 1 39 ? 3.693   -2.628  -19.013 1.00 14.04 ? 57  ILE B O   1 
ATOM   1018 C CB  . ILE B 1 39 ? 1.505   -0.305  -18.107 1.00 12.08 ? 57  ILE B CB  1 
ATOM   1019 C CG1 . ILE B 1 39 ? 1.753   0.437   -16.792 1.00 14.23 ? 57  ILE B CG1 1 
ATOM   1020 C CG2 . ILE B 1 39 ? 0.859   -1.668  -17.845 1.00 12.78 ? 57  ILE B CG2 1 
ATOM   1021 C CD1 . ILE B 1 39 ? 2.025   1.932   -16.931 1.00 16.15 ? 57  ILE B CD1 1 
ATOM   1022 N N   . ASP B 1 40 ? 4.556   -1.197  -17.514 1.00 14.09 ? 58  ASP B N   1 
ATOM   1023 C CA  . ASP B 1 40 ? 5.397   -2.186  -16.853 1.00 13.78 ? 58  ASP B CA  1 
ATOM   1024 C C   . ASP B 1 40 ? 4.710   -2.639  -15.574 1.00 14.34 ? 58  ASP B C   1 
ATOM   1025 O O   . ASP B 1 40 ? 4.184   -1.815  -14.819 1.00 15.37 ? 58  ASP B O   1 
ATOM   1026 C CB  . ASP B 1 40 ? 6.777   -1.601  -16.543 1.00 18.44 ? 58  ASP B CB  1 
ATOM   1027 C CG  . ASP B 1 40 ? 7.516   -1.164  -17.792 1.00 26.21 ? 58  ASP B CG  1 
ATOM   1028 O OD1 . ASP B 1 40 ? 7.350   -1.826  -18.836 1.00 23.40 ? 58  ASP B OD1 1 
ATOM   1029 O OD2 . ASP B 1 40 ? 8.269   -0.165  -17.738 1.00 32.17 ? 58  ASP B OD2 1 
ATOM   1030 N N   . VAL B 1 41 ? 4.694   -3.947  -15.337 1.00 12.41 ? 59  VAL B N   1 
ATOM   1031 C CA  . VAL B 1 41 ? 3.975   -4.543  -14.216 1.00 13.23 ? 59  VAL B CA  1 
ATOM   1032 C C   . VAL B 1 41 ? 4.968   -5.347  -13.398 1.00 16.00 ? 59  VAL B C   1 
ATOM   1033 O O   . VAL B 1 41 ? 5.757   -6.116  -13.960 1.00 16.04 ? 59  VAL B O   1 
ATOM   1034 C CB  . VAL B 1 41 ? 2.832   -5.455  -14.687 1.00 13.96 ? 59  VAL B CB  1 
ATOM   1035 C CG1 . VAL B 1 41 ? 2.052   -6.006  -13.489 1.00 18.30 ? 59  VAL B CG1 1 
ATOM   1036 C CG2 . VAL B 1 41 ? 1.904   -4.734  -15.655 1.00 17.86 ? 59  VAL B CG2 1 
ATOM   1037 N N   . GLU B 1 42 ? 4.920   -5.198  -12.079 1.00 14.54 ? 60  GLU B N   1 
ATOM   1038 C CA  . GLU B 1 42 ? 5.788   -5.972  -11.195 1.00 14.04 ? 60  GLU B CA  1 
ATOM   1039 C C   . GLU B 1 42 ? 4.963   -6.388  -9.992  1.00 14.87 ? 60  GLU B C   1 
ATOM   1040 O O   . GLU B 1 42 ? 4.296   -5.546  -9.391  1.00 15.92 ? 60  GLU B O   1 
ATOM   1041 C CB  . GLU B 1 42 ? 7.000   -5.148  -10.753 1.00 17.71 ? 60  GLU B CB  1 
ATOM   1042 C CG  . GLU B 1 42 ? 8.321   -5.900  -10.696 1.00 23.90 ? 60  GLU B CG  1 
ATOM   1043 C CD  . GLU B 1 42 ? 9.500   -4.988  -10.390 1.00 25.54 ? 60  GLU B CD  1 
ATOM   1044 O OE1 . GLU B 1 42 ? 9.869   -4.165  -11.256 1.00 30.77 ? 60  GLU B OE1 1 
ATOM   1045 O OE2 . GLU B 1 42 ? 10.071  -5.092  -9.284  1.00 31.76 ? 60  GLU B OE2 1 
ATOM   1046 N N   . ILE B 1 43 ? 4.984   -7.665  -9.641  1.00 12.03 ? 61  ILE B N   1 
ATOM   1047 C CA  . ILE B 1 43 ? 4.313   -8.159  -8.445  1.00 11.10 ? 61  ILE B CA  1 
ATOM   1048 C C   . ILE B 1 43 ? 5.374   -8.764  -7.553  1.00 12.28 ? 61  ILE B C   1 
ATOM   1049 O O   . ILE B 1 43 ? 6.146   -9.611  -8.006  1.00 12.93 ? 61  ILE B O   1 
ATOM   1050 C CB  . ILE B 1 43 ? 3.223   -9.196  -8.772  1.00 13.76 ? 61  ILE B CB  1 
ATOM   1051 C CG1 . ILE B 1 43 ? 2.196   -8.620  -9.741  1.00 14.77 ? 61  ILE B CG1 1 
ATOM   1052 C CG2 . ILE B 1 43 ? 2.520   -9.676  -7.510  1.00 15.46 ? 61  ILE B CG2 1 
ATOM   1053 C CD1 . ILE B 1 43 ? 1.193   -9.643  -10.179 1.00 15.73 ? 61  ILE B CD1 1 
ATOM   1054 N N   . THR B 1 44 ? 5.420   -8.337  -6.296  1.00 12.09 ? 62  THR B N   1 
ATOM   1055 C CA  . THR B 1 44 ? 6.481   -8.733  -5.387  1.00 12.58 ? 62  THR B CA  1 
ATOM   1056 C C   . THR B 1 44 ? 5.892   -9.204  -4.067  1.00 13.99 ? 62  THR B C   1 
ATOM   1057 O O   . THR B 1 44 ? 4.919   -8.629  -3.564  1.00 13.52 ? 62  THR B O   1 
ATOM   1058 C CB  . THR B 1 44 ? 7.457   -7.575  -5.153  1.00 13.64 ? 62  THR B CB  1 
ATOM   1059 O OG1 . THR B 1 44 ? 7.929   -7.086  -6.411  1.00 16.28 ? 62  THR B OG1 1 
ATOM   1060 C CG2 . THR B 1 44 ? 8.680   -8.026  -4.332  1.00 14.94 ? 62  THR B CG2 1 
ATOM   1061 N N   . GLY B 1 45 ? 6.490   -10.258 -3.510  1.00 13.28 ? 63  GLY B N   1 
ATOM   1062 C CA  . GLY B 1 45 ? 6.034   -10.835 -2.275  1.00 13.09 ? 63  GLY B CA  1 
ATOM   1063 C C   . GLY B 1 45 ? 6.608   -10.134 -1.072  1.00 13.42 ? 63  GLY B C   1 
ATOM   1064 O O   . GLY B 1 45 ? 7.450   -9.228  -1.168  1.00 14.38 ? 63  GLY B O   1 
ATOM   1065 N N   . PRO B 1 46 ? 6.164   -10.592 0.102   1.00 12.66 ? 64  PRO B N   1 
ATOM   1066 C CA  . PRO B 1 46 ? 6.552   -9.934  1.357   1.00 15.46 ? 64  PRO B CA  1 
ATOM   1067 C C   . PRO B 1 46 ? 8.006   -10.153 1.722   1.00 16.03 ? 64  PRO B C   1 
ATOM   1068 O O   . PRO B 1 46 ? 8.540   -9.373  2.524   1.00 19.61 ? 64  PRO B O   1 
ATOM   1069 C CB  . PRO B 1 46 ? 5.604   -10.571 2.384   1.00 15.27 ? 64  PRO B CB  1 
ATOM   1070 C CG  . PRO B 1 46 ? 5.233   -11.885 1.800   1.00 16.91 ? 64  PRO B CG  1 
ATOM   1071 C CD  . PRO B 1 46 ? 5.182   -11.668 0.300   1.00 14.88 ? 64  PRO B CD  1 
ATOM   1072 N N   . ASP B 1 47 ? 8.644   -11.182 1.163   1.00 15.99 ? 65  ASP B N   1 
ATOM   1073 C CA  . ASP B 1 47 ? 10.068  -11.456 1.302   1.00 16.07 ? 65  ASP B CA  1 
ATOM   1074 C C   . ASP B 1 47 ? 10.911  -10.726 0.259   1.00 13.87 ? 65  ASP B C   1 
ATOM   1075 O O   . ASP B 1 47 ? 12.113  -11.007 0.143   1.00 16.27 ? 65  ASP B O   1 
ATOM   1076 C CB  . ASP B 1 47 ? 10.314  -12.960 1.191   1.00 16.81 ? 65  ASP B CB  1 
ATOM   1077 C CG  . ASP B 1 47 ? 9.707   -13.569 -0.078  1.00 17.18 ? 65  ASP B CG  1 
ATOM   1078 O OD1 . ASP B 1 47 ? 8.961   -12.872 -0.816  1.00 16.82 ? 65  ASP B OD1 1 
ATOM   1079 O OD2 . ASP B 1 47 ? 9.965   -14.767 -0.331  1.00 22.36 ? 65  ASP B OD2 1 
ATOM   1080 N N   . ASN B 1 48 ? 10.305  -9.827  -0.522  1.00 13.81 ? 66  ASN B N   1 
ATOM   1081 C CA  . ASN B 1 48 ? 10.950  -9.104  -1.615  1.00 14.32 ? 66  ASN B CA  1 
ATOM   1082 C C   . ASN B 1 48 ? 11.254  -9.999  -2.817  1.00 13.98 ? 66  ASN B C   1 
ATOM   1083 O O   . ASN B 1 48 ? 12.036  -9.621  -3.681  1.00 15.49 ? 66  ASN B O   1 
ATOM   1084 C CB  . ASN B 1 48 ? 12.236  -8.386  -1.159  1.00 15.70 ? 66  ASN B CB  1 
ATOM   1085 C CG  . ASN B 1 48 ? 12.629  -7.259  -2.076  1.00 20.39 ? 66  ASN B CG  1 
ATOM   1086 O OD1 . ASN B 1 48 ? 11.775  -6.536  -2.595  1.00 20.20 ? 66  ASN B OD1 1 
ATOM   1087 N ND2 . ASN B 1 48 ? 13.929  -7.112  -2.306  1.00 21.47 ? 66  ASN B ND2 1 
ATOM   1088 N N   . LYS B 1 49 ? 10.647  -11.182 -2.896  1.00 13.95 ? 67  LYS B N   1 
ATOM   1089 C CA  . LYS B 1 49 ? 10.795  -12.051 -4.054  1.00 14.16 ? 67  LYS B CA  1 
ATOM   1090 C C   . LYS B 1 49 ? 9.764   -11.644 -5.098  1.00 12.25 ? 67  LYS B C   1 
ATOM   1091 O O   . LYS B 1 49 ? 8.556   -11.688 -4.837  1.00 14.80 ? 67  LYS B O   1 
ATOM   1092 C CB  . LYS B 1 49 ? 10.619  -13.516 -3.664  1.00 16.67 ? 67  LYS B CB  1 
ATOM   1093 C CG  . LYS B 1 49 ? 11.058  -14.474 -4.745  1.00 20.25 ? 67  LYS B CG  1 
ATOM   1094 C CD  . LYS B 1 49 ? 10.897  -15.918 -4.286  1.00 23.75 ? 67  LYS B CD  1 
ATOM   1095 C CE  . LYS B 1 49 ? 11.559  -16.181 -2.952  1.00 26.67 ? 67  LYS B CE  1 
ATOM   1096 N NZ  . LYS B 1 49 ? 11.265  -17.587 -2.531  1.00 35.48 ? 67  LYS B NZ  1 
ATOM   1097 N N   . GLY B 1 50 ? 10.247  -11.206 -6.254  1.00 11.93 ? 68  GLY B N   1 
ATOM   1098 C CA  . GLY B 1 50 ? 9.348   -10.875 -7.344  1.00 12.89 ? 68  GLY B CA  1 
ATOM   1099 C C   . GLY B 1 50 ? 8.748   -12.139 -7.922  1.00 12.55 ? 68  GLY B C   1 
ATOM   1100 O O   . GLY B 1 50 ? 9.429   -13.147 -8.095  1.00 14.46 ? 68  GLY B O   1 
ATOM   1101 N N   . ILE B 1 51 ? 7.455   -12.079 -8.239  1.00 11.35 ? 69  ILE B N   1 
ATOM   1102 C CA  . ILE B 1 51 ? 6.733   -13.237 -8.759  1.00 12.45 ? 69  ILE B CA  1 
ATOM   1103 C C   . ILE B 1 51 ? 6.192   -13.010 -10.163 1.00 14.61 ? 69  ILE B C   1 
ATOM   1104 O O   . ILE B 1 51 ? 5.818   -13.988 -10.836 1.00 16.90 ? 69  ILE B O   1 
ATOM   1105 C CB  . ILE B 1 51 ? 5.595   -13.672 -7.811  1.00 15.23 ? 69  ILE B CB  1 
ATOM   1106 C CG1 . ILE B 1 51 ? 4.408   -12.715 -7.869  1.00 15.99 ? 69  ILE B CG1 1 
ATOM   1107 C CG2 . ILE B 1 51 ? 6.109   -13.792 -6.363  1.00 16.06 ? 69  ILE B CG2 1 
ATOM   1108 C CD1 . ILE B 1 51 ? 3.216   -13.208 -7.031  1.00 17.03 ? 69  ILE B CD1 1 
ATOM   1109 N N   . TYR B 1 52 ? 6.173   -11.780 -10.645 1.00 12.73 ? 70  TYR B N   1 
ATOM   1110 C CA  . TYR B 1 52 ? 5.778   -11.485 -12.014 1.00 13.18 ? 70  TYR B CA  1 
ATOM   1111 C C   . TYR B 1 52 ? 6.458   -10.196 -12.429 1.00 14.30 ? 70  TYR B C   1 
ATOM   1112 O O   . TYR B 1 52 ? 6.455   -9.229  -11.669 1.00 14.08 ? 70  TYR B O   1 
ATOM   1113 C CB  . TYR B 1 52 ? 4.261   -11.328 -12.154 1.00 14.29 ? 70  TYR B CB  1 
ATOM   1114 C CG  . TYR B 1 52 ? 3.863   -11.005 -13.575 1.00 16.55 ? 70  TYR B CG  1 
ATOM   1115 C CD1 . TYR B 1 52 ? 3.704   -12.012 -14.506 1.00 16.79 ? 70  TYR B CD1 1 
ATOM   1116 C CD2 . TYR B 1 52 ? 3.681   -9.697  -13.986 1.00 17.15 ? 70  TYR B CD2 1 
ATOM   1117 C CE1 . TYR B 1 52 ? 3.353   -11.721 -15.810 1.00 19.11 ? 70  TYR B CE1 1 
ATOM   1118 C CE2 . TYR B 1 52 ? 3.338   -9.399  -15.287 1.00 19.08 ? 70  TYR B CE2 1 
ATOM   1119 C CZ  . TYR B 1 52 ? 3.175   -10.424 -16.188 1.00 18.14 ? 70  TYR B CZ  1 
ATOM   1120 O OH  . TYR B 1 52 ? 2.841   -10.152 -17.505 1.00 23.48 ? 70  TYR B OH  1 
ATOM   1121 N N   . LYS B 1 53 ? 7.027   -10.172 -13.631 1.00 13.85 ? 71  LYS B N   1 
ATOM   1122 C CA  . LYS B 1 53 ? 7.559   -8.947  -14.201 1.00 16.34 ? 71  LYS B CA  1 
ATOM   1123 C C   . LYS B 1 53 ? 7.178   -8.925  -15.669 1.00 17.68 ? 71  LYS B C   1 
ATOM   1124 O O   . LYS B 1 53 ? 7.544   -9.832  -16.425 1.00 19.24 ? 71  LYS B O   1 
ATOM   1125 C CB  . LYS B 1 53 ? 9.075   -8.836  -14.019 1.00 18.54 ? 71  LYS B CB  1 
ATOM   1126 C CG  . LYS B 1 53 ? 9.613   -7.487  -14.454 1.00 20.14 ? 71  LYS B CG  1 
ATOM   1127 C CD  . LYS B 1 53 ? 10.927  -7.153  -13.754 1.00 25.10 ? 71  LYS B CD  1 
ATOM   1128 C CE  . LYS B 1 53 ? 11.368  -5.744  -14.111 1.00 27.79 ? 71  LYS B CE  1 
ATOM   1129 N NZ  . LYS B 1 53 ? 11.625  -5.616  -15.570 1.00 35.14 ? 71  LYS B NZ  1 
ATOM   1130 N N   . GLY B 1 54 ? 6.392   -7.926  -16.049 1.00 16.66 ? 72  GLY B N   1 
ATOM   1131 C CA  . GLY B 1 54 ? 6.004   -7.766  -17.432 1.00 17.71 ? 72  GLY B CA  1 
ATOM   1132 C C   . GLY B 1 54 ? 6.455   -6.416  -17.927 1.00 20.33 ? 72  GLY B C   1 
ATOM   1133 O O   . GLY B 1 54 ? 6.153   -5.412  -17.288 1.00 19.17 ? 72  GLY B O   1 
ATOM   1134 N N   . ASP B 1 55 ? 7.197   -6.360  -19.031 1.00 21.14 ? 73  ASP B N   1 
ATOM   1135 C CA  . ASP B 1 55 ? 7.703   -5.105  -19.565 1.00 22.88 ? 73  ASP B CA  1 
ATOM   1136 C C   . ASP B 1 55 ? 6.889   -4.727  -20.796 1.00 18.44 ? 73  ASP B C   1 
ATOM   1137 O O   . ASP B 1 55 ? 6.672   -5.561  -21.681 1.00 21.41 ? 73  ASP B O   1 
ATOM   1138 C CB  . ASP B 1 55 ? 9.189   -5.203  -19.928 1.00 27.06 ? 73  ASP B CB  1 
ATOM   1139 C CG  . ASP B 1 55 ? 10.093  -5.271  -18.705 1.00 31.41 ? 73  ASP B CG  1 
ATOM   1140 O OD1 . ASP B 1 55 ? 9.645   -4.903  -17.597 1.00 33.05 ? 73  ASP B OD1 1 
ATOM   1141 O OD2 . ASP B 1 55 ? 11.265  -5.678  -18.859 1.00 38.84 ? 73  ASP B OD2 1 
ATOM   1142 N N   . ARG B 1 56 ? 6.410   -3.487  -20.825 1.00 18.21 ? 74  ARG B N   1 
ATOM   1143 C CA  . ARG B 1 56 ? 5.744   -2.934  -22.005 1.00 19.16 ? 74  ARG B CA  1 
ATOM   1144 C C   . ARG B 1 56 ? 4.549   -3.791  -22.418 1.00 19.11 ? 74  ARG B C   1 
ATOM   1145 O O   . ARG B 1 56 ? 4.401   -4.191  -23.575 1.00 22.91 ? 74  ARG B O   1 
ATOM   1146 C CB  . ARG B 1 56 ? 6.736   -2.775  -23.161 1.00 22.24 ? 74  ARG B CB  1 
ATOM   1147 C CG  . ARG B 1 56 ? 7.871   -1.800  -22.868 1.00 27.83 ? 74  ARG B CG  1 
ATOM   1148 C CD  . ARG B 1 56 ? 9.010   -1.983  -23.856 1.00 30.83 ? 74  ARG B CD  1 
ATOM   1149 N NE  . ARG B 1 56 ? 9.511   -3.357  -23.846 1.00 35.95 ? 74  ARG B NE  1 
ATOM   1150 C CZ  . ARG B 1 56 ? 10.654  -3.736  -23.280 1.00 35.22 ? 74  ARG B CZ  1 
ATOM   1151 N NH1 . ARG B 1 56 ? 11.427  -2.842  -22.680 1.00 38.20 ? 74  ARG B NH1 1 
ATOM   1152 N NH2 . ARG B 1 56 ? 11.025  -5.007  -23.318 1.00 37.81 ? 74  ARG B NH2 1 
ATOM   1153 N N   . GLU B 1 57 ? 3.685   -4.086  -21.453 1.00 17.34 ? 75  GLU B N   1 
ATOM   1154 C CA  . GLU B 1 57 ? 2.532   -4.930  -21.709 1.00 15.81 ? 75  GLU B CA  1 
ATOM   1155 C C   . GLU B 1 57 ? 1.283   -4.079  -21.844 1.00 14.25 ? 75  GLU B C   1 
ATOM   1156 O O   . GLU B 1 57 ? 1.128   -3.073  -21.146 1.00 16.52 ? 75  GLU B O   1 
ATOM   1157 C CB  . GLU B 1 57 ? 2.380   -5.960  -20.596 1.00 18.84 ? 75  GLU B CB  1 
ATOM   1158 C CG  . GLU B 1 57 ? 3.665   -6.753  -20.452 1.00 23.25 ? 75  GLU B CG  1 
ATOM   1159 C CD  . GLU B 1 57 ? 3.524   -8.044  -19.693 1.00 27.76 ? 75  GLU B CD  1 
ATOM   1160 O OE1 . GLU B 1 57 ? 2.588   -8.167  -18.880 1.00 27.46 ? 75  GLU B OE1 1 
ATOM   1161 O OE2 . GLU B 1 57 ? 4.380   -8.936  -19.900 1.00 28.43 ? 75  GLU B OE2 1 
ATOM   1162 N N   . SER B 1 58 ? 0.404   -4.464  -22.773 1.00 14.91 ? 76  SER B N   1 
ATOM   1163 C CA  . SER B 1 58 ? -0.832  -3.720  -22.973 1.00 15.64 ? 76  SER B CA  1 
ATOM   1164 C C   . SER B 1 58 ? -2.006  -4.322  -22.222 1.00 13.34 ? 76  SER B C   1 
ATOM   1165 O O   . SER B 1 58 ? -2.969  -3.604  -21.946 1.00 15.47 ? 76  SER B O   1 
ATOM   1166 C CB  . SER B 1 58 ? -1.181  -3.640  -24.459 1.00 20.37 ? 76  SER B CB  1 
ATOM   1167 O OG  . SER B 1 58 ? -1.379  -4.932  -24.993 1.00 27.25 ? 76  SER B OG  1 
ATOM   1168 N N   . SER B 1 59 ? -1.931  -5.599  -21.853 1.00 13.13 ? 77  SER B N   1 
ATOM   1169 C CA  . SER B 1 59 ? -3.010  -6.253  -21.123 1.00 14.56 ? 77  SER B CA  1 
ATOM   1170 C C   . SER B 1 59 ? -2.483  -7.560  -20.579 1.00 14.64 ? 77  SER B C   1 
ATOM   1171 O O   . SER B 1 59 ? -1.443  -8.065  -21.012 1.00 15.64 ? 77  SER B O   1 
ATOM   1172 C CB  . SER B 1 59 ? -4.232  -6.518  -21.999 1.00 16.64 ? 77  SER B CB  1 
ATOM   1173 O OG  . SER B 1 59 ? -3.871  -7.304  -23.135 1.00 20.26 ? 77  SER B OG  1 
ATOM   1174 N N   . GLY B 1 60 ? -3.227  -8.111  -19.638 1.00 14.10 ? 78  GLY B N   1 
ATOM   1175 C CA  . GLY B 1 60 ? -2.848  -9.397  -19.114 1.00 15.31 ? 78  GLY B CA  1 
ATOM   1176 C C   . GLY B 1 60 ? -3.878  -9.917  -18.150 1.00 12.88 ? 78  GLY B C   1 
ATOM   1177 O O   . GLY B 1 60 ? -4.627  -9.139  -17.549 1.00 13.78 ? 78  GLY B O   1 
ATOM   1178 N N   . LYS B 1 61 ? -3.916  -11.241 -18.010 1.00 13.60 ? 79  LYS B N   1 
ATOM   1179 C CA  . LYS B 1 61 ? -4.763  -11.930 -17.049 1.00 14.86 ? 79  LYS B CA  1 
ATOM   1180 C C   . LYS B 1 61 ? -3.955  -13.078 -16.476 1.00 15.71 ? 79  LYS B C   1 
ATOM   1181 O O   . LYS B 1 61 ? -3.539  -13.977 -17.218 1.00 14.88 ? 79  LYS B O   1 
ATOM   1182 C CB  . LYS B 1 61 ? -6.041  -12.434 -17.716 1.00 17.30 ? 79  LYS B CB  1 
ATOM   1183 C CG  . LYS B 1 61 ? -6.946  -13.244 -16.807 1.00 22.20 ? 79  LYS B CG  1 
ATOM   1184 C CD  . LYS B 1 61 ? -8.238  -13.580 -17.536 1.00 24.48 ? 79  LYS B CD  1 
ATOM   1185 C CE  . LYS B 1 61 ? -9.244  -14.276 -16.631 1.00 32.04 ? 79  LYS B CE  1 
ATOM   1186 N NZ  . LYS B 1 61 ? -8.707  -15.529 -16.035 1.00 37.87 ? 79  LYS B NZ  1 
ATOM   1187 N N   . TYR B 1 62 ? -3.715  -13.048 -15.167 1.00 15.01 ? 80  TYR B N   1 
ATOM   1188 C CA  . TYR B 1 62 ? -2.840  -14.017 -14.532 1.00 15.52 ? 80  TYR B CA  1 
ATOM   1189 C C   . TYR B 1 62 ? -3.333  -14.368 -13.140 1.00 19.14 ? 80  TYR B C   1 
ATOM   1190 O O   . TYR B 1 62 ? -3.932  -13.543 -12.450 1.00 18.56 ? 80  TYR B O   1 
ATOM   1191 C CB  . TYR B 1 62 ? -1.400  -13.503 -14.423 1.00 18.48 ? 80  TYR B CB  1 
ATOM   1192 C CG  . TYR B 1 62 ? -0.810  -13.105 -15.743 1.00 15.04 ? 80  TYR B CG  1 
ATOM   1193 C CD1 . TYR B 1 62 ? -0.364  -14.069 -16.636 1.00 17.38 ? 80  TYR B CD1 1 
ATOM   1194 C CD2 . TYR B 1 62 ? -0.701  -11.770 -16.105 1.00 17.72 ? 80  TYR B CD2 1 
ATOM   1195 C CE1 . TYR B 1 62 ? 0.180   -13.721 -17.852 1.00 18.09 ? 80  TYR B CE1 1 
ATOM   1196 C CE2 . TYR B 1 62 ? -0.171  -11.406 -17.339 1.00 19.50 ? 80  TYR B CE2 1 
ATOM   1197 C CZ  . TYR B 1 62 ? 0.273   -12.391 -18.199 1.00 16.96 ? 80  TYR B CZ  1 
ATOM   1198 O OH  . TYR B 1 62 ? 0.806   -12.058 -19.426 1.00 21.18 ? 80  TYR B OH  1 
ATOM   1199 N N   . THR B 1 63 ? -3.043  -15.597 -12.719 1.00 18.31 ? 81  THR B N   1 
ATOM   1200 C CA  . THR B 1 63 ? -3.295  -16.027 -11.348 1.00 18.14 ? 81  THR B CA  1 
ATOM   1201 C C   . THR B 1 63 ? -1.996  -16.535 -10.738 1.00 18.45 ? 81  THR B C   1 
ATOM   1202 O O   . THR B 1 63 ? -1.206  -17.206 -11.402 1.00 19.52 ? 81  THR B O   1 
ATOM   1203 C CB  . THR B 1 63 ? -4.376  -17.122 -11.276 1.00 20.74 ? 81  THR B CB  1 
ATOM   1204 O OG1 . THR B 1 63 ? -5.582  -16.654 -11.895 1.00 24.98 ? 81  THR B OG1 1 
ATOM   1205 C CG2 . THR B 1 63 ? -4.685  -17.481 -9.832  1.00 24.70 ? 81  THR B CG2 1 
ATOM   1206 N N   . PHE B 1 64 ? -1.768  -16.188 -9.476  1.00 18.88 ? 82  PHE B N   1 
ATOM   1207 C CA  . PHE B 1 64 ? -0.577  -16.572 -8.743  1.00 19.24 ? 82  PHE B CA  1 
ATOM   1208 C C   . PHE B 1 64 ? -1.001  -17.173 -7.418  1.00 18.91 ? 82  PHE B C   1 
ATOM   1209 O O   . PHE B 1 64 ? -2.080  -16.870 -6.908  1.00 23.49 ? 82  PHE B O   1 
ATOM   1210 C CB  . PHE B 1 64 ? 0.335   -15.360 -8.477  1.00 20.56 ? 82  PHE B CB  1 
ATOM   1211 C CG  . PHE B 1 64 ? 0.602   -14.533 -9.694  1.00 21.84 ? 82  PHE B CG  1 
ATOM   1212 C CD1 . PHE B 1 64 ? 1.670   -14.834 -10.524 1.00 23.87 ? 82  PHE B CD1 1 
ATOM   1213 C CD2 . PHE B 1 64 ? -0.215  -13.464 -10.018 1.00 18.81 ? 82  PHE B CD2 1 
ATOM   1214 C CE1 . PHE B 1 64 ? 1.917   -14.080 -11.658 1.00 21.60 ? 82  PHE B CE1 1 
ATOM   1215 C CE2 . PHE B 1 64 ? 0.025   -12.705 -11.147 1.00 21.80 ? 82  PHE B CE2 1 
ATOM   1216 C CZ  . PHE B 1 64 ? 1.095   -13.017 -11.970 1.00 20.73 ? 82  PHE B CZ  1 
ATOM   1217 N N   . ALA B 1 65 ? -0.159  -18.033 -6.864  1.00 21.02 ? 83  ALA B N   1 
ATOM   1218 C CA  . ALA B 1 65 ? -0.365  -18.550 -5.519  1.00 21.79 ? 83  ALA B CA  1 
ATOM   1219 C C   . ALA B 1 65 ? 0.672   -17.923 -4.598  1.00 20.81 ? 83  ALA B C   1 
ATOM   1220 O O   . ALA B 1 65 ? 1.872   -17.996 -4.876  1.00 20.67 ? 83  ALA B O   1 
ATOM   1221 C CB  . ALA B 1 65 ? -0.258  -20.076 -5.484  1.00 24.96 ? 83  ALA B CB  1 
ATOM   1222 N N   . ALA B 1 66 ? 0.211   -17.306 -3.513  1.00 17.48 ? 84  ALA B N   1 
ATOM   1223 C CA  . ALA B 1 66 ? 1.141   -16.739 -2.544  1.00 17.09 ? 84  ALA B CA  1 
ATOM   1224 C C   . ALA B 1 66 ? 2.069   -17.821 -1.999  1.00 20.25 ? 84  ALA B C   1 
ATOM   1225 O O   . ALA B 1 66 ? 1.617   -18.873 -1.534  1.00 20.63 ? 84  ALA B O   1 
ATOM   1226 C CB  . ALA B 1 66 ? 0.367   -16.078 -1.406  1.00 18.73 ? 84  ALA B CB  1 
ATOM   1227 N N   . HIS B 1 67 ? 3.374   -17.562 -2.067  1.00 16.19 ? 85  HIS B N   1 
ATOM   1228 C CA  . HIS B 1 67 ? 4.352   -18.512 -1.540  1.00 18.26 ? 85  HIS B CA  1 
ATOM   1229 C C   . HIS B 1 67 ? 4.581   -18.353 -0.047  1.00 20.35 ? 85  HIS B C   1 
ATOM   1230 O O   . HIS B 1 67 ? 5.261   -19.192 0.555   1.00 22.79 ? 85  HIS B O   1 
ATOM   1231 C CB  . HIS B 1 67 ? 5.695   -18.386 -2.271  1.00 18.90 ? 85  HIS B CB  1 
ATOM   1232 C CG  . HIS B 1 67 ? 6.263   -17.000 -2.284  1.00 18.08 ? 85  HIS B CG  1 
ATOM   1233 N ND1 . HIS B 1 67 ? 5.804   -16.025 -3.136  1.00 18.29 ? 85  HIS B ND1 1 
ATOM   1234 C CD2 . HIS B 1 67 ? 7.261   -16.434 -1.562  1.00 19.71 ? 85  HIS B CD2 1 
ATOM   1235 C CE1 . HIS B 1 67 ? 6.490   -14.911 -2.939  1.00 19.39 ? 85  HIS B CE1 1 
ATOM   1236 N NE2 . HIS B 1 67 ? 7.380   -15.135 -1.990  1.00 19.06 ? 85  HIS B NE2 1 
ATOM   1237 N N   . MET B 1 68 ? 4.051   -17.301 0.558   1.00 18.86 ? 86  MET B N   1 
ATOM   1238 C CA  . MET B 1 68 ? 4.189   -17.119 1.994   1.00 19.80 ? 86  MET B CA  1 
ATOM   1239 C C   . MET B 1 68 ? 3.190   -16.084 2.476   1.00 19.63 ? 86  MET B C   1 
ATOM   1240 O O   . MET B 1 68 ? 2.676   -15.270 1.702   1.00 18.92 ? 86  MET B O   1 
ATOM   1241 C CB  . MET B 1 68 ? 5.596   -16.688 2.375   1.00 24.07 ? 86  MET B CB  1 
ATOM   1242 C CG  . MET B 1 68 ? 5.932   -15.312 1.902   1.00 22.96 ? 86  MET B CG  1 
ATOM   1243 S SD  . MET B 1 68 ? 7.600   -14.875 2.401   1.00 31.39 ? 86  MET B SD  1 
ATOM   1244 C CE  . MET B 1 68 ? 7.540   -15.069 4.179   1.00 26.38 ? 86  MET B CE  1 
ATOM   1245 N N   . ASP B 1 69 ? 2.927   -16.139 3.775   1.00 17.22 ? 87  ASP B N   1 
ATOM   1246 C CA  . ASP B 1 69 ? 2.054   -15.179 4.434   1.00 16.94 ? 87  ASP B CA  1 
ATOM   1247 C C   . ASP B 1 69 ? 2.620   -13.773 4.304   1.00 16.74 ? 87  ASP B C   1 
ATOM   1248 O O   . ASP B 1 69 ? 3.826   -13.561 4.458   1.00 17.97 ? 87  ASP B O   1 
ATOM   1249 C CB  . ASP B 1 69 ? 1.939   -15.497 5.930   1.00 18.59 ? 87  ASP B CB  1 
ATOM   1250 C CG  . ASP B 1 69 ? 1.132   -16.746 6.243   1.00 21.61 ? 87  ASP B CG  1 
ATOM   1251 O OD1 . ASP B 1 69 ? 0.693   -17.488 5.343   1.00 23.87 ? 87  ASP B OD1 1 
ATOM   1252 O OD2 . ASP B 1 69 ? 0.954   -16.997 7.456   1.00 25.19 ? 87  ASP B OD2 1 
ATOM   1253 N N   . GLY B 1 70 ? 1.741   -12.806 4.049   1.00 16.61 ? 88  GLY B N   1 
ATOM   1254 C CA  . GLY B 1 70 ? 2.114   -11.411 4.154   1.00 14.47 ? 88  GLY B CA  1 
ATOM   1255 C C   . GLY B 1 70 ? 1.532   -10.594 3.020   1.00 12.97 ? 88  GLY B C   1 
ATOM   1256 O O   . GLY B 1 70 ? 0.607   -11.022 2.333   1.00 13.98 ? 88  GLY B O   1 
ATOM   1257 N N   . THR B 1 71 ? 2.079   -9.400  2.845   1.00 13.13 ? 89  THR B N   1 
ATOM   1258 C CA  . THR B 1 71 ? 1.545   -8.436  1.887   1.00 12.30 ? 89  THR B CA  1 
ATOM   1259 C C   . THR B 1 71 ? 2.293   -8.506  0.556   1.00 12.56 ? 89  THR B C   1 
ATOM   1260 O O   . THR B 1 71 ? 3.531   -8.471  0.518   1.00 13.86 ? 89  THR B O   1 
ATOM   1261 C CB  . THR B 1 71 ? 1.573   -7.019  2.471   1.00 14.59 ? 89  THR B CB  1 
ATOM   1262 O OG1 . THR B 1 71 ? 0.711   -7.002  3.616   1.00 17.32 ? 89  THR B OG1 1 
ATOM   1263 C CG2 . THR B 1 71 ? 1.031   -6.017  1.487   1.00 16.74 ? 89  THR B CG2 1 
ATOM   1264 N N   . TYR B 1 72 ? 1.520   -8.597  -0.524  1.00 13.08 ? 90  TYR B N   1 
ATOM   1265 C CA  . TYR B 1 72 ? 2.014   -8.590  -1.892  1.00 12.25 ? 90  TYR B CA  1 
ATOM   1266 C C   . TYR B 1 72 ? 1.768   -7.222  -2.510  1.00 11.71 ? 90  TYR B C   1 
ATOM   1267 O O   . TYR B 1 72 ? 0.713   -6.615  -2.299  1.00 12.44 ? 90  TYR B O   1 
ATOM   1268 C CB  . TYR B 1 72 ? 1.330   -9.709  -2.697  1.00 12.95 ? 90  TYR B CB  1 
ATOM   1269 C CG  . TYR B 1 72 ? 1.814   -11.066 -2.241  1.00 13.70 ? 90  TYR B CG  1 
ATOM   1270 C CD1 . TYR B 1 72 ? 2.740   -11.788 -2.984  1.00 14.35 ? 90  TYR B CD1 1 
ATOM   1271 C CD2 . TYR B 1 72 ? 1.397   -11.591 -1.028  1.00 16.25 ? 90  TYR B CD2 1 
ATOM   1272 C CE1 . TYR B 1 72 ? 3.222   -13.007 -2.543  1.00 15.14 ? 90  TYR B CE1 1 
ATOM   1273 C CE2 . TYR B 1 72 ? 1.877   -12.807 -0.572  1.00 15.41 ? 90  TYR B CE2 1 
ATOM   1274 C CZ  . TYR B 1 72 ? 2.793   -13.504 -1.331  1.00 15.27 ? 90  TYR B CZ  1 
ATOM   1275 O OH  . TYR B 1 72 ? 3.278   -14.710 -0.874  1.00 18.00 ? 90  TYR B OH  1 
ATOM   1276 N N   . LYS B 1 73 ? 2.754   -6.739  -3.257  1.00 12.49 ? 91  LYS B N   1 
ATOM   1277 C CA  . LYS B 1 73 ? 2.743   -5.431  -3.887  1.00 13.87 ? 91  LYS B CA  1 
ATOM   1278 C C   . LYS B 1 73 ? 2.559   -5.621  -5.387  1.00 14.63 ? 91  LYS B C   1 
ATOM   1279 O O   . LYS B 1 73 ? 3.291   -6.395  -6.005  1.00 13.26 ? 91  LYS B O   1 
ATOM   1280 C CB  . LYS B 1 73 ? 4.055   -4.701  -3.580  1.00 16.86 ? 91  LYS B CB  1 
ATOM   1281 C CG  . LYS B 1 73 ? 4.183   -3.294  -4.083  1.00 20.78 ? 91  LYS B CG  1 
ATOM   1282 C CD  . LYS B 1 73 ? 5.541   -2.668  -3.679  1.00 24.19 ? 91  LYS B CD  1 
ATOM   1283 C CE  . LYS B 1 73 ? 6.728   -3.491  -4.159  1.00 25.78 ? 91  LYS B CE  1 
ATOM   1284 N NZ  . LYS B 1 73 ? 8.047   -2.840  -3.853  1.00 30.53 ? 91  LYS B NZ  1 
ATOM   1285 N N   . PHE B 1 74 ? 1.565   -4.950  -5.955  1.00 11.24 ? 92  PHE B N   1 
ATOM   1286 C CA  . PHE B 1 74 ? 1.232   -4.982  -7.375  1.00 11.09 ? 92  PHE B CA  1 
ATOM   1287 C C   . PHE B 1 74 ? 1.521   -3.586  -7.892  1.00 13.30 ? 92  PHE B C   1 
ATOM   1288 O O   . PHE B 1 74 ? 0.828   -2.634  -7.512  1.00 14.87 ? 92  PHE B O   1 
ATOM   1289 C CB  . PHE B 1 74 ? -0.244  -5.329  -7.603  1.00 11.78 ? 92  PHE B CB  1 
ATOM   1290 C CG  . PHE B 1 74 ? -0.644  -6.685  -7.110  1.00 13.25 ? 92  PHE B CG  1 
ATOM   1291 C CD1 . PHE B 1 74 ? -0.963  -7.693  -8.010  1.00 13.90 ? 92  PHE B CD1 1 
ATOM   1292 C CD2 . PHE B 1 74 ? -0.746  -6.941  -5.751  1.00 13.88 ? 92  PHE B CD2 1 
ATOM   1293 C CE1 . PHE B 1 74 ? -1.339  -8.934  -7.554  1.00 14.95 ? 92  PHE B CE1 1 
ATOM   1294 C CE2 . PHE B 1 74 ? -1.121  -8.188  -5.289  1.00 15.87 ? 92  PHE B CE2 1 
ATOM   1295 C CZ  . PHE B 1 74 ? -1.414  -9.181  -6.193  1.00 15.37 ? 92  PHE B CZ  1 
ATOM   1296 N N   . CYS B 1 75 ? 2.525   -3.443  -8.757  1.00 13.71 ? 93  CYS B N   1 
ATOM   1297 C CA  . CYS B 1 75 ? 2.991   -2.129  -9.176  1.00 14.19 ? 93  CYS B CA  1 
ATOM   1298 C C   . CYS B 1 75 ? 2.895   -1.950  -10.680 1.00 13.10 ? 93  CYS B C   1 
ATOM   1299 O O   . CYS B 1 75 ? 3.291   -2.823  -11.461 1.00 14.55 ? 93  CYS B O   1 
ATOM   1300 C CB  . CYS B 1 75 ? 4.424   -1.887  -8.736  1.00 16.17 ? 93  CYS B CB  1 
ATOM   1301 S SG  . CYS B 1 75 ? 4.659   -1.830  -6.933  1.00 26.78 ? 93  CYS B SG  1 
ATOM   1302 N N   . PHE B 1 76 ? 2.407   -0.785  -11.081 1.00 11.92 ? 94  PHE B N   1 
ATOM   1303 C CA  . PHE B 1 76 ? 2.382   -0.339  -12.464 1.00 10.26 ? 94  PHE B CA  1 
ATOM   1304 C C   . PHE B 1 76 ? 3.349   0.816   -12.613 1.00 12.81 ? 94  PHE B C   1 
ATOM   1305 O O   . PHE B 1 76 ? 3.241   1.803   -11.881 1.00 14.62 ? 94  PHE B O   1 
ATOM   1306 C CB  . PHE B 1 76 ? 0.981   0.140   -12.865 1.00 13.45 ? 94  PHE B CB  1 
ATOM   1307 C CG  . PHE B 1 76 ? -0.070  -0.932  -12.792 1.00 14.59 ? 94  PHE B CG  1 
ATOM   1308 C CD1 . PHE B 1 76 ? -0.144  -1.904  -13.771 1.00 17.46 ? 94  PHE B CD1 1 
ATOM   1309 C CD2 . PHE B 1 76 ? -0.986  -0.954  -11.756 1.00 16.37 ? 94  PHE B CD2 1 
ATOM   1310 C CE1 . PHE B 1 76 ? -1.114  -2.911  -13.706 1.00 17.87 ? 94  PHE B CE1 1 
ATOM   1311 C CE2 . PHE B 1 76 ? -1.961  -1.945  -11.692 1.00 17.82 ? 94  PHE B CE2 1 
ATOM   1312 C CZ  . PHE B 1 76 ? -2.018  -2.922  -12.667 1.00 19.30 ? 94  PHE B CZ  1 
ATOM   1313 N N   . SER B 1 77 ? 4.264   0.713   -13.571 1.00 13.33 ? 95  SER B N   1 
ATOM   1314 C CA  . SER B 1 77 ? 5.290   1.727   -13.792 1.00 14.64 ? 95  SER B CA  1 
ATOM   1315 C C   . SER B 1 77 ? 5.248   2.219   -15.225 1.00 17.41 ? 95  SER B C   1 
ATOM   1316 O O   . SER B 1 77 ? 5.137   1.425   -16.165 1.00 15.02 ? 95  SER B O   1 
ATOM   1317 C CB  . SER B 1 77 ? 6.696   1.173   -13.501 1.00 19.47 ? 95  SER B CB  1 
ATOM   1318 O OG  . SER B 1 77 ? 6.844   0.849   -12.131 1.00 28.06 ? 95  SER B OG  1 
ATOM   1319 N N   . ASN B 1 78 ? 5.361   3.533   -15.396 1.00 19.07 ? 96  ASN B N   1 
ATOM   1320 C CA  . ASN B 1 78 ? 5.360   4.157   -16.713 1.00 20.87 ? 96  ASN B CA  1 
ATOM   1321 C C   . ASN B 1 78 ? 6.753   4.727   -16.954 1.00 25.28 ? 96  ASN B C   1 
ATOM   1322 O O   . ASN B 1 78 ? 7.077   5.814   -16.475 1.00 25.61 ? 96  ASN B O   1 
ATOM   1323 C CB  . ASN B 1 78 ? 4.286   5.241   -16.789 1.00 20.34 ? 96  ASN B CB  1 
ATOM   1324 C CG  . ASN B 1 78 ? 4.306   5.988   -18.100 1.00 24.28 ? 96  ASN B CG  1 
ATOM   1325 O OD1 . ASN B 1 78 ? 4.874   5.519   -19.088 1.00 26.33 ? 96  ASN B OD1 1 
ATOM   1326 N ND2 . ASN B 1 78 ? 3.652   7.141   -18.130 1.00 22.58 ? 96  ASN B ND2 1 
ATOM   1327 N N   . ARG B 1 79 ? 7.585   3.988   -17.683 1.00 27.40 ? 97  ARG B N   1 
ATOM   1328 C CA  . ARG B 1 79 ? 8.953   4.417   -17.942 1.00 28.51 ? 97  ARG B CA  1 
ATOM   1329 C C   . ARG B 1 79 ? 9.115   5.144   -19.279 1.00 32.28 ? 97  ARG B C   1 
ATOM   1330 O O   . ARG B 1 79 ? 10.229  5.203   -19.812 1.00 35.13 ? 97  ARG B O   1 
ATOM   1331 C CB  . ARG B 1 79 ? 9.897   3.220   -17.840 1.00 33.50 ? 97  ARG B CB  1 
ATOM   1332 C CG  . ARG B 1 79 ? 10.102  2.811   -16.398 1.00 34.42 ? 97  ARG B CG  1 
ATOM   1333 C CD  . ARG B 1 79 ? 10.587  1.394   -16.227 1.00 38.00 ? 97  ARG B CD  1 
ATOM   1334 N NE  . ARG B 1 79 ? 10.707  1.074   -14.807 1.00 37.67 ? 97  ARG B NE  1 
ATOM   1335 C CZ  . ARG B 1 79 ? 10.439  -0.115  -14.280 1.00 37.21 ? 97  ARG B CZ  1 
ATOM   1336 N NH1 . ARG B 1 79 ? 10.029  -1.108  -15.059 1.00 38.40 ? 97  ARG B NH1 1 
ATOM   1337 N NH2 . ARG B 1 79 ? 10.569  -0.309  -12.974 1.00 37.62 ? 97  ARG B NH2 1 
ATOM   1338 N N   . MET B 1 80 ? 8.037   5.724   -19.812 1.00 32.75 ? 98  MET B N   1 
ATOM   1339 C CA  . MET B 1 80 ? 8.080   6.590   -20.984 1.00 34.04 ? 98  MET B CA  1 
ATOM   1340 C C   . MET B 1 80 ? 7.921   8.042   -20.548 1.00 31.57 ? 98  MET B C   1 
ATOM   1341 O O   . MET B 1 80 ? 7.230   8.337   -19.572 1.00 32.75 ? 98  MET B O   1 
ATOM   1342 C CB  . MET B 1 80 ? 6.968   6.252   -21.991 1.00 34.11 ? 98  MET B CB  1 
ATOM   1343 C CG  . MET B 1 80 ? 7.135   4.944   -22.766 1.00 38.53 ? 98  MET B CG  1 
ATOM   1344 S SD  . MET B 1 80 ? 6.377   5.002   -24.415 1.00 46.42 ? 98  MET B SD  1 
ATOM   1345 C CE  . MET B 1 80 ? 4.643   4.720   -24.068 1.00 23.32 ? 98  MET B CE  1 
ATOM   1346 N N   . SER B 1 81 ? 8.547   8.955   -21.292 1.00 32.46 ? 99  SER B N   1 
ATOM   1347 C CA  . SER B 1 81 ? 8.388   10.389  -21.050 1.00 34.12 ? 99  SER B CA  1 
ATOM   1348 C C   . SER B 1 81 ? 7.153   10.918  -21.783 1.00 38.27 ? 99  SER B C   1 
ATOM   1349 O O   . SER B 1 81 ? 7.226   11.788  -22.650 1.00 39.59 ? 99  SER B O   1 
ATOM   1350 C CB  . SER B 1 81 ? 9.639   11.147  -21.473 1.00 32.19 ? 99  SER B CB  1 
ATOM   1351 O OG  . SER B 1 81 ? 10.777  10.704  -20.762 1.00 35.43 ? 99  SER B OG  1 
ATOM   1352 N N   . THR B 1 82 ? 5.996   10.378  -21.411 1.00 37.30 ? 100 THR B N   1 
ATOM   1353 C CA  . THR B 1 82 ? 4.766   10.688  -22.126 1.00 40.60 ? 100 THR B CA  1 
ATOM   1354 C C   . THR B 1 82 ? 4.248   12.070  -21.742 1.00 41.55 ? 100 THR B C   1 
ATOM   1355 O O   . THR B 1 82 ? 4.405   12.525  -20.606 1.00 41.38 ? 100 THR B O   1 
ATOM   1356 C CB  . THR B 1 82 ? 3.692   9.635   -21.844 1.00 39.96 ? 100 THR B CB  1 
ATOM   1357 O OG1 . THR B 1 82 ? 4.285   8.331   -21.790 1.00 39.07 ? 100 THR B OG1 1 
ATOM   1358 C CG2 . THR B 1 82 ? 2.630   9.649   -22.940 1.00 42.27 ? 100 THR B CG2 1 
ATOM   1359 N N   . MET B 1 83 ? 3.629   12.744  -22.718 1.00 45.12 ? 101 MET B N   1 
ATOM   1360 C CA  . MET B 1 83 ? 2.988   14.027  -22.447 1.00 46.15 ? 101 MET B CA  1 
ATOM   1361 C C   . MET B 1 83 ? 1.729   13.850  -21.607 1.00 46.56 ? 101 MET B C   1 
ATOM   1362 O O   . MET B 1 83 ? 1.341   14.761  -20.867 1.00 46.08 ? 101 MET B O   1 
ATOM   1363 C CB  . MET B 1 83 ? 2.665   14.741  -23.764 1.00 47.64 ? 101 MET B CB  1 
ATOM   1364 C CG  . MET B 1 83 ? 1.882   16.049  -23.625 1.00 49.05 ? 101 MET B CG  1 
ATOM   1365 S SD  . MET B 1 83 ? 2.785   17.366  -22.777 1.00 63.83 ? 101 MET B SD  1 
ATOM   1366 C CE  . MET B 1 83 ? 1.539   18.657  -22.696 1.00 47.31 ? 101 MET B CE  1 
ATOM   1367 N N   . THR B 1 84 ? 1.089   12.691  -21.705 1.00 44.45 ? 102 THR B N   1 
ATOM   1368 C CA  . THR B 1 84 ? -0.063  12.316  -20.904 1.00 41.85 ? 102 THR B CA  1 
ATOM   1369 C C   . THR B 1 84 ? 0.291   11.134  -20.002 1.00 35.73 ? 102 THR B C   1 
ATOM   1370 O O   . THR B 1 84 ? 1.234   10.391  -20.280 1.00 38.61 ? 102 THR B O   1 
ATOM   1371 C CB  . THR B 1 84 ? -1.247  11.943  -21.810 1.00 41.62 ? 102 THR B CB  1 
ATOM   1372 O OG1 . THR B 1 84 ? -0.906  10.796  -22.600 1.00 43.70 ? 102 THR B OG1 1 
ATOM   1373 C CG2 . THR B 1 84 ? -1.600  13.098  -22.730 1.00 43.09 ? 102 THR B CG2 1 
ATOM   1374 N N   . PRO B 1 85 ? -0.431  10.933  -18.907 1.00 36.36 ? 103 PRO B N   1 
ATOM   1375 C CA  . PRO B 1 85 ? -0.175  9.746   -18.091 1.00 30.87 ? 103 PRO B CA  1 
ATOM   1376 C C   . PRO B 1 85 ? -0.772  8.512   -18.752 1.00 28.90 ? 103 PRO B C   1 
ATOM   1377 O O   . PRO B 1 85 ? -1.651  8.595   -19.614 1.00 29.90 ? 103 PRO B O   1 
ATOM   1378 C CB  . PRO B 1 85 ? -0.883  10.070  -16.772 1.00 28.13 ? 103 PRO B CB  1 
ATOM   1379 C CG  . PRO B 1 85 ? -2.043  10.905  -17.199 1.00 32.73 ? 103 PRO B CG  1 
ATOM   1380 C CD  . PRO B 1 85 ? -1.568  11.710  -18.389 1.00 36.16 ? 103 PRO B CD  1 
ATOM   1381 N N   . LYS B 1 86 ? -0.274  7.350   -18.345 1.00 19.05 ? 104 LYS B N   1 
ATOM   1382 C CA  . LYS B 1 86 ? -0.948  6.116   -18.714 1.00 20.19 ? 104 LYS B CA  1 
ATOM   1383 C C   . LYS B 1 86 ? -2.164  5.948   -17.821 1.00 19.70 ? 104 LYS B C   1 
ATOM   1384 O O   . LYS B 1 86 ? -2.121  6.285   -16.641 1.00 20.74 ? 104 LYS B O   1 
ATOM   1385 C CB  . LYS B 1 86 ? -0.029  4.899   -18.559 1.00 19.48 ? 104 LYS B CB  1 
ATOM   1386 C CG  . LYS B 1 86 ? 1.195   4.895   -19.445 1.00 21.86 ? 104 LYS B CG  1 
ATOM   1387 C CD  . LYS B 1 86 ? 0.839   4.588   -20.875 1.00 21.88 ? 104 LYS B CD  1 
ATOM   1388 C CE  . LYS B 1 86 ? 2.047   4.743   -21.780 1.00 21.93 ? 104 LYS B CE  1 
ATOM   1389 N NZ  . LYS B 1 86 ? 3.300   4.202   -21.195 1.00 22.13 ? 104 LYS B NZ  1 
ATOM   1390 N N   . ILE B 1 87 ? -3.250  5.436   -18.385 1.00 19.12 ? 105 ILE B N   1 
ATOM   1391 C CA  . ILE B 1 87 ? -4.427  5.068   -17.609 1.00 16.74 ? 105 ILE B CA  1 
ATOM   1392 C C   . ILE B 1 87 ? -4.567  3.563   -17.728 1.00 17.04 ? 105 ILE B C   1 
ATOM   1393 O O   . ILE B 1 87 ? -4.663  3.031   -18.844 1.00 17.46 ? 105 ILE B O   1 
ATOM   1394 C CB  . ILE B 1 87 ? -5.700  5.770   -18.104 1.00 23.32 ? 105 ILE B CB  1 
ATOM   1395 C CG1 . ILE B 1 87 ? -5.434  7.249   -18.336 1.00 27.43 ? 105 ILE B CG1 1 
ATOM   1396 C CG2 . ILE B 1 87 ? -6.812  5.555   -17.103 1.00 22.22 ? 105 ILE B CG2 1 
ATOM   1397 C CD1 . ILE B 1 87 ? -4.921  7.949   -17.136 1.00 25.48 ? 105 ILE B CD1 1 
ATOM   1398 N N   . VAL B 1 88 ? -4.563  2.872   -16.589 1.00 15.13 ? 106 VAL B N   1 
ATOM   1399 C CA  . VAL B 1 88 ? -4.686  1.423   -16.544 1.00 14.97 ? 106 VAL B CA  1 
ATOM   1400 C C   . VAL B 1 88 ? -5.966  1.063   -15.807 1.00 15.95 ? 106 VAL B C   1 
ATOM   1401 O O   . VAL B 1 88 ? -6.246  1.613   -14.736 1.00 15.75 ? 106 VAL B O   1 
ATOM   1402 C CB  . VAL B 1 88 ? -3.466  0.784   -15.862 1.00 16.50 ? 106 VAL B CB  1 
ATOM   1403 C CG1 . VAL B 1 88 ? -3.631  -0.717  -15.783 1.00 17.22 ? 106 VAL B CG1 1 
ATOM   1404 C CG2 . VAL B 1 88 ? -2.195  1.136   -16.621 1.00 19.30 ? 106 VAL B CG2 1 
ATOM   1405 N N   . MET B 1 89 ? -6.734  0.142   -16.382 1.00 15.27 ? 107 MET B N   1 
ATOM   1406 C CA  . MET B 1 89 ? -7.894  -0.443  -15.730 1.00 14.30 ? 107 MET B CA  1 
ATOM   1407 C C   . MET B 1 89 ? -7.496  -1.818  -15.223 1.00 16.16 ? 107 MET B C   1 
ATOM   1408 O O   . MET B 1 89 ? -6.938  -2.614  -15.984 1.00 15.01 ? 107 MET B O   1 
ATOM   1409 C CB  . MET B 1 89 ? -9.061  -0.550  -16.707 1.00 17.58 ? 107 MET B CB  1 
ATOM   1410 C CG  . MET B 1 89 ? -10.310 -1.149  -16.097 1.00 22.18 ? 107 MET B CG  1 
ATOM   1411 S SD  . MET B 1 89 ? -11.692 -1.130  -17.270 1.00 32.69 ? 107 MET B SD  1 
ATOM   1412 C CE  . MET B 1 89 ? -11.041 -2.181  -18.567 1.00 29.30 ? 107 MET B CE  1 
ATOM   1413 N N   . PHE B 1 90 ? -7.740  -2.095  -13.945 1.00 14.85 ? 108 PHE B N   1 
ATOM   1414 C CA  . PHE B 1 90 ? -7.281  -3.373  -13.416 1.00 15.47 ? 108 PHE B CA  1 
ATOM   1415 C C   . PHE B 1 90 ? -8.201  -3.882  -12.314 1.00 14.79 ? 108 PHE B C   1 
ATOM   1416 O O   . PHE B 1 90 ? -8.957  -3.129  -11.693 1.00 16.51 ? 108 PHE B O   1 
ATOM   1417 C CB  . PHE B 1 90 ? -5.834  -3.276  -12.908 1.00 15.12 ? 108 PHE B CB  1 
ATOM   1418 C CG  . PHE B 1 90 ? -5.693  -2.491  -11.636 1.00 14.74 ? 108 PHE B CG  1 
ATOM   1419 C CD1 . PHE B 1 90 ? -5.594  -3.146  -10.418 1.00 15.06 ? 108 PHE B CD1 1 
ATOM   1420 C CD2 . PHE B 1 90 ? -5.676  -1.102  -11.651 1.00 14.98 ? 108 PHE B CD2 1 
ATOM   1421 C CE1 . PHE B 1 90 ? -5.470  -2.442  -9.230  1.00 18.16 ? 108 PHE B CE1 1 
ATOM   1422 C CE2 . PHE B 1 90 ? -5.560  -0.391  -10.460 1.00 16.95 ? 108 PHE B CE2 1 
ATOM   1423 C CZ  . PHE B 1 90 ? -5.449  -1.052  -9.258  1.00 19.19 ? 108 PHE B CZ  1 
ATOM   1424 N N   . THR B 1 91 ? -8.106  -5.184  -12.072 1.00 14.85 ? 109 THR B N   1 
ATOM   1425 C CA  . THR B 1 91 ? -8.775  -5.851  -10.970 1.00 13.93 ? 109 THR B CA  1 
ATOM   1426 C C   . THR B 1 91 ? -7.788  -6.795  -10.313 1.00 16.88 ? 109 THR B C   1 
ATOM   1427 O O   . THR B 1 91 ? -7.049  -7.513  -10.996 1.00 16.37 ? 109 THR B O   1 
ATOM   1428 C CB  . THR B 1 91 ? -9.987  -6.643  -11.455 1.00 19.14 ? 109 THR B CB  1 
ATOM   1429 O OG1 . THR B 1 91 ? -10.897 -5.769  -12.123 1.00 25.83 ? 109 THR B OG1 1 
ATOM   1430 C CG2 . THR B 1 91 ? -10.690 -7.298  -10.285 1.00 23.55 ? 109 THR B CG2 1 
ATOM   1431 N N   . ILE B 1 92 ? -7.769  -6.788  -8.987  1.00 16.43 ? 110 ILE B N   1 
ATOM   1432 C CA  . ILE B 1 92 ? -7.031  -7.770  -8.207  1.00 15.53 ? 110 ILE B CA  1 
ATOM   1433 C C   . ILE B 1 92 ? -8.066  -8.591  -7.454  1.00 16.81 ? 110 ILE B C   1 
ATOM   1434 O O   . ILE B 1 92 ? -8.852  -8.045  -6.666  1.00 20.45 ? 110 ILE B O   1 
ATOM   1435 C CB  . ILE B 1 92 ? -6.018  -7.119  -7.251  1.00 16.09 ? 110 ILE B CB  1 
ATOM   1436 C CG1 . ILE B 1 92 ? -4.949  -6.349  -8.021  1.00 17.03 ? 110 ILE B CG1 1 
ATOM   1437 C CG2 . ILE B 1 92 ? -5.350  -8.187  -6.392  1.00 17.55 ? 110 ILE B CG2 1 
ATOM   1438 C CD1 . ILE B 1 92 ? -4.072  -5.454  -7.148  1.00 17.49 ? 110 ILE B CD1 1 
ATOM   1439 N N   . ASP B 1 93 ? -8.093  -9.891  -7.730  1.00 19.80 ? 111 ASP B N   1 
ATOM   1440 C CA  . ASP B 1 93 ? -9.004  -10.830 -7.093  1.00 21.77 ? 111 ASP B CA  1 
ATOM   1441 C C   . ASP B 1 93 ? -8.216  -11.708 -6.132  1.00 20.54 ? 111 ASP B C   1 
ATOM   1442 O O   . ASP B 1 93 ? -7.153  -12.227 -6.483  1.00 22.81 ? 111 ASP B O   1 
ATOM   1443 C CB  . ASP B 1 93 ? -9.716  -11.687 -8.142  1.00 24.68 ? 111 ASP B CB  1 
ATOM   1444 C CG  . ASP B 1 93 ? -10.581 -10.862 -9.080  1.00 31.26 ? 111 ASP B CG  1 
ATOM   1445 O OD1 . ASP B 1 93 ? -11.400 -10.065 -8.577  1.00 38.49 ? 111 ASP B OD1 1 
ATOM   1446 O OD2 . ASP B 1 93 ? -10.442 -11.009 -10.318 1.00 35.94 ? 111 ASP B OD2 1 
ATOM   1447 N N   . ILE B 1 94 ? -8.723  -11.854 -4.914  1.00 20.45 ? 112 ILE B N   1 
ATOM   1448 C CA  . ILE B 1 94 ? -8.057  -12.629 -3.876  1.00 19.09 ? 112 ILE B CA  1 
ATOM   1449 C C   . ILE B 1 94 ? -8.944  -13.816 -3.540  1.00 21.52 ? 112 ILE B C   1 
ATOM   1450 O O   . ILE B 1 94 ? -10.136 -13.644 -3.258  1.00 25.71 ? 112 ILE B O   1 
ATOM   1451 C CB  . ILE B 1 94 ? -7.774  -11.770 -2.625  1.00 21.50 ? 112 ILE B CB  1 
ATOM   1452 C CG1 . ILE B 1 94 ? -6.868  -10.578 -2.969  1.00 21.86 ? 112 ILE B CG1 1 
ATOM   1453 C CG2 . ILE B 1 94 ? -7.153  -12.607 -1.536  1.00 23.23 ? 112 ILE B CG2 1 
ATOM   1454 C CD1 . ILE B 1 94 ? -5.501  -10.947 -3.525  1.00 20.95 ? 112 ILE B CD1 1 
ATOM   1455 N N   . GLY B 1 95 ? -8.369  -15.013 -3.569  1.00 21.63 ? 113 GLY B N   1 
ATOM   1456 C CA  . GLY B 1 95 ? -9.127  -16.231 -3.310  1.00 21.33 ? 113 GLY B CA  1 
ATOM   1457 C C   . GLY B 1 95 ? -9.106  -16.657 -1.858  1.00 26.35 ? 113 GLY B C   1 
ATOM   1458 O O   . GLY B 1 95 ? -9.107  -15.823 -0.952  1.00 27.07 ? 113 GLY B O   1 
HETATM 1459 C C1  . EDO C 2 .  ? 2.986   -1.987  22.539  1.00 25.96 ? 201 EDO A C1  1 
HETATM 1460 O O1  . EDO C 2 .  ? 3.406   -3.189  21.890  1.00 30.79 ? 201 EDO A O1  1 
HETATM 1461 C C2  . EDO C 2 .  ? 3.283   -0.788  21.654  1.00 23.60 ? 201 EDO A C2  1 
HETATM 1462 O O2  . EDO C 2 .  ? 4.694   -0.564  21.628  1.00 23.42 ? 201 EDO A O2  1 
HETATM 1463 C C1  . EDO D 2 .  ? 3.568   -8.489  5.550   1.00 15.29 ? 201 EDO B C1  1 
HETATM 1464 O O1  . EDO D 2 .  ? 4.529   -8.195  4.565   1.00 24.09 ? 201 EDO B O1  1 
HETATM 1465 C C2  . EDO D 2 .  ? 2.498   -7.487  5.843   1.00 20.93 ? 201 EDO B C2  1 
HETATM 1466 O O2  . EDO D 2 .  ? 1.516   -8.155  6.624   1.00 20.75 ? 201 EDO B O2  1 
HETATM 1467 O O   . HOH E 3 .  ? -2.275  -6.245  13.919  1.00 28.03 ? 301 HOH A O   1 
HETATM 1468 O O   . HOH E 3 .  ? 8.465   12.062  21.607  1.00 22.46 ? 302 HOH A O   1 
HETATM 1469 O O   . HOH E 3 .  ? 12.187  4.386   7.054   1.00 29.35 ? 303 HOH A O   1 
HETATM 1470 O O   . HOH E 3 .  ? 11.234  10.910  19.637  1.00 21.53 ? 304 HOH A O   1 
HETATM 1471 O O   . HOH E 3 .  ? 5.878   13.076  21.777  1.00 25.04 ? 305 HOH A O   1 
HETATM 1472 O O   . HOH E 3 .  ? 4.737   10.761  22.538  1.00 27.64 ? 306 HOH A O   1 
HETATM 1473 O O   . HOH E 3 .  ? 6.843   -0.814  6.704   1.00 20.80 ? 307 HOH A O   1 
HETATM 1474 O O   . HOH E 3 .  ? -1.156  14.639  19.346  1.00 28.84 ? 308 HOH A O   1 
HETATM 1475 O O   . HOH E 3 .  ? -10.324 -4.105  17.209  1.00 30.17 ? 309 HOH A O   1 
HETATM 1476 O O   . HOH E 3 .  ? 11.450  9.233   17.830  1.00 26.04 ? 310 HOH A O   1 
HETATM 1477 O O   . HOH E 3 .  ? 6.335   13.603  10.462  1.00 27.63 ? 311 HOH A O   1 
HETATM 1478 O O   . HOH E 3 .  ? 2.014   -5.209  7.623   1.00 16.78 ? 312 HOH A O   1 
HETATM 1479 O O   . HOH E 3 .  ? 6.102   0.771   3.836   1.00 30.36 ? 313 HOH A O   1 
HETATM 1480 O O   . HOH E 3 .  ? 4.680   15.242  11.754  1.00 31.81 ? 314 HOH A O   1 
HETATM 1481 O O   . HOH E 3 .  ? -9.339  9.478   -1.381  1.00 28.08 ? 315 HOH A O   1 
HETATM 1482 O O   . HOH E 3 .  ? -2.702  4.829   4.430   1.00 24.27 ? 316 HOH A O   1 
HETATM 1483 O O   . HOH E 3 .  ? -4.439  -9.428  8.382   1.00 31.02 ? 317 HOH A O   1 
HETATM 1484 O O   . HOH E 3 .  ? 9.127   5.812   1.912   1.00 30.53 ? 318 HOH A O   1 
HETATM 1485 O O   . HOH E 3 .  ? -6.911  9.304   4.834   1.00 31.81 ? 319 HOH A O   1 
HETATM 1486 O O   . HOH E 3 .  ? 9.872   5.339   24.263  1.00 28.21 ? 320 HOH A O   1 
HETATM 1487 O O   . HOH E 3 .  ? 9.454   17.625  17.243  1.00 29.21 ? 321 HOH A O   1 
HETATM 1488 O O   . HOH E 3 .  ? -14.936 -7.485  14.998  1.00 23.71 ? 322 HOH A O   1 
HETATM 1489 O O   . HOH E 3 .  ? 8.822   16.199  15.430  1.00 23.47 ? 323 HOH A O   1 
HETATM 1490 O O   . HOH F 3 .  ? 4.258   6.630   -6.736  1.00 29.16 ? 301 HOH B O   1 
HETATM 1491 O O   . HOH F 3 .  ? 1.970   -15.459 9.268   1.00 23.37 ? 302 HOH B O   1 
HETATM 1492 O O   . HOH F 3 .  ? 8.386   -4.443  -15.345 1.00 25.86 ? 303 HOH B O   1 
HETATM 1493 O O   . HOH F 3 .  ? 0.750   -9.545  -20.171 1.00 19.57 ? 304 HOH B O   1 
HETATM 1494 O O   . HOH F 3 .  ? -2.468  8.281   -9.877  1.00 24.84 ? 305 HOH B O   1 
HETATM 1495 O O   . HOH F 3 .  ? 13.983  -12.018 1.730   1.00 15.73 ? 306 HOH B O   1 
HETATM 1496 O O   . HOH F 3 .  ? 1.205   8.975   -11.127 1.00 26.51 ? 307 HOH B O   1 
HETATM 1497 O O   . HOH F 3 .  ? 4.240   -16.776 -5.364  1.00 24.19 ? 308 HOH B O   1 
HETATM 1498 O O   . HOH F 3 .  ? 6.246   -9.851  5.868   1.00 23.94 ? 309 HOH B O   1 
HETATM 1499 O O   . HOH F 3 .  ? 5.251   -16.564 -10.147 1.00 27.13 ? 310 HOH B O   1 
HETATM 1500 O O   . HOH F 3 .  ? 6.239   -1.811  -12.309 1.00 22.61 ? 311 HOH B O   1 
HETATM 1501 O O   . HOH F 3 .  ? 6.049   -12.601 5.778   0.50 21.93 ? 312 HOH B O   1 
HETATM 1502 O O   . HOH F 3 .  ? 7.066   -6.563  -1.768  1.00 25.35 ? 313 HOH B O   1 
HETATM 1503 O O   . HOH F 3 .  ? -8.045  -4.954  -0.811  1.00 22.73 ? 314 HOH B O   1 
HETATM 1504 O O   . HOH F 3 .  ? 6.121   -4.988  -7.079  1.00 18.98 ? 315 HOH B O   1 
HETATM 1505 O O   . HOH F 3 .  ? 5.256   -6.203  0.479   1.00 32.49 ? 316 HOH B O   1 
HETATM 1506 O O   . HOH F 3 .  ? -2.351  1.360   -2.614  1.00 29.59 ? 317 HOH B O   1 
HETATM 1507 O O   . HOH F 3 .  ? -7.230  -19.054 -2.740  1.00 24.86 ? 318 HOH B O   1 
HETATM 1508 O O   . HOH F 3 .  ? 12.646  -7.733  -5.839  1.00 19.36 ? 319 HOH B O   1 
HETATM 1509 O O   . HOH F 3 .  ? 2.144   -18.926 -8.443  1.00 25.42 ? 320 HOH B O   1 
HETATM 1510 O O   . HOH F 3 .  ? -5.145  7.684   -10.437 1.00 18.43 ? 321 HOH B O   1 
HETATM 1511 O O   . HOH F 3 .  ? -9.213  -4.624  -7.604  1.00 25.96 ? 322 HOH B O   1 
HETATM 1512 O O   . HOH F 3 .  ? -3.451  -0.721  -2.029  1.00 21.82 ? 323 HOH B O   1 
HETATM 1513 O O   . HOH F 3 .  ? 5.989   7.197   -8.296  1.00 26.95 ? 324 HOH B O   1 
HETATM 1514 O O   . HOH F 3 .  ? -1.080  3.936   -5.649  1.00 30.07 ? 325 HOH B O   1 
HETATM 1515 O O   . HOH F 3 .  ? 7.092   -12.850 -15.038 1.00 22.98 ? 326 HOH B O   1 
HETATM 1516 O O   . HOH F 3 .  ? -8.963  -4.806  -16.781 1.00 27.60 ? 327 HOH B O   1 
HETATM 1517 O O   . HOH F 3 .  ? -10.292 -4.673  -14.952 1.00 28.64 ? 328 HOH B O   1 
HETATM 1518 O O   . HOH F 3 .  ? -5.772  -14.924 2.599   1.00 26.78 ? 329 HOH B O   1 
HETATM 1519 O O   . HOH F 3 .  ? -1.153  -12.972 6.564   1.00 25.22 ? 330 HOH B O   1 
HETATM 1520 O O   . HOH F 3 .  ? 8.072   -3.031  -7.794  1.00 28.20 ? 331 HOH B O   1 
HETATM 1521 O O   . HOH F 3 .  ? 4.201   -17.158 -7.860  1.00 27.00 ? 332 HOH B O   1 
# 
